data_5IWM
#
_entry.id   5IWM
#
_cell.length_a   93.785
_cell.length_b   93.785
_cell.length_c   413.350
_cell.angle_alpha   90.00
_cell.angle_beta   90.00
_cell.angle_gamma   120.00
#
_symmetry.space_group_name_H-M   'P 61'
#
loop_
_entity.id
_entity.type
_entity.pdbx_description
1 polymer 'DNA gyrase subunit B,DNA gyrase subunit B'
2 polymer 'DNA gyrase subunit A'
3 polymer "DNA (5'-D(*AP*GP*CP*CP*GP*TP*AP*GP*GP*TP*TP*CP*AP*CP*CP*GP*CP*AP*CP*A)-3')"
4 polymer "DNA (5'-D(*TP*GP*TP*GP*CP*GP*GP*TP*GP*AP*AP*CP*CP*TP*AP*CP*GP*GP*CP*T)-3')"
5 non-polymer 'MANGANESE (II) ION'
6 non-polymer GLYCEROL
7 non-polymer (1R)-1-[(4-{[(6,7-dihydro[1,4]dioxino[2,3-c]pyridazin-3-yl)methyl]amino}piperidin-1-yl)methyl]-9-fluoro-1,2-dihydro-4H-pyrrolo[3,2,1-ij]quinolin-4-one
8 water water
#
loop_
_entity_poly.entity_id
_entity_poly.type
_entity_poly.pdbx_seq_one_letter_code
_entity_poly.pdbx_strand_id
1 'polypeptide(L)'
;MDVASLPGKLADCSSKSPEECEIFLVEGDSAGGSTKSGRDSRTQAILPLRGKILNVEKARLDRILNNNEIRQMITAFGTG
IGGDFDLAKARYHKIVIMTDADVDGAHIRTLLLTFFYRFMRPLIEAGYVYIAQPPTGYKGLGEMNADQLWETTMNPEHRA
LLQVKLEDAIEADQTFEMLMGDVVENRRQFIEDNAVYANLDF
;
B,D
2 'polypeptide(L)'
;AELPQSRINERNITSEMRESFLDYAMSVIVARALPDVRDGLKPVHRRILYGLNEQGMTPDKSYKKSARIVGDVMGKYHPH
GDSSIYEAMVRMAQDFSYRYPLVDGQGNFGSMDGDGAAAMRFTEARMTKITLELLRDINKDTIDFIDNYDGNEREPSVLP
ARFPNLLANGASGIAVGMATNIPPHNLTELINGVLSLSKNPDISIAELMEDIEGPDFPTAGLILGKSGIRRAYETGRGSI
QMRSRAVIEERGGGRQRIVVTEIPFQVNKARMIEKIAELVRDKKIDGITDLRDETSLRTGVRVVIDVRKDANASVILNNL
YKQTPLQTSFGVNMIALVNGRPKLINLKEALVHYLEHQKTVVRRRTQYNLRKAKDRAHILEGLRIALDHIDEIISTIRES
DTDKVAMESLQQRFKLSEKQAQAILDMRLRRLTGLERDKIEAEYNELLNYISELETILADEEVLLQLVRDELTEIRDRFG
DDRRTEIQLG
;
A,C
3 'polydeoxyribonucleotide' (DA)(DG)(DC)(DC)(DG)(DT)(DA)(DG)(DG)(DT)(DT)(DC)(DA)(DC)(DC)(DG)(DC)(DA)(DC)(DA) E
4 'polydeoxyribonucleotide' (DT)(DG)(DT)(DG)(DC)(DG)(DG)(DT)(DG)(DA)(DA)(DC)(DC)(DT)(DA)(DC)(DG)(DG)(DC)(DT) F
#
# COMPACT_ATOMS: atom_id res chain seq x y z
N LYS A 9 -18.37 -19.83 9.32
CA LYS A 9 -18.23 -18.33 9.18
C LYS A 9 -19.36 -17.54 9.84
N LEU A 10 -20.50 -18.21 10.05
CA LEU A 10 -21.68 -17.58 10.65
C LEU A 10 -21.48 -17.19 12.13
N ALA A 11 -21.85 -15.95 12.47
CA ALA A 11 -21.76 -15.44 13.84
C ALA A 11 -23.19 -15.29 14.32
N ASP A 12 -23.73 -16.33 14.95
CA ASP A 12 -25.10 -16.33 15.42
C ASP A 12 -25.40 -15.53 16.67
N CYS A 13 -26.68 -15.41 16.93
CA CYS A 13 -27.15 -14.69 18.10
C CYS A 13 -27.58 -15.65 19.21
N SER A 14 -27.84 -15.09 20.40
CA SER A 14 -28.23 -15.86 21.58
C SER A 14 -29.61 -16.51 21.48
N SER A 15 -30.62 -15.70 21.18
CA SER A 15 -32.00 -16.16 21.09
C SER A 15 -32.21 -17.19 19.99
N LYS A 16 -33.19 -18.06 20.19
CA LYS A 16 -33.50 -19.06 19.20
C LYS A 16 -34.93 -18.94 18.71
N SER A 17 -35.55 -17.81 19.06
CA SER A 17 -36.90 -17.46 18.64
C SER A 17 -36.77 -16.73 17.30
N PRO A 18 -37.15 -17.44 16.17
CA PRO A 18 -36.96 -16.71 14.91
C PRO A 18 -37.77 -15.46 14.67
N GLU A 19 -38.90 -15.28 15.34
CA GLU A 19 -39.68 -14.08 15.12
C GLU A 19 -38.92 -12.81 15.48
N GLU A 20 -38.15 -12.83 16.56
CA GLU A 20 -37.39 -11.65 16.95
C GLU A 20 -35.93 -11.64 16.47
N CYS A 21 -35.48 -12.70 15.83
CA CYS A 21 -34.12 -12.81 15.36
C CYS A 21 -33.91 -12.27 13.95
N GLU A 22 -32.70 -11.79 13.68
CA GLU A 22 -32.41 -11.24 12.36
C GLU A 22 -30.97 -11.54 11.95
N ILE A 23 -30.76 -11.71 10.65
CA ILE A 23 -29.42 -12.03 10.13
C ILE A 23 -28.96 -11.00 9.09
N PHE A 24 -27.78 -10.43 9.32
CA PHE A 24 -27.19 -9.45 8.42
C PHE A 24 -26.16 -10.07 7.50
N LEU A 25 -26.29 -9.75 6.22
CA LEU A 25 -25.38 -10.22 5.18
C LEU A 25 -24.42 -9.11 4.73
N VAL A 26 -23.12 -9.32 4.96
CA VAL A 26 -22.10 -8.34 4.58
C VAL A 26 -21.09 -8.91 3.58
N GLU A 27 -20.37 -8.03 2.87
CA GLU A 27 -19.42 -8.45 1.80
C GLU A 27 -18.23 -9.30 2.29
N GLY A 28 -17.78 -9.07 3.53
CA GLY A 28 -16.64 -9.82 4.07
C GLY A 28 -16.30 -9.49 5.51
N ASP A 29 -15.08 -9.82 5.90
CA ASP A 29 -14.58 -9.61 7.27
C ASP A 29 -14.31 -8.15 7.62
N SER A 30 -13.89 -7.37 6.63
CA SER A 30 -13.63 -5.96 6.89
C SER A 30 -14.92 -5.26 7.28
N ALA A 31 -16.01 -5.69 6.65
CA ALA A 31 -17.34 -5.15 6.94
C ALA A 31 -17.95 -5.90 8.12
N GLY A 32 -17.66 -7.19 8.20
CA GLY A 32 -18.15 -8.04 9.27
C GLY A 32 -17.64 -7.66 10.65
N GLY A 33 -16.41 -7.13 10.68
CA GLY A 33 -15.75 -6.70 11.92
C GLY A 33 -16.47 -5.56 12.62
N SER A 34 -16.75 -4.49 11.87
CA SER A 34 -17.51 -3.35 12.38
C SER A 34 -18.94 -3.77 12.74
N THR A 35 -19.48 -4.72 11.98
CA THR A 35 -20.84 -5.21 12.18
C THR A 35 -20.97 -6.02 13.48
N LYS A 36 -20.01 -6.91 13.71
CA LYS A 36 -20.00 -7.73 14.93
C LYS A 36 -19.78 -6.88 16.19
N SER A 37 -18.97 -5.84 16.09
CA SER A 37 -18.67 -4.96 17.22
C SER A 37 -19.80 -3.99 17.57
N GLY A 38 -20.65 -3.67 16.61
CA GLY A 38 -21.73 -2.74 16.86
C GLY A 38 -23.12 -3.34 17.04
N ARG A 39 -23.25 -4.62 16.73
CA ARG A 39 -24.52 -5.35 16.81
C ARG A 39 -24.99 -5.69 18.22
N ASP A 40 -26.26 -6.06 18.31
CA ASP A 40 -26.83 -6.53 19.56
C ASP A 40 -26.74 -8.04 19.38
N SER A 41 -25.80 -8.68 20.05
CA SER A 41 -25.61 -10.13 19.90
C SER A 41 -26.76 -11.01 20.41
N ARG A 42 -27.80 -10.42 20.98
CA ARG A 42 -28.92 -11.19 21.49
C ARG A 42 -29.85 -11.62 20.36
N THR A 43 -30.11 -10.72 19.41
CA THR A 43 -31.05 -11.00 18.31
C THR A 43 -30.52 -10.76 16.89
N GLN A 44 -29.26 -10.39 16.76
CA GLN A 44 -28.67 -10.08 15.44
C GLN A 44 -27.52 -11.01 15.06
N ALA A 45 -27.78 -11.84 14.05
CA ALA A 45 -26.78 -12.76 13.54
C ALA A 45 -26.05 -12.11 12.37
N ILE A 46 -24.83 -12.56 12.11
CA ILE A 46 -24.00 -11.98 11.05
C ILE A 46 -23.38 -13.07 10.18
N LEU A 47 -23.55 -12.92 8.87
CA LEU A 47 -22.96 -13.83 7.91
C LEU A 47 -22.11 -13.06 6.89
N PRO A 48 -20.79 -13.00 7.12
CA PRO A 48 -19.94 -12.37 6.11
C PRO A 48 -19.72 -13.31 4.93
N LEU A 49 -19.94 -12.81 3.71
CA LEU A 49 -19.72 -13.56 2.47
C LEU A 49 -18.29 -13.33 1.96
N ARG A 50 -18.06 -13.53 0.66
CA ARG A 50 -16.72 -13.40 0.07
C ARG A 50 -16.72 -12.55 -1.20
N GLY A 51 -17.35 -11.38 -1.15
CA GLY A 51 -17.41 -10.48 -2.30
C GLY A 51 -18.51 -10.81 -3.26
N LYS A 52 -18.20 -10.78 -4.56
CA LYS A 52 -19.20 -11.05 -5.60
C LYS A 52 -19.62 -12.51 -5.55
N ILE A 53 -20.91 -12.72 -5.38
CA ILE A 53 -21.47 -14.06 -5.34
C ILE A 53 -21.98 -14.48 -6.73
N LEU A 54 -21.94 -15.77 -6.98
CA LEU A 54 -22.39 -16.40 -8.22
C LEU A 54 -23.77 -15.91 -8.70
N ASN A 55 -23.88 -15.64 -10.00
CA ASN A 55 -25.15 -15.24 -10.59
C ASN A 55 -25.92 -16.51 -10.96
N VAL A 56 -26.90 -16.86 -10.13
CA VAL A 56 -27.69 -18.08 -10.32
C VAL A 56 -28.43 -18.17 -11.65
N GLU A 57 -28.76 -17.02 -12.22
CA GLU A 57 -29.42 -16.96 -13.53
C GLU A 57 -28.55 -17.51 -14.66
N LYS A 58 -27.23 -17.40 -14.52
CA LYS A 58 -26.31 -17.89 -15.55
C LYS A 58 -25.66 -19.23 -15.21
N ALA A 59 -25.88 -19.72 -13.99
CA ALA A 59 -25.28 -20.97 -13.56
C ALA A 59 -26.27 -22.12 -13.44
N ARG A 60 -25.76 -23.33 -13.66
CA ARG A 60 -26.57 -24.55 -13.54
C ARG A 60 -26.51 -25.04 -12.10
N LEU A 61 -27.53 -25.82 -11.71
CA LEU A 61 -27.69 -26.31 -10.34
C LEU A 61 -26.44 -26.92 -9.69
N ASP A 62 -25.71 -27.79 -10.40
CA ASP A 62 -24.49 -28.40 -9.86
C ASP A 62 -23.50 -27.32 -9.37
N ARG A 63 -23.38 -26.26 -10.16
CA ARG A 63 -22.50 -25.14 -9.89
C ARG A 63 -22.99 -24.36 -8.66
N ILE A 64 -24.31 -24.22 -8.54
CA ILE A 64 -24.96 -23.48 -7.46
C ILE A 64 -24.86 -24.19 -6.09
N LEU A 65 -25.24 -25.46 -6.06
CA LEU A 65 -25.21 -26.25 -4.84
C LEU A 65 -23.81 -26.47 -4.28
N ASN A 66 -22.79 -26.24 -5.11
CA ASN A 66 -21.40 -26.44 -4.69
C ASN A 66 -20.64 -25.15 -4.34
N ASN A 67 -21.31 -24.01 -4.44
CA ASN A 67 -20.70 -22.73 -4.09
C ASN A 67 -20.84 -22.50 -2.57
N ASN A 68 -19.69 -22.31 -1.91
CA ASN A 68 -19.61 -22.13 -0.45
C ASN A 68 -20.58 -21.12 0.16
N GLU A 69 -20.69 -19.93 -0.45
CA GLU A 69 -21.56 -18.89 0.09
C GLU A 69 -23.05 -19.20 -0.01
N ILE A 70 -23.43 -19.89 -1.08
CA ILE A 70 -24.82 -20.33 -1.27
C ILE A 70 -25.18 -21.33 -0.18
N ARG A 71 -24.27 -22.28 0.07
CA ARG A 71 -24.47 -23.34 1.06
C ARG A 71 -24.63 -22.81 2.49
N GLN A 72 -23.81 -21.83 2.85
CA GLN A 72 -23.87 -21.22 4.17
C GLN A 72 -25.15 -20.44 4.38
N MET A 73 -25.63 -19.76 3.34
CA MET A 73 -26.87 -19.01 3.45
C MET A 73 -28.06 -19.95 3.66
N ILE A 74 -28.08 -21.04 2.88
CA ILE A 74 -29.10 -22.08 2.98
C ILE A 74 -29.08 -22.73 4.37
N THR A 75 -27.87 -23.06 4.85
CA THR A 75 -27.67 -23.67 6.16
C THR A 75 -28.08 -22.71 7.28
N ALA A 76 -27.73 -21.45 7.12
CA ALA A 76 -28.06 -20.43 8.09
C ALA A 76 -29.55 -20.14 8.20
N PHE A 77 -30.24 -20.00 7.08
CA PHE A 77 -31.67 -19.75 7.10
C PHE A 77 -32.49 -20.93 7.62
N GLY A 78 -32.10 -22.13 7.22
CA GLY A 78 -32.76 -23.36 7.60
C GLY A 78 -34.12 -23.59 6.98
N THR A 79 -34.30 -23.08 5.78
CA THR A 79 -35.58 -23.21 5.09
C THR A 79 -35.59 -24.21 3.94
N GLY A 80 -34.40 -24.53 3.42
CA GLY A 80 -34.30 -25.42 2.25
C GLY A 80 -34.57 -24.58 1.01
N ILE A 81 -34.50 -25.23 -0.16
CA ILE A 81 -34.68 -24.51 -1.44
C ILE A 81 -35.70 -25.14 -2.40
N GLY A 82 -36.18 -24.33 -3.35
CA GLY A 82 -37.13 -24.77 -4.37
C GLY A 82 -38.45 -25.29 -3.80
N GLY A 83 -38.79 -26.52 -4.19
CA GLY A 83 -40.01 -27.17 -3.74
C GLY A 83 -39.97 -27.64 -2.29
N ASP A 84 -38.76 -27.79 -1.76
CA ASP A 84 -38.57 -28.23 -0.37
C ASP A 84 -38.56 -27.07 0.62
N PHE A 85 -38.68 -25.84 0.10
CA PHE A 85 -38.68 -24.64 0.92
C PHE A 85 -39.84 -24.64 1.92
N ASP A 86 -39.49 -24.60 3.21
CA ASP A 86 -40.48 -24.55 4.28
C ASP A 86 -40.23 -23.30 5.11
N LEU A 87 -41.16 -22.35 4.99
CA LEU A 87 -41.09 -21.07 5.68
C LEU A 87 -41.13 -21.23 7.20
N ALA A 88 -41.83 -22.24 7.67
CA ALA A 88 -41.97 -22.49 9.11
C ALA A 88 -40.64 -22.89 9.78
N LYS A 89 -39.68 -23.25 8.96
CA LYS A 89 -38.37 -23.61 9.46
C LYS A 89 -37.32 -22.50 9.44
N ALA A 90 -37.69 -21.27 9.11
CA ALA A 90 -36.76 -20.15 9.10
C ALA A 90 -36.18 -19.82 10.47
N ARG A 91 -34.89 -19.57 10.54
CA ARG A 91 -34.23 -19.22 11.78
C ARG A 91 -34.24 -17.72 12.08
N TYR A 92 -34.54 -16.93 11.06
CA TYR A 92 -34.64 -15.49 11.22
C TYR A 92 -35.83 -15.05 10.42
N HIS A 93 -36.48 -13.99 10.88
CA HIS A 93 -37.62 -13.46 10.18
C HIS A 93 -37.18 -12.22 9.47
N LYS A 94 -35.95 -11.78 9.72
CA LYS A 94 -35.38 -10.66 9.00
C LYS A 94 -34.02 -10.98 8.40
N ILE A 95 -34.01 -11.21 7.09
CA ILE A 95 -32.79 -11.45 6.35
C ILE A 95 -32.44 -10.08 5.76
N VAL A 96 -31.39 -9.46 6.31
CA VAL A 96 -31.04 -8.11 5.91
C VAL A 96 -29.80 -8.09 5.00
N ILE A 97 -29.97 -7.53 3.81
CA ILE A 97 -28.87 -7.35 2.86
C ILE A 97 -28.20 -6.02 3.22
N MET A 98 -26.95 -6.10 3.67
CA MET A 98 -26.21 -4.92 4.06
C MET A 98 -24.83 -4.90 3.39
N THR A 99 -24.83 -4.68 2.09
CA THR A 99 -23.60 -4.59 1.31
C THR A 99 -23.06 -3.17 1.40
N ASP A 100 -21.82 -2.97 0.97
CA ASP A 100 -21.21 -1.64 1.02
C ASP A 100 -21.94 -0.60 0.17
N ALA A 101 -21.80 0.65 0.56
CA ALA A 101 -22.46 1.75 -0.15
C ALA A 101 -21.67 2.24 -1.35
N ASP A 102 -21.52 1.38 -2.34
CA ASP A 102 -20.83 1.70 -3.56
C ASP A 102 -21.49 0.93 -4.69
N VAL A 103 -21.11 1.21 -5.93
CA VAL A 103 -21.70 0.56 -7.10
C VAL A 103 -21.49 -0.98 -7.14
N ASP A 104 -20.41 -1.46 -6.54
CA ASP A 104 -20.15 -2.90 -6.50
C ASP A 104 -21.00 -3.54 -5.41
N GLY A 105 -21.36 -2.76 -4.39
CA GLY A 105 -22.24 -3.22 -3.33
C GLY A 105 -23.66 -3.35 -3.85
N ALA A 106 -24.02 -2.44 -4.76
CA ALA A 106 -25.35 -2.47 -5.39
C ALA A 106 -25.46 -3.73 -6.25
N HIS A 107 -24.36 -4.07 -6.92
CA HIS A 107 -24.28 -5.26 -7.78
C HIS A 107 -24.39 -6.56 -6.99
N ILE A 108 -23.80 -6.60 -5.78
CA ILE A 108 -23.90 -7.81 -4.94
C ILE A 108 -25.33 -7.96 -4.41
N ARG A 109 -26.01 -6.83 -4.22
CA ARG A 109 -27.39 -6.85 -3.77
C ARG A 109 -28.28 -7.47 -4.85
N THR A 110 -28.02 -7.12 -6.12
CA THR A 110 -28.77 -7.67 -7.24
C THR A 110 -28.50 -9.18 -7.38
N LEU A 111 -27.26 -9.59 -7.12
CA LEU A 111 -26.86 -10.99 -7.20
C LEU A 111 -27.49 -11.81 -6.06
N LEU A 112 -27.64 -11.20 -4.89
CA LEU A 112 -28.30 -11.86 -3.76
C LEU A 112 -29.81 -11.99 -3.98
N LEU A 113 -30.45 -10.90 -4.41
CA LEU A 113 -31.88 -10.90 -4.70
C LEU A 113 -32.22 -11.93 -5.77
N THR A 114 -31.36 -12.01 -6.79
CA THR A 114 -31.52 -12.99 -7.86
C THR A 114 -31.60 -14.36 -7.21
N PHE A 115 -30.64 -14.70 -6.35
CA PHE A 115 -30.63 -15.99 -5.66
C PHE A 115 -31.89 -16.22 -4.81
N PHE A 116 -32.28 -15.22 -4.01
CA PHE A 116 -33.46 -15.34 -3.16
C PHE A 116 -34.74 -15.55 -3.97
N TYR A 117 -34.84 -14.89 -5.13
CA TYR A 117 -36.02 -15.02 -5.98
C TYR A 117 -36.17 -16.40 -6.66
N ARG A 118 -35.07 -16.92 -7.20
CA ARG A 118 -35.09 -18.22 -7.89
C ARG A 118 -35.12 -19.45 -6.99
N PHE A 119 -34.70 -19.29 -5.73
CA PHE A 119 -34.65 -20.43 -4.81
C PHE A 119 -35.40 -20.26 -3.49
N MET A 120 -35.71 -19.03 -3.11
CA MET A 120 -36.40 -18.78 -1.83
C MET A 120 -37.48 -17.71 -1.99
N ARG A 121 -38.17 -17.76 -3.13
CA ARG A 121 -39.24 -16.83 -3.46
C ARG A 121 -40.33 -16.62 -2.36
N PRO A 122 -40.78 -17.70 -1.68
CA PRO A 122 -41.78 -17.48 -0.63
C PRO A 122 -41.25 -16.66 0.55
N LEU A 123 -39.94 -16.70 0.74
CA LEU A 123 -39.29 -15.93 1.80
C LEU A 123 -39.50 -14.43 1.57
N ILE A 124 -39.48 -14.02 0.31
CA ILE A 124 -39.70 -12.64 -0.06
C ILE A 124 -41.18 -12.29 0.11
N GLU A 125 -42.05 -13.18 -0.39
CA GLU A 125 -43.51 -13.00 -0.34
C GLU A 125 -44.06 -12.82 1.08
N ALA A 126 -43.34 -13.39 2.04
CA ALA A 126 -43.71 -13.28 3.45
C ALA A 126 -43.19 -11.97 4.06
N GLY A 127 -42.35 -11.25 3.31
CA GLY A 127 -41.78 -9.99 3.77
C GLY A 127 -40.62 -10.18 4.74
N TYR A 128 -39.89 -11.29 4.57
CA TYR A 128 -38.76 -11.62 5.43
C TYR A 128 -37.43 -11.05 4.94
N VAL A 129 -37.38 -10.59 3.69
CA VAL A 129 -36.13 -10.03 3.13
C VAL A 129 -36.13 -8.50 3.13
N TYR A 130 -35.09 -7.94 3.75
CA TYR A 130 -34.93 -6.49 3.92
C TYR A 130 -33.64 -5.93 3.31
N ILE A 131 -33.61 -4.62 3.14
CA ILE A 131 -32.45 -3.92 2.61
C ILE A 131 -31.99 -2.79 3.52
N ALA A 132 -30.79 -2.94 4.07
CA ALA A 132 -30.20 -1.95 4.94
C ALA A 132 -29.83 -0.71 4.13
N GLN A 133 -29.70 0.42 4.83
CA GLN A 133 -29.34 1.64 4.13
C GLN A 133 -28.14 2.33 4.80
N PRO A 134 -26.93 1.67 4.65
CA PRO A 134 -25.80 2.37 5.29
C PRO A 134 -25.48 3.69 4.63
N PRO A 135 -24.92 4.66 5.44
CA PRO A 135 -24.67 5.95 4.77
C PRO A 135 -23.57 5.97 3.72
N THR A 136 -23.76 6.79 2.70
CA THR A 136 -22.79 6.95 1.64
C THR A 136 -21.62 7.76 2.15
N GLY A 137 -20.52 7.76 1.42
CA GLY A 137 -19.34 8.51 1.84
C GLY A 137 -18.32 7.56 2.42
N TYR A 138 -18.61 6.26 2.35
CA TYR A 138 -17.72 5.22 2.86
C TYR A 138 -17.50 4.16 1.79
N LYS A 139 -16.25 3.75 1.60
CA LYS A 139 -15.93 2.74 0.62
C LYS A 139 -16.45 1.37 1.05
N GLY A 140 -16.50 1.17 2.36
CA GLY A 140 -16.96 -0.08 2.93
C GLY A 140 -17.40 0.15 4.38
N LEU A 141 -18.02 -0.86 4.97
CA LEU A 141 -18.46 -0.80 6.36
C LEU A 141 -17.27 -0.74 7.32
N GLY A 142 -16.16 -1.32 6.90
CA GLY A 142 -14.94 -1.38 7.67
C GLY A 142 -14.36 -0.01 7.94
N GLU A 143 -14.79 0.95 7.13
CA GLU A 143 -14.34 2.33 7.27
C GLU A 143 -15.09 3.08 8.39
N MET A 144 -16.22 2.53 8.83
CA MET A 144 -17.02 3.15 9.87
C MET A 144 -16.66 2.57 11.22
N ASN A 145 -16.92 3.36 12.26
CA ASN A 145 -16.70 2.93 13.63
C ASN A 145 -17.93 2.13 14.03
N ALA A 146 -17.75 1.14 14.90
CA ALA A 146 -18.85 0.25 15.32
C ALA A 146 -20.12 0.97 15.78
N ASP A 147 -19.96 2.05 16.55
CA ASP A 147 -21.10 2.82 17.04
C ASP A 147 -21.86 3.53 15.93
N GLN A 148 -21.08 4.07 15.00
CA GLN A 148 -21.68 4.81 13.83
CA GLN A 148 -21.70 4.67 13.80
C GLN A 148 -22.61 3.84 12.82
N LEU A 149 -22.07 2.63 12.82
CA LEU A 149 -22.78 1.61 12.04
C LEU A 149 -24.05 1.17 12.75
N TRP A 150 -23.96 1.04 14.07
CA TRP A 150 -25.08 0.64 14.89
C TRP A 150 -26.20 1.68 14.90
N GLU A 151 -25.85 2.92 15.23
CA GLU A 151 -26.83 4.00 15.30
C GLU A 151 -27.55 4.42 14.03
N THR A 152 -26.87 4.32 12.89
CA THR A 152 -27.46 4.74 11.61
C THR A 152 -28.11 3.62 10.80
N THR A 153 -27.64 2.40 10.96
CA THR A 153 -28.14 1.29 10.16
C THR A 153 -28.65 0.04 10.87
N MET A 154 -28.15 -0.26 12.06
CA MET A 154 -28.54 -1.50 12.74
C MET A 154 -29.52 -1.40 13.92
N ASN A 155 -29.54 -0.26 14.60
CA ASN A 155 -30.41 -0.03 15.75
C ASN A 155 -31.89 0.13 15.36
N PRO A 156 -32.76 -0.86 15.79
CA PRO A 156 -34.16 -0.68 15.37
C PRO A 156 -34.87 0.62 15.74
N GLU A 157 -34.37 1.36 16.71
CA GLU A 157 -34.99 2.64 17.10
C GLU A 157 -34.78 3.79 16.11
N HIS A 158 -33.64 3.74 15.42
CA HIS A 158 -33.25 4.78 14.47
C HIS A 158 -33.11 4.35 13.01
N ARG A 159 -32.78 3.09 12.79
CA ARG A 159 -32.55 2.59 11.44
C ARG A 159 -33.76 2.64 10.52
N ALA A 160 -33.50 2.74 9.23
CA ALA A 160 -34.55 2.71 8.23
C ALA A 160 -34.28 1.49 7.36
N LEU A 161 -35.09 0.45 7.51
CA LEU A 161 -34.90 -0.76 6.73
C LEU A 161 -35.95 -0.83 5.62
N LEU A 162 -35.51 -1.21 4.42
CA LEU A 162 -36.40 -1.33 3.28
C LEU A 162 -36.88 -2.76 3.06
N GLN A 163 -38.16 -2.99 3.31
CA GLN A 163 -38.75 -4.32 3.10
C GLN A 163 -39.00 -4.57 1.60
N VAL A 164 -38.51 -5.70 1.11
CA VAL A 164 -38.65 -6.05 -0.30
C VAL A 164 -40.05 -6.59 -0.59
N LYS A 165 -40.70 -5.98 -1.59
CA LYS A 165 -42.06 -6.36 -1.99
C LYS A 165 -42.13 -6.91 -3.41
N LEU A 166 -42.94 -7.95 -3.57
CA LEU A 166 -43.19 -8.53 -4.86
C LEU A 166 -44.59 -8.12 -5.30
N GLU A 167 -44.68 -7.32 -6.36
CA GLU A 167 -45.94 -6.83 -6.90
C GLU A 167 -46.46 -7.78 -7.97
N ASP A 168 -45.81 -7.74 -9.14
CA ASP A 168 -46.20 -8.56 -10.28
C ASP A 168 -45.14 -9.63 -10.59
N ALA A 169 -45.52 -10.89 -10.38
CA ALA A 169 -44.64 -12.04 -10.62
C ALA A 169 -44.13 -12.12 -12.07
N ILE A 170 -45.03 -11.90 -13.03
CA ILE A 170 -44.70 -11.94 -14.47
C ILE A 170 -43.63 -10.91 -14.84
N GLU A 171 -43.77 -9.71 -14.33
CA GLU A 171 -42.82 -8.64 -14.61
C GLU A 171 -41.51 -8.88 -13.90
N ALA A 172 -41.57 -9.46 -12.73
CA ALA A 172 -40.38 -9.80 -11.96
C ALA A 172 -39.58 -10.91 -12.65
N ASP A 173 -40.29 -11.90 -13.20
CA ASP A 173 -39.67 -12.99 -13.94
C ASP A 173 -38.92 -12.48 -15.16
N GLN A 174 -39.49 -11.46 -15.80
CA GLN A 174 -38.91 -10.86 -16.99
C GLN A 174 -37.71 -9.99 -16.66
N THR A 175 -37.79 -9.27 -15.56
CA THR A 175 -36.74 -8.38 -15.08
C THR A 175 -35.50 -9.18 -14.68
N PHE A 176 -35.69 -10.32 -14.03
CA PHE A 176 -34.57 -11.17 -13.64
C PHE A 176 -33.92 -11.84 -14.86
N GLU A 177 -34.72 -12.10 -15.89
CA GLU A 177 -34.21 -12.68 -17.15
C GLU A 177 -33.41 -11.67 -17.96
N MET A 178 -33.97 -10.50 -18.14
CA MET A 178 -33.38 -9.44 -18.88
C MET A 178 -32.04 -8.96 -18.33
N LEU A 179 -31.99 -8.69 -17.04
CA LEU A 179 -30.80 -8.19 -16.41
C LEU A 179 -29.75 -9.19 -16.01
N MET A 180 -30.17 -10.32 -15.48
CA MET A 180 -29.22 -11.29 -15.00
C MET A 180 -28.98 -12.50 -15.91
N GLY A 181 -29.85 -12.68 -16.89
CA GLY A 181 -29.76 -13.80 -17.84
C GLY A 181 -28.60 -13.72 -18.83
N ASP A 182 -28.41 -14.81 -19.57
CA ASP A 182 -27.30 -14.93 -20.52
C ASP A 182 -27.39 -14.12 -21.82
N VAL A 183 -28.60 -13.69 -22.18
CA VAL A 183 -28.78 -12.89 -23.41
C VAL A 183 -28.35 -11.43 -23.23
N VAL A 184 -27.18 -11.11 -23.76
CA VAL A 184 -26.56 -9.79 -23.64
C VAL A 184 -27.35 -8.65 -24.33
N GLU A 185 -27.97 -8.94 -25.46
CA GLU A 185 -28.69 -7.94 -26.23
C GLU A 185 -29.82 -7.23 -25.44
N ASN A 186 -30.66 -8.02 -24.76
CA ASN A 186 -31.76 -7.50 -23.97
C ASN A 186 -31.24 -6.53 -22.89
N ARG A 187 -30.17 -6.97 -22.24
CA ARG A 187 -29.48 -6.19 -21.22
C ARG A 187 -28.85 -4.92 -21.82
N ARG A 188 -28.34 -5.02 -23.04
CA ARG A 188 -27.77 -3.85 -23.71
C ARG A 188 -28.89 -2.89 -24.10
N GLN A 189 -30.02 -3.44 -24.52
CA GLN A 189 -31.18 -2.63 -24.88
C GLN A 189 -31.74 -1.88 -23.66
N PHE A 190 -31.75 -2.52 -22.51
CA PHE A 190 -32.24 -1.90 -21.29
C PHE A 190 -31.39 -0.71 -20.90
N ILE A 191 -30.08 -0.89 -20.95
CA ILE A 191 -29.11 0.16 -20.63
C ILE A 191 -29.32 1.37 -21.53
N GLU A 192 -29.39 1.15 -22.83
CA GLU A 192 -29.59 2.22 -23.80
C GLU A 192 -30.86 3.02 -23.52
N ASP A 193 -31.98 2.32 -23.37
CA ASP A 193 -33.29 2.94 -23.15
C ASP A 193 -33.52 3.62 -21.79
N ASN A 194 -32.62 3.40 -20.83
CA ASN A 194 -32.79 3.95 -19.48
C ASN A 194 -31.61 4.73 -18.91
N ALA A 195 -30.49 4.68 -19.62
CA ALA A 195 -29.30 5.36 -19.14
C ALA A 195 -29.43 6.87 -19.31
N VAL A 196 -29.14 7.58 -18.23
CA VAL A 196 -29.15 9.01 -18.27
C VAL A 196 -27.75 9.40 -17.86
N TYR A 197 -27.00 9.99 -18.79
CA TYR A 197 -25.63 10.41 -18.51
C TYR A 197 -25.54 11.82 -17.96
N ILE B 8 -39.53 5.54 4.59
CA ILE B 8 -38.93 4.71 3.51
C ILE B 8 -39.10 3.27 3.92
N ASN B 9 -40.36 2.88 4.10
CA ASN B 9 -40.71 1.52 4.49
C ASN B 9 -40.58 0.35 3.53
N GLU B 10 -40.94 0.56 2.27
CA GLU B 10 -40.96 -0.51 1.31
C GLU B 10 -40.25 -0.22 0.01
N ARG B 11 -39.90 -1.31 -0.66
CA ARG B 11 -39.21 -1.25 -1.93
C ARG B 11 -39.61 -2.42 -2.83
N ASN B 12 -40.18 -2.08 -3.98
CA ASN B 12 -40.56 -3.09 -4.97
C ASN B 12 -39.31 -3.76 -5.54
N ILE B 13 -39.32 -5.10 -5.56
CA ILE B 13 -38.17 -5.88 -6.01
C ILE B 13 -37.75 -5.55 -7.45
N THR B 14 -38.72 -5.36 -8.33
CA THR B 14 -38.43 -5.02 -9.71
C THR B 14 -37.77 -3.66 -9.82
N SER B 15 -38.29 -2.68 -9.09
CA SER B 15 -37.75 -1.35 -9.12
C SER B 15 -36.34 -1.28 -8.55
N GLU B 16 -36.11 -2.05 -7.51
CA GLU B 16 -34.81 -2.15 -6.90
C GLU B 16 -33.82 -2.79 -7.86
N MET B 17 -34.22 -3.84 -8.55
CA MET B 17 -33.34 -4.51 -9.46
C MET B 17 -32.90 -3.64 -10.64
N ARG B 18 -33.85 -2.93 -11.22
CA ARG B 18 -33.59 -2.05 -12.34
C ARG B 18 -32.72 -0.91 -11.97
N GLU B 19 -33.01 -0.32 -10.83
CA GLU B 19 -32.25 0.94 -10.46
CA GLU B 19 -32.23 0.83 -10.39
C GLU B 19 -30.70 0.64 -9.85
N SER B 20 -30.60 -0.42 -9.06
CA SER B 20 -29.31 -0.94 -8.66
C SER B 20 -28.50 -1.48 -9.82
N PHE B 21 -29.11 -2.22 -10.72
CA PHE B 21 -28.39 -2.75 -11.84
C PHE B 21 -27.88 -1.73 -12.86
N LEU B 22 -28.70 -0.75 -13.17
CA LEU B 22 -28.36 0.28 -14.12
C LEU B 22 -27.29 1.16 -13.53
N ASP B 23 -27.34 1.31 -12.23
CA ASP B 23 -26.34 2.09 -11.54
C ASP B 23 -24.98 1.40 -11.66
N TYR B 24 -24.95 0.10 -11.43
CA TYR B 24 -23.71 -0.64 -11.54
C TYR B 24 -23.20 -0.63 -12.98
N ALA B 25 -24.11 -0.91 -13.91
CA ALA B 25 -23.77 -0.97 -15.32
C ALA B 25 -23.26 0.34 -15.89
N MET B 26 -23.91 1.44 -15.50
N MET B 26 -23.85 1.53 -15.71
CA MET B 26 -23.53 2.76 -15.95
CA MET B 26 -23.23 2.76 -16.20
C MET B 26 -22.13 3.11 -15.47
C MET B 26 -21.89 3.03 -15.52
N SER B 27 -21.83 2.76 -14.23
CA SER B 27 -20.55 3.02 -13.62
C SER B 27 -19.43 2.27 -14.31
N VAL B 28 -19.68 1.01 -14.63
CA VAL B 28 -18.71 0.16 -15.31
C VAL B 28 -18.42 0.70 -16.72
N ILE B 29 -19.48 1.04 -17.43
CA ILE B 29 -19.41 1.58 -18.77
C ILE B 29 -18.67 2.91 -18.88
N VAL B 30 -19.01 3.85 -18.03
CA VAL B 30 -18.40 5.17 -18.11
C VAL B 30 -17.22 5.41 -17.17
N ALA B 31 -17.07 4.59 -16.14
CA ALA B 31 -15.98 4.80 -15.20
C ALA B 31 -15.19 3.57 -14.75
N ARG B 32 -14.74 2.77 -15.70
CA ARG B 32 -13.96 1.58 -15.38
C ARG B 32 -13.40 0.79 -16.58
N ALA B 33 -14.26 0.08 -17.27
CA ALA B 33 -13.87 -0.78 -18.36
C ALA B 33 -13.65 -0.17 -19.74
N LEU B 34 -14.22 0.98 -20.01
CA LEU B 34 -14.07 1.58 -21.33
C LEU B 34 -13.14 2.79 -21.35
N PRO B 35 -12.27 2.87 -22.40
CA PRO B 35 -11.34 3.99 -22.56
C PRO B 35 -12.00 5.19 -23.22
N ASP B 36 -11.48 6.38 -22.92
CA ASP B 36 -12.00 7.60 -23.52
C ASP B 36 -11.34 7.80 -24.88
N VAL B 37 -12.12 8.15 -25.89
CA VAL B 37 -11.57 8.31 -27.24
C VAL B 37 -10.49 9.38 -27.38
N ARG B 38 -10.49 10.37 -26.50
CA ARG B 38 -9.53 11.48 -26.55
C ARG B 38 -8.11 11.10 -26.11
N ASP B 39 -7.96 10.47 -24.94
CA ASP B 39 -6.63 10.12 -24.43
C ASP B 39 -6.33 8.62 -24.39
N GLY B 40 -7.32 7.81 -24.77
CA GLY B 40 -7.19 6.33 -24.81
C GLY B 40 -7.03 5.65 -23.46
N LEU B 41 -7.53 6.28 -22.40
CA LEU B 41 -7.36 5.74 -21.06
C LEU B 41 -8.64 5.45 -20.29
N LYS B 42 -8.52 4.51 -19.37
CA LYS B 42 -9.59 4.17 -18.50
C LYS B 42 -9.27 4.95 -17.24
N PRO B 43 -10.32 5.21 -16.38
CA PRO B 43 -9.93 5.96 -15.17
C PRO B 43 -8.74 5.45 -14.39
N VAL B 44 -8.65 4.16 -14.15
CA VAL B 44 -7.51 3.61 -13.37
C VAL B 44 -6.14 4.08 -13.88
N HIS B 45 -5.93 3.98 -15.19
CA HIS B 45 -4.65 4.38 -15.80
C HIS B 45 -4.42 5.88 -15.82
N ARG B 46 -5.48 6.65 -16.00
CA ARG B 46 -5.35 8.09 -16.03
C ARG B 46 -4.94 8.58 -14.65
N ARG B 47 -5.55 7.99 -13.64
CA ARG B 47 -5.27 8.34 -12.26
C ARG B 47 -3.85 7.96 -11.87
N ILE B 48 -3.33 6.91 -12.48
CA ILE B 48 -1.97 6.47 -12.21
C ILE B 48 -0.98 7.48 -12.78
N LEU B 49 -1.08 7.75 -14.07
CA LEU B 49 -0.21 8.70 -14.76
C LEU B 49 -0.25 10.08 -14.12
N TYR B 50 -1.44 10.51 -13.71
CA TYR B 50 -1.59 11.82 -13.05
C TYR B 50 -0.88 11.85 -11.70
N GLY B 51 -0.97 10.75 -10.96
CA GLY B 51 -0.31 10.64 -9.67
C GLY B 51 1.19 10.73 -9.84
N LEU B 52 1.71 10.11 -10.89
CA LEU B 52 3.13 10.14 -11.19
C LEU B 52 3.60 11.54 -11.57
N ASN B 53 2.70 12.30 -12.19
CA ASN B 53 3.03 13.65 -12.60
C ASN B 53 3.03 14.64 -11.43
N GLU B 54 2.07 14.48 -10.52
CA GLU B 54 1.95 15.34 -9.37
C GLU B 54 3.10 15.22 -8.38
N GLN B 55 3.78 14.08 -8.37
CA GLN B 55 4.89 13.86 -7.47
C GLN B 55 6.23 14.05 -8.15
N GLY B 56 6.20 14.51 -9.39
CA GLY B 56 7.40 14.73 -10.18
C GLY B 56 8.16 13.45 -10.48
N MET B 57 7.44 12.39 -10.81
CA MET B 57 8.08 11.12 -11.10
C MET B 57 8.43 11.02 -12.57
N THR B 58 9.16 12.03 -13.02
CA THR B 58 9.61 12.17 -14.40
C THR B 58 10.78 11.26 -14.82
N PRO B 59 10.91 11.07 -16.20
CA PRO B 59 12.02 10.18 -16.59
C PRO B 59 13.43 10.53 -16.07
N ASP B 60 13.76 11.80 -15.95
CA ASP B 60 15.06 12.26 -15.44
C ASP B 60 15.27 12.01 -13.93
N LYS B 61 14.17 11.76 -13.21
CA LYS B 61 14.26 11.50 -11.77
C LYS B 61 14.45 10.02 -11.50
N SER B 62 14.88 9.67 -10.28
CA SER B 62 15.08 8.26 -9.94
C SER B 62 13.72 7.55 -9.80
N TYR B 63 13.78 6.23 -9.84
CA TYR B 63 12.59 5.39 -9.69
C TYR B 63 12.00 5.59 -8.29
N LYS B 64 10.68 5.60 -8.21
CA LYS B 64 10.00 5.76 -6.94
C LYS B 64 9.28 4.46 -6.58
N LYS B 65 9.21 4.17 -5.32
CA LYS B 65 8.61 2.97 -4.83
C LYS B 65 7.20 2.76 -5.25
N SER B 66 6.93 1.56 -5.78
CA SER B 66 5.63 1.16 -6.24
C SER B 66 4.55 1.25 -5.19
N ALA B 67 4.85 0.78 -4.00
CA ALA B 67 3.91 0.84 -2.91
C ALA B 67 3.46 2.27 -2.63
N ARG B 68 4.39 3.23 -2.65
N ARG B 68 4.43 3.17 -2.70
CA ARG B 68 4.04 4.62 -2.41
CA ARG B 68 4.21 4.59 -2.47
C ARG B 68 3.12 5.17 -3.51
C ARG B 68 3.25 5.19 -3.50
N ILE B 69 3.40 4.78 -4.75
CA ILE B 69 2.63 5.17 -5.90
C ILE B 69 1.23 4.70 -5.74
N VAL B 70 1.02 3.40 -5.55
CA VAL B 70 -0.27 2.81 -5.40
C VAL B 70 -1.04 3.42 -4.27
N GLY B 71 -0.39 3.72 -3.17
CA GLY B 71 -0.99 4.27 -1.99
C GLY B 71 -1.45 5.69 -2.07
N ASP B 72 -0.78 6.49 -2.86
CA ASP B 72 -1.19 7.86 -3.05
C ASP B 72 -2.36 7.89 -4.03
N VAL B 73 -2.29 7.05 -5.05
CA VAL B 73 -3.34 6.97 -6.06
C VAL B 73 -4.63 6.43 -5.45
N MET B 74 -4.50 5.40 -4.62
CA MET B 74 -5.64 4.81 -3.96
C MET B 74 -6.34 5.81 -3.04
N GLY B 75 -5.55 6.55 -2.26
CA GLY B 75 -6.09 7.52 -1.30
C GLY B 75 -6.73 8.76 -1.90
N LYS B 76 -6.09 9.33 -2.92
CA LYS B 76 -6.59 10.54 -3.55
C LYS B 76 -7.55 10.40 -4.74
N TYR B 77 -7.32 9.44 -5.61
CA TYR B 77 -8.14 9.33 -6.81
C TYR B 77 -8.92 8.04 -7.06
N HIS B 78 -8.34 6.91 -6.71
CA HIS B 78 -8.96 5.63 -7.00
C HIS B 78 -9.44 4.82 -5.79
N PRO B 79 -10.76 5.01 -5.41
CA PRO B 79 -11.15 4.23 -4.21
C PRO B 79 -11.58 2.79 -4.51
N HIS B 80 -10.57 1.98 -4.84
CA HIS B 80 -10.72 0.57 -5.18
C HIS B 80 -9.51 -0.19 -4.66
N GLY B 81 -9.60 -1.52 -4.69
CA GLY B 81 -8.54 -2.38 -4.22
C GLY B 81 -7.18 -2.06 -4.82
N ASP B 82 -6.15 -2.27 -4.01
CA ASP B 82 -4.78 -1.98 -4.38
C ASP B 82 -4.24 -2.85 -5.51
N SER B 83 -4.74 -4.05 -5.64
CA SER B 83 -4.33 -4.96 -6.69
C SER B 83 -4.72 -4.48 -8.06
N SER B 84 -5.90 -3.89 -8.17
CA SER B 84 -6.35 -3.39 -9.44
C SER B 84 -5.47 -2.29 -9.90
N ILE B 85 -5.05 -1.42 -8.99
CA ILE B 85 -4.17 -0.32 -9.32
C ILE B 85 -2.77 -0.78 -9.67
N TYR B 86 -2.21 -1.65 -8.84
CA TYR B 86 -0.86 -2.13 -9.08
C TYR B 86 -0.71 -2.86 -10.40
N GLU B 87 -1.53 -3.88 -10.60
CA GLU B 87 -1.53 -4.68 -11.83
C GLU B 87 -1.73 -3.85 -13.08
N ALA B 88 -2.45 -2.75 -12.96
CA ALA B 88 -2.71 -1.83 -14.03
C ALA B 88 -1.47 -1.01 -14.37
N MET B 89 -0.71 -0.65 -13.34
CA MET B 89 0.54 0.06 -13.52
C MET B 89 1.55 -0.88 -14.16
N VAL B 90 1.54 -2.12 -13.68
CA VAL B 90 2.43 -3.18 -14.16
C VAL B 90 2.32 -3.40 -15.67
N ARG B 91 1.08 -3.47 -16.16
N ARG B 91 1.11 -3.47 -16.21
CA ARG B 91 0.81 -3.66 -17.60
CA ARG B 91 0.89 -3.68 -17.64
C ARG B 91 1.43 -2.56 -18.47
C ARG B 91 1.43 -2.55 -18.49
N MET B 92 1.22 -1.32 -18.05
CA MET B 92 1.75 -0.15 -18.76
C MET B 92 3.28 -0.14 -18.85
N ALA B 93 3.94 -0.97 -18.05
CA ALA B 93 5.41 -1.06 -18.02
C ALA B 93 5.99 -2.19 -18.87
N GLN B 94 5.12 -3.06 -19.37
CA GLN B 94 5.51 -4.25 -20.16
C GLN B 94 5.65 -3.97 -21.64
N ASP B 95 6.78 -4.35 -22.21
CA ASP B 95 7.00 -4.10 -23.65
C ASP B 95 6.25 -5.09 -24.55
N PHE B 96 5.73 -6.16 -23.95
CA PHE B 96 4.93 -7.14 -24.67
C PHE B 96 3.41 -6.88 -24.56
N SER B 97 3.02 -5.89 -23.75
CA SER B 97 1.61 -5.51 -23.56
C SER B 97 1.28 -4.15 -24.20
N TYR B 98 2.19 -3.20 -24.04
CA TYR B 98 2.01 -1.87 -24.60
C TYR B 98 2.96 -1.59 -25.75
N ARG B 99 2.39 -1.28 -26.91
CA ARG B 99 3.15 -0.95 -28.10
C ARG B 99 4.13 0.18 -27.76
N TYR B 100 3.64 1.15 -26.99
CA TYR B 100 4.46 2.25 -26.52
C TYR B 100 4.29 2.31 -25.02
N PRO B 101 5.25 1.64 -24.27
CA PRO B 101 5.02 1.68 -22.81
C PRO B 101 4.84 3.05 -22.17
N LEU B 102 3.90 3.12 -21.24
CA LEU B 102 3.61 4.36 -20.55
C LEU B 102 4.32 4.47 -19.20
N VAL B 103 4.82 3.36 -18.70
CA VAL B 103 5.52 3.31 -17.41
C VAL B 103 6.88 2.62 -17.52
N ASP B 104 7.84 3.14 -16.76
CA ASP B 104 9.22 2.65 -16.70
C ASP B 104 9.37 1.84 -15.42
N GLY B 105 9.67 0.57 -15.54
CA GLY B 105 9.78 -0.30 -14.37
C GLY B 105 11.16 -0.87 -14.04
N GLN B 106 11.40 -1.00 -12.74
CA GLN B 106 12.65 -1.55 -12.21
C GLN B 106 12.27 -2.66 -11.23
N GLY B 107 12.72 -3.88 -11.55
CA GLY B 107 12.41 -5.06 -10.75
C GLY B 107 11.61 -6.06 -11.56
N ASN B 108 11.08 -7.08 -10.88
CA ASN B 108 10.27 -8.10 -11.55
C ASN B 108 8.89 -7.56 -11.93
N PHE B 109 8.69 -7.36 -13.24
CA PHE B 109 7.41 -6.83 -13.76
C PHE B 109 6.63 -7.80 -14.64
N GLY B 110 6.78 -9.10 -14.39
CA GLY B 110 6.05 -10.11 -15.14
C GLY B 110 6.72 -10.62 -16.39
N SER B 111 6.06 -11.55 -17.08
CA SER B 111 6.60 -12.16 -18.29
C SER B 111 5.47 -12.58 -19.21
N MET B 112 5.83 -12.90 -20.45
CA MET B 112 4.90 -13.38 -21.47
C MET B 112 4.34 -14.74 -21.08
N ASP B 113 5.04 -15.42 -20.17
CA ASP B 113 4.65 -16.76 -19.71
C ASP B 113 3.56 -16.74 -18.65
N GLY B 114 2.98 -15.57 -18.42
CA GLY B 114 1.91 -15.37 -17.46
C GLY B 114 2.34 -15.07 -16.03
N ASP B 115 3.64 -14.94 -15.80
CA ASP B 115 4.12 -14.64 -14.45
C ASP B 115 3.71 -13.24 -14.02
N GLY B 116 3.24 -13.14 -12.77
CA GLY B 116 2.83 -11.86 -12.20
C GLY B 116 4.02 -11.06 -11.72
N ALA B 117 3.85 -9.75 -11.58
CA ALA B 117 4.95 -8.92 -11.11
C ALA B 117 5.28 -9.28 -9.66
N ALA B 118 6.48 -8.90 -9.22
CA ALA B 118 6.89 -9.10 -7.83
C ALA B 118 6.00 -8.20 -6.96
N ALA B 119 5.85 -8.55 -5.69
CA ALA B 119 5.05 -7.74 -4.77
C ALA B 119 5.47 -6.28 -4.84
N MET B 120 4.51 -5.38 -4.78
CA MET B 120 4.81 -3.94 -4.89
C MET B 120 5.91 -3.39 -3.98
N ARG B 121 6.16 -4.04 -2.84
N ARG B 121 6.21 -3.97 -2.82
CA ARG B 121 7.21 -3.58 -1.93
CA ARG B 121 7.28 -3.45 -2.00
C ARG B 121 8.61 -3.68 -2.56
C ARG B 121 8.63 -3.57 -2.69
N PHE B 122 8.77 -4.59 -3.51
CA PHE B 122 10.04 -4.81 -4.18
C PHE B 122 10.28 -3.93 -5.42
N THR B 123 9.20 -3.57 -6.10
CA THR B 123 9.33 -2.83 -7.36
C THR B 123 9.30 -1.31 -7.21
N GLU B 124 9.78 -0.63 -8.24
CA GLU B 124 9.82 0.82 -8.32
C GLU B 124 9.45 1.21 -9.75
N ALA B 125 8.90 2.41 -9.91
CA ALA B 125 8.48 2.86 -11.22
C ALA B 125 8.55 4.38 -11.40
N ARG B 126 8.43 4.79 -12.66
CA ARG B 126 8.45 6.19 -13.07
C ARG B 126 7.81 6.35 -14.45
N MET B 127 7.57 7.59 -14.85
CA MET B 127 6.99 7.88 -16.16
C MET B 127 7.98 7.59 -17.28
N THR B 128 7.47 7.22 -18.45
CA THR B 128 8.31 7.01 -19.61
C THR B 128 8.37 8.35 -20.31
N LYS B 129 9.36 8.55 -21.16
CA LYS B 129 9.48 9.82 -21.87
C LYS B 129 8.25 10.16 -22.72
N ILE B 130 7.63 9.14 -23.30
CA ILE B 130 6.45 9.33 -24.13
C ILE B 130 5.20 9.72 -23.32
N THR B 131 5.22 9.42 -22.04
CA THR B 131 4.09 9.74 -21.17
C THR B 131 4.02 11.24 -20.90
N LEU B 132 5.17 11.90 -20.96
CA LEU B 132 5.25 13.33 -20.74
C LEU B 132 4.41 14.04 -21.77
N GLU B 133 4.29 13.43 -22.94
CA GLU B 133 3.51 13.97 -24.05
C GLU B 133 2.01 13.91 -23.79
N LEU B 134 1.57 12.93 -23.00
CA LEU B 134 0.17 12.82 -22.63
C LEU B 134 -0.19 13.91 -21.62
N LEU B 135 0.75 14.21 -20.74
CA LEU B 135 0.55 15.20 -19.70
C LEU B 135 0.99 16.61 -20.07
N ARG B 136 1.64 16.76 -21.23
CA ARG B 136 2.14 18.06 -21.68
C ARG B 136 1.00 19.08 -21.77
N ASP B 137 1.19 20.23 -21.11
CA ASP B 137 0.23 21.34 -21.08
C ASP B 137 -0.99 21.11 -20.17
N ILE B 138 -0.89 20.15 -19.25
CA ILE B 138 -2.00 19.86 -18.33
C ILE B 138 -2.22 21.00 -17.32
N ASN B 139 -1.18 21.78 -17.08
CA ASN B 139 -1.21 22.91 -16.16
C ASN B 139 -1.28 24.25 -16.87
N LYS B 140 -1.89 24.24 -18.04
CA LYS B 140 -2.09 25.43 -18.86
C LYS B 140 -3.56 25.52 -19.28
N ASP B 141 -4.45 25.07 -18.40
CA ASP B 141 -5.91 25.12 -18.61
C ASP B 141 -6.37 24.48 -19.94
N THR B 142 -5.73 23.39 -20.34
CA THR B 142 -6.07 22.71 -21.58
C THR B 142 -7.22 21.75 -21.40
N ILE B 143 -7.33 21.15 -20.21
CA ILE B 143 -8.37 20.17 -19.92
C ILE B 143 -9.14 20.50 -18.64
N ASP B 144 -10.36 19.98 -18.55
CA ASP B 144 -11.23 20.20 -17.39
C ASP B 144 -10.90 19.31 -16.20
N PHE B 145 -10.75 19.92 -15.02
CA PHE B 145 -10.55 19.20 -13.78
C PHE B 145 -11.89 19.01 -13.10
N ILE B 146 -12.00 17.98 -12.28
CA ILE B 146 -13.23 17.70 -11.54
C ILE B 146 -12.87 17.33 -10.12
N ASP B 147 -13.87 17.36 -9.25
CA ASP B 147 -13.67 16.97 -7.86
C ASP B 147 -13.48 15.47 -7.84
N ASN B 148 -12.77 14.99 -6.83
CA ASN B 148 -12.53 13.57 -6.65
C ASN B 148 -13.68 12.87 -5.93
N TYR B 149 -13.53 11.57 -5.69
CA TYR B 149 -14.58 10.78 -5.02
C TYR B 149 -15.09 11.30 -3.66
N ASP B 150 -14.23 11.95 -2.87
CA ASP B 150 -14.64 12.47 -1.56
C ASP B 150 -14.71 14.01 -1.47
N GLY B 151 -14.20 14.67 -2.51
CA GLY B 151 -14.24 16.13 -2.58
C GLY B 151 -13.02 16.82 -2.00
N ASN B 152 -12.04 16.04 -1.55
CA ASN B 152 -10.80 16.60 -0.96
C ASN B 152 -9.66 16.84 -1.96
N GLU B 153 -9.81 16.31 -3.18
CA GLU B 153 -8.79 16.47 -4.21
C GLU B 153 -9.41 16.84 -5.54
N ARG B 154 -8.55 17.16 -6.51
CA ARG B 154 -8.98 17.46 -7.87
C ARG B 154 -8.26 16.49 -8.80
N GLU B 155 -8.93 16.08 -9.87
CA GLU B 155 -8.33 15.18 -10.84
C GLU B 155 -8.72 15.55 -12.26
N PRO B 156 -7.89 15.03 -13.25
CA PRO B 156 -8.29 15.40 -14.61
C PRO B 156 -9.30 14.45 -15.23
N SER B 157 -10.26 15.01 -15.97
CA SER B 157 -11.28 14.19 -16.64
C SER B 157 -10.69 13.52 -17.87
N VAL B 158 -9.70 14.18 -18.46
CA VAL B 158 -9.02 13.68 -19.65
C VAL B 158 -7.62 14.33 -19.70
N LEU B 159 -6.68 13.69 -20.37
CA LEU B 159 -5.33 14.23 -20.49
C LEU B 159 -5.15 14.90 -21.86
N PRO B 160 -4.27 15.93 -21.93
CA PRO B 160 -3.98 16.60 -23.20
C PRO B 160 -3.73 15.62 -24.36
N ALA B 161 -3.01 14.53 -24.08
CA ALA B 161 -2.69 13.48 -25.06
C ALA B 161 -2.13 14.02 -26.38
N ARG B 162 -0.90 14.51 -26.35
CA ARG B 162 -0.30 15.07 -27.55
C ARG B 162 0.01 14.05 -28.66
N PHE B 163 -0.35 12.78 -28.42
CA PHE B 163 -0.23 11.72 -29.43
C PHE B 163 -1.48 10.83 -29.39
N PRO B 164 -1.92 10.30 -30.56
CA PRO B 164 -3.14 9.46 -30.64
C PRO B 164 -3.03 8.15 -29.86
N ASN B 165 -3.08 8.25 -28.53
CA ASN B 165 -2.88 7.09 -27.64
C ASN B 165 -3.88 5.94 -27.79
N LEU B 166 -5.16 6.24 -27.97
CA LEU B 166 -6.18 5.20 -28.12
C LEU B 166 -5.86 4.15 -29.16
N LEU B 167 -5.44 4.59 -30.34
CA LEU B 167 -5.10 3.66 -31.41
C LEU B 167 -3.69 3.11 -31.29
N ALA B 168 -2.77 3.93 -30.77
CA ALA B 168 -1.37 3.55 -30.61
C ALA B 168 -1.19 2.35 -29.68
N ASN B 169 -1.80 2.44 -28.49
CA ASN B 169 -1.70 1.38 -27.50
C ASN B 169 -2.92 0.46 -27.46
N GLY B 170 -4.03 0.93 -28.02
CA GLY B 170 -5.28 0.15 -28.04
C GLY B 170 -5.85 -0.07 -26.66
N ALA B 171 -6.81 -1.00 -26.56
CA ALA B 171 -7.45 -1.35 -25.30
C ALA B 171 -8.35 -2.55 -25.45
N SER B 172 -8.63 -3.20 -24.32
CA SER B 172 -9.50 -4.33 -24.23
C SER B 172 -10.21 -4.28 -22.89
N GLY B 173 -11.52 -4.17 -22.91
CA GLY B 173 -12.30 -4.14 -21.71
C GLY B 173 -13.63 -4.84 -21.76
N ILE B 174 -14.02 -5.47 -20.66
CA ILE B 174 -15.28 -6.17 -20.56
C ILE B 174 -16.13 -5.34 -19.61
N ALA B 175 -17.23 -4.84 -20.11
CA ALA B 175 -18.15 -4.01 -19.33
C ALA B 175 -19.45 -4.77 -19.07
N VAL B 176 -20.54 -4.05 -18.96
CA VAL B 176 -21.84 -4.64 -18.84
C VAL B 176 -22.59 -4.21 -20.07
N GLY B 177 -23.10 -5.18 -20.78
CA GLY B 177 -23.89 -4.97 -21.99
C GLY B 177 -23.08 -4.80 -23.23
N MET B 178 -21.78 -4.67 -23.08
CA MET B 178 -20.86 -4.40 -24.16
C MET B 178 -19.44 -4.69 -23.74
N ALA B 179 -18.54 -4.74 -24.70
CA ALA B 179 -17.13 -4.91 -24.45
C ALA B 179 -16.37 -4.15 -25.52
N THR B 180 -15.07 -4.02 -25.35
CA THR B 180 -14.27 -3.32 -26.36
C THR B 180 -12.96 -4.04 -26.60
N ASN B 181 -12.49 -3.98 -27.85
CA ASN B 181 -11.24 -4.60 -28.23
C ASN B 181 -10.65 -3.82 -29.40
N ILE B 182 -9.73 -2.92 -29.05
CA ILE B 182 -9.07 -2.04 -30.01
C ILE B 182 -7.59 -2.43 -30.08
N PRO B 183 -7.12 -2.84 -31.26
CA PRO B 183 -5.71 -3.25 -31.37
C PRO B 183 -4.72 -2.07 -31.37
N PRO B 184 -3.44 -2.33 -31.03
CA PRO B 184 -2.44 -1.26 -31.08
C PRO B 184 -2.02 -0.96 -32.53
N HIS B 185 -1.35 0.17 -32.74
CA HIS B 185 -0.93 0.61 -34.08
C HIS B 185 0.42 1.33 -34.04
N ASN B 186 1.03 1.52 -35.21
CA ASN B 186 2.31 2.22 -35.32
C ASN B 186 2.12 3.73 -35.28
N LEU B 187 2.86 4.39 -34.41
CA LEU B 187 2.75 5.83 -34.17
C LEU B 187 3.05 6.70 -35.39
N THR B 188 4.06 6.30 -36.17
CA THR B 188 4.45 7.03 -37.38
C THR B 188 3.29 7.02 -38.36
N GLU B 189 2.70 5.84 -38.52
CA GLU B 189 1.54 5.63 -39.39
C GLU B 189 0.34 6.45 -38.90
N LEU B 190 0.06 6.41 -37.60
CA LEU B 190 -1.06 7.14 -37.03
C LEU B 190 -0.97 8.63 -37.24
N ILE B 191 0.20 9.20 -36.91
CA ILE B 191 0.39 10.64 -37.06
C ILE B 191 0.25 11.06 -38.52
N ASN B 192 0.83 10.27 -39.44
CA ASN B 192 0.66 10.55 -40.87
C ASN B 192 -0.83 10.59 -41.28
N GLY B 193 -1.60 9.65 -40.75
CA GLY B 193 -3.05 9.58 -40.99
C GLY B 193 -3.73 10.85 -40.50
N VAL B 194 -3.43 11.22 -39.25
CA VAL B 194 -3.97 12.45 -38.65
C VAL B 194 -3.65 13.67 -39.51
N LEU B 195 -2.43 13.72 -40.05
CA LEU B 195 -1.99 14.82 -40.90
C LEU B 195 -2.82 14.91 -42.18
N SER B 196 -2.96 13.79 -42.88
CA SER B 196 -3.74 13.73 -44.12
C SER B 196 -5.19 14.12 -43.85
N LEU B 197 -5.72 13.70 -42.69
CA LEU B 197 -7.09 14.04 -42.28
C LEU B 197 -7.26 15.54 -42.04
N SER B 198 -6.26 16.17 -41.43
CA SER B 198 -6.32 17.60 -41.16
C SER B 198 -6.24 18.42 -42.44
N LYS B 199 -5.80 17.77 -43.51
CA LYS B 199 -5.68 18.40 -44.82
C LYS B 199 -6.85 18.06 -45.75
N ASN B 200 -7.73 17.16 -45.28
CA ASN B 200 -8.88 16.70 -46.06
C ASN B 200 -9.99 16.08 -45.19
N PRO B 201 -10.93 16.90 -44.71
CA PRO B 201 -12.06 16.40 -43.89
C PRO B 201 -12.90 15.32 -44.59
N ASP B 202 -12.79 15.23 -45.91
CA ASP B 202 -13.56 14.26 -46.70
C ASP B 202 -12.73 13.02 -47.06
N ILE B 203 -11.55 12.89 -46.46
CA ILE B 203 -10.69 11.75 -46.72
C ILE B 203 -11.43 10.45 -46.39
N SER B 204 -11.29 9.46 -47.26
CA SER B 204 -11.97 8.17 -47.11
C SER B 204 -11.11 7.18 -46.28
N ILE B 205 -11.73 6.07 -45.90
CA ILE B 205 -11.06 5.00 -45.16
C ILE B 205 -9.93 4.41 -46.02
N ALA B 206 -10.25 4.05 -47.25
CA ALA B 206 -9.27 3.48 -48.20
C ALA B 206 -8.06 4.40 -48.41
N GLU B 207 -8.28 5.70 -48.37
CA GLU B 207 -7.20 6.67 -48.52
C GLU B 207 -6.38 6.78 -47.24
N LEU B 208 -7.04 6.70 -46.08
CA LEU B 208 -6.35 6.72 -44.79
C LEU B 208 -5.43 5.50 -44.66
N MET B 209 -5.89 4.35 -45.15
CA MET B 209 -5.09 3.12 -45.10
C MET B 209 -3.78 3.18 -45.88
N GLU B 210 -3.57 4.25 -46.65
CA GLU B 210 -2.32 4.48 -47.35
C GLU B 210 -1.26 4.85 -46.29
N ASP B 211 -1.72 5.46 -45.20
CA ASP B 211 -0.87 5.83 -44.05
C ASP B 211 -0.87 4.72 -42.99
N ILE B 212 -2.07 4.34 -42.55
CA ILE B 212 -2.29 3.30 -41.54
C ILE B 212 -2.59 1.97 -42.23
N GLU B 213 -1.54 1.20 -42.48
N GLU B 213 -1.56 1.18 -42.51
CA GLU B 213 -1.62 -0.10 -43.19
CA GLU B 213 -1.72 -0.09 -43.23
C GLU B 213 -2.37 -1.19 -42.41
C GLU B 213 -2.52 -1.11 -42.41
N GLY B 214 -2.40 -1.05 -41.09
CA GLY B 214 -3.09 -1.99 -40.22
C GLY B 214 -2.52 -1.97 -38.82
N PRO B 215 -3.05 -2.82 -37.91
CA PRO B 215 -2.55 -2.85 -36.54
C PRO B 215 -1.06 -3.18 -36.49
N ASP B 216 -0.39 -2.76 -35.42
CA ASP B 216 1.02 -3.04 -35.20
C ASP B 216 1.18 -3.49 -33.75
N PHE B 217 1.44 -4.77 -33.55
CA PHE B 217 1.55 -5.36 -32.21
C PHE B 217 2.93 -5.28 -31.56
N PRO B 218 2.97 -5.05 -30.24
CA PRO B 218 4.25 -4.99 -29.52
C PRO B 218 5.01 -6.32 -29.61
N THR B 219 4.28 -7.39 -29.92
CA THR B 219 4.84 -8.73 -30.07
C THR B 219 5.17 -9.10 -31.53
N ALA B 220 5.09 -8.10 -32.41
CA ALA B 220 5.37 -8.28 -33.84
C ALA B 220 4.50 -9.36 -34.48
N GLY B 221 5.13 -10.40 -35.06
CA GLY B 221 4.40 -11.49 -35.71
C GLY B 221 3.87 -11.11 -37.08
N LEU B 222 2.92 -11.90 -37.59
CA LEU B 222 2.32 -11.67 -38.91
C LEU B 222 0.80 -11.54 -38.89
N ILE B 223 0.27 -10.90 -39.93
CA ILE B 223 -1.17 -10.76 -40.17
C ILE B 223 -1.47 -11.29 -41.58
N LEU B 224 -2.54 -12.08 -41.69
CA LEU B 224 -2.97 -12.68 -42.96
C LEU B 224 -4.12 -11.94 -43.63
N GLY B 225 -3.85 -11.39 -44.80
CA GLY B 225 -4.84 -10.66 -45.57
C GLY B 225 -5.08 -9.25 -45.13
N LYS B 226 -5.96 -8.56 -45.84
CA LYS B 226 -6.31 -7.17 -45.54
C LYS B 226 -7.81 -7.01 -45.41
N SER B 227 -8.56 -8.01 -45.83
CA SER B 227 -10.00 -7.95 -45.76
C SER B 227 -10.52 -7.72 -44.33
N GLY B 228 -9.98 -8.46 -43.38
CA GLY B 228 -10.38 -8.32 -41.99
C GLY B 228 -10.04 -6.94 -41.45
N ILE B 229 -8.87 -6.44 -41.83
CA ILE B 229 -8.42 -5.12 -41.45
C ILE B 229 -9.29 -4.03 -42.05
N ARG B 230 -9.65 -4.22 -43.32
CA ARG B 230 -10.49 -3.27 -44.02
C ARG B 230 -11.88 -3.18 -43.41
N ARG B 231 -12.43 -4.33 -43.07
CA ARG B 231 -13.74 -4.41 -42.47
C ARG B 231 -13.77 -3.70 -41.12
N ALA B 232 -12.73 -3.93 -40.33
CA ALA B 232 -12.63 -3.33 -39.02
C ALA B 232 -12.54 -1.81 -39.08
N TYR B 233 -11.73 -1.29 -39.98
CA TYR B 233 -11.58 0.16 -40.14
C TYR B 233 -12.85 0.83 -40.64
N GLU B 234 -13.53 0.18 -41.57
CA GLU B 234 -14.79 0.67 -42.13
C GLU B 234 -15.98 0.68 -41.18
N THR B 235 -16.12 -0.37 -40.38
CA THR B 235 -17.26 -0.50 -39.49
C THR B 235 -16.99 -0.50 -37.99
N GLY B 236 -15.73 -0.74 -37.62
CA GLY B 236 -15.35 -0.83 -36.23
C GLY B 236 -15.36 -2.27 -35.74
N ARG B 237 -15.72 -3.18 -36.62
CA ARG B 237 -15.74 -4.60 -36.30
C ARG B 237 -15.09 -5.43 -37.41
N GLY B 238 -14.32 -6.44 -37.03
CA GLY B 238 -13.64 -7.27 -38.00
C GLY B 238 -12.77 -8.29 -37.32
N SER B 239 -12.52 -9.40 -38.02
CA SER B 239 -11.71 -10.49 -37.51
C SER B 239 -10.37 -10.51 -38.23
N ILE B 240 -9.31 -10.24 -37.48
CA ILE B 240 -7.96 -10.21 -38.04
C ILE B 240 -7.19 -11.46 -37.61
N GLN B 241 -6.58 -12.15 -38.58
CA GLN B 241 -5.81 -13.37 -38.30
C GLN B 241 -4.34 -13.06 -38.00
N MET B 242 -3.96 -13.27 -36.74
CA MET B 242 -2.57 -13.06 -36.31
C MET B 242 -1.84 -14.38 -36.40
N ARG B 243 -0.61 -14.34 -36.90
CA ARG B 243 0.16 -15.56 -37.06
C ARG B 243 1.57 -15.35 -36.53
N SER B 244 2.10 -16.38 -35.85
CA SER B 244 3.44 -16.35 -35.30
C SER B 244 4.47 -16.33 -36.41
N ARG B 245 5.68 -15.86 -36.09
CA ARG B 245 6.76 -15.89 -37.06
C ARG B 245 7.49 -17.19 -36.81
N ALA B 246 7.40 -18.09 -37.77
CA ALA B 246 8.04 -19.39 -37.65
C ALA B 246 8.79 -19.74 -38.92
N VAL B 247 9.94 -20.41 -38.74
CA VAL B 247 10.75 -20.83 -39.88
C VAL B 247 11.06 -22.34 -39.78
N ILE B 248 11.43 -22.94 -40.91
CA ILE B 248 11.83 -24.34 -40.93
C ILE B 248 13.32 -24.41 -41.24
N GLU B 249 14.10 -24.96 -40.32
CA GLU B 249 15.54 -25.09 -40.50
C GLU B 249 16.05 -26.50 -40.15
N GLU B 250 17.24 -26.81 -40.64
CA GLU B 250 17.90 -28.11 -40.42
C GLU B 250 18.58 -28.21 -39.06
N ARG B 251 18.51 -29.38 -38.43
CA ARG B 251 19.15 -29.62 -37.12
C ARG B 251 20.21 -30.72 -37.11
N GLY B 252 20.48 -31.32 -38.27
CA GLY B 252 21.51 -32.35 -38.38
C GLY B 252 21.01 -33.73 -38.72
N GLY B 253 21.73 -34.40 -39.64
CA GLY B 253 21.43 -35.77 -40.04
C GLY B 253 20.18 -35.95 -40.87
N GLY B 254 19.84 -34.94 -41.65
CA GLY B 254 18.66 -34.98 -42.51
C GLY B 254 17.37 -34.71 -41.74
N ARG B 255 17.52 -34.20 -40.52
CA ARG B 255 16.37 -33.87 -39.69
C ARG B 255 16.14 -32.36 -39.60
N GLN B 256 14.87 -31.99 -39.50
CA GLN B 256 14.46 -30.57 -39.45
C GLN B 256 13.74 -30.18 -38.18
N ARG B 257 13.64 -28.86 -37.97
CA ARG B 257 12.92 -28.32 -36.81
C ARG B 257 12.18 -27.04 -37.17
N ILE B 258 11.17 -26.70 -36.38
CA ILE B 258 10.41 -25.47 -36.56
C ILE B 258 10.87 -24.52 -35.44
N VAL B 259 11.19 -23.29 -35.81
CA VAL B 259 11.66 -22.29 -34.85
C VAL B 259 10.75 -21.05 -34.86
N VAL B 260 10.14 -20.78 -33.70
CA VAL B 260 9.22 -19.66 -33.53
C VAL B 260 9.90 -18.53 -32.75
N THR B 261 9.97 -17.34 -33.35
CA THR B 261 10.66 -16.22 -32.72
C THR B 261 9.74 -15.07 -32.31
N GLU B 262 8.50 -15.12 -32.78
CA GLU B 262 7.51 -14.09 -32.49
C GLU B 262 6.15 -14.77 -32.41
N ILE B 263 5.36 -14.41 -31.39
CA ILE B 263 4.02 -14.97 -31.18
C ILE B 263 2.94 -13.87 -31.27
N PRO B 264 1.67 -14.28 -31.44
CA PRO B 264 0.56 -13.33 -31.52
C PRO B 264 0.36 -12.51 -30.25
N PHE B 265 -0.25 -11.34 -30.41
CA PHE B 265 -0.53 -10.41 -29.30
C PHE B 265 -1.45 -11.05 -28.27
N GLN B 266 -1.18 -10.78 -27.01
CA GLN B 266 -1.99 -11.27 -25.88
C GLN B 266 -2.05 -12.81 -25.71
N VAL B 267 -1.09 -13.52 -26.28
CA VAL B 267 -1.02 -14.98 -26.16
C VAL B 267 0.05 -15.37 -25.16
N ASN B 268 -0.33 -16.18 -24.18
CA ASN B 268 0.60 -16.65 -23.16
C ASN B 268 1.48 -17.77 -23.72
N LYS B 269 2.79 -17.48 -23.85
CA LYS B 269 3.76 -18.41 -24.42
C LYS B 269 3.80 -19.80 -23.77
N ALA B 270 3.98 -19.85 -22.45
CA ALA B 270 3.99 -21.11 -21.71
C ALA B 270 2.67 -21.90 -21.93
N ARG B 271 1.55 -21.20 -21.89
CA ARG B 271 0.23 -21.79 -22.09
C ARG B 271 0.06 -22.32 -23.52
N MET B 272 0.65 -21.64 -24.50
CA MET B 272 0.58 -22.06 -25.90
C MET B 272 1.36 -23.37 -26.06
N ILE B 273 2.59 -23.38 -25.53
CA ILE B 273 3.48 -24.54 -25.53
C ILE B 273 2.80 -25.76 -24.89
N GLU B 274 2.13 -25.56 -23.75
N GLU B 274 2.13 -25.54 -23.75
CA GLU B 274 1.46 -26.65 -23.05
CA GLU B 274 1.42 -26.58 -23.02
C GLU B 274 0.34 -27.27 -23.90
C GLU B 274 0.33 -27.24 -23.86
N LYS B 275 -0.38 -26.44 -24.65
CA LYS B 275 -1.45 -26.93 -25.53
C LYS B 275 -0.88 -27.72 -26.71
N ILE B 276 0.33 -27.34 -27.16
CA ILE B 276 1.02 -28.05 -28.24
C ILE B 276 1.49 -29.41 -27.74
N ALA B 277 1.96 -29.47 -26.49
CA ALA B 277 2.40 -30.70 -25.86
C ALA B 277 1.22 -31.63 -25.63
N GLU B 278 0.06 -31.05 -25.35
CA GLU B 278 -1.18 -31.80 -25.11
C GLU B 278 -1.62 -32.53 -26.38
N LEU B 279 -1.54 -31.85 -27.52
CA LEU B 279 -1.91 -32.44 -28.81
C LEU B 279 -1.04 -33.64 -29.20
N VAL B 280 0.25 -33.55 -28.91
CA VAL B 280 1.21 -34.62 -29.20
C VAL B 280 0.96 -35.82 -28.28
N ARG B 281 0.73 -35.53 -27.00
CA ARG B 281 0.46 -36.54 -25.99
C ARG B 281 -0.86 -37.27 -26.26
N ASP B 282 -1.87 -36.53 -26.72
CA ASP B 282 -3.18 -37.12 -27.03
C ASP B 282 -3.23 -37.64 -28.47
N LYS B 283 -2.12 -37.53 -29.18
CA LYS B 283 -1.96 -38.00 -30.57
C LYS B 283 -2.90 -37.35 -31.60
N LYS B 284 -3.23 -36.09 -31.36
CA LYS B 284 -4.10 -35.33 -32.27
C LYS B 284 -3.28 -34.66 -33.38
N ILE B 285 -1.98 -34.97 -33.42
CA ILE B 285 -1.04 -34.47 -34.41
C ILE B 285 0.20 -35.36 -34.40
N ASP B 286 0.75 -35.64 -35.58
CA ASP B 286 1.95 -36.47 -35.65
C ASP B 286 3.11 -35.76 -36.33
N GLY B 287 4.31 -36.25 -36.06
CA GLY B 287 5.52 -35.71 -36.67
C GLY B 287 6.42 -34.95 -35.71
N ILE B 288 5.92 -34.71 -34.50
CA ILE B 288 6.67 -33.95 -33.48
C ILE B 288 7.42 -34.88 -32.54
N THR B 289 8.73 -34.68 -32.44
CA THR B 289 9.59 -35.52 -31.59
C THR B 289 10.06 -34.81 -30.32
N ASP B 290 10.08 -33.48 -30.34
CA ASP B 290 10.48 -32.71 -29.16
C ASP B 290 9.90 -31.29 -29.17
N LEU B 291 9.71 -30.73 -27.98
CA LEU B 291 9.18 -29.38 -27.80
C LEU B 291 9.91 -28.65 -26.68
N ARG B 292 10.74 -27.67 -27.04
CA ARG B 292 11.53 -26.91 -26.05
C ARG B 292 11.29 -25.41 -26.17
N ASP B 293 11.46 -24.70 -25.06
CA ASP B 293 11.36 -23.26 -25.02
C ASP B 293 12.74 -22.71 -24.72
N GLU B 294 13.44 -22.27 -25.77
CA GLU B 294 14.81 -21.76 -25.66
C GLU B 294 14.90 -20.23 -25.53
N THR B 295 13.88 -19.61 -24.96
CA THR B 295 13.83 -18.16 -24.78
C THR B 295 14.81 -17.67 -23.69
N SER B 296 15.64 -16.71 -24.05
N SER B 296 15.60 -16.70 -24.14
CA SER B 296 16.63 -16.13 -23.17
CA SER B 296 16.59 -16.12 -23.26
C SER B 296 16.72 -14.64 -23.41
C SER B 296 16.67 -14.64 -23.50
N LEU B 297 17.28 -13.92 -22.47
CA LEU B 297 17.41 -12.48 -22.65
C LEU B 297 18.30 -12.23 -23.86
N ARG B 298 19.37 -13.00 -23.95
CA ARG B 298 20.36 -12.97 -25.03
C ARG B 298 19.85 -13.45 -26.41
N THR B 299 19.12 -14.56 -26.40
CA THR B 299 18.51 -15.19 -27.56
C THR B 299 17.22 -14.57 -28.08
N GLY B 300 16.36 -14.21 -27.15
CA GLY B 300 15.09 -13.64 -27.44
C GLY B 300 14.10 -14.78 -27.47
N VAL B 301 12.89 -14.50 -27.85
CA VAL B 301 11.88 -15.55 -27.95
C VAL B 301 12.35 -16.60 -28.97
N ARG B 302 12.33 -17.86 -28.56
CA ARG B 302 12.75 -18.96 -29.41
C ARG B 302 12.13 -20.28 -28.94
N VAL B 303 11.08 -20.71 -29.64
CA VAL B 303 10.43 -21.97 -29.34
C VAL B 303 10.80 -22.95 -30.44
N VAL B 304 11.29 -24.12 -30.03
CA VAL B 304 11.73 -25.14 -30.98
C VAL B 304 10.78 -26.34 -31.01
N ILE B 305 10.43 -26.76 -32.22
CA ILE B 305 9.56 -27.92 -32.42
C ILE B 305 10.28 -28.88 -33.38
N ASP B 306 10.92 -29.92 -32.82
CA ASP B 306 11.62 -30.92 -33.63
C ASP B 306 10.65 -31.85 -34.36
N VAL B 307 10.89 -31.99 -35.66
CA VAL B 307 10.08 -32.82 -36.54
C VAL B 307 10.78 -34.17 -36.75
N ARG B 308 10.00 -35.22 -36.97
CA ARG B 308 10.53 -36.55 -37.21
C ARG B 308 11.14 -36.61 -38.61
N LYS B 309 12.25 -37.34 -38.74
CA LYS B 309 12.97 -37.48 -40.00
C LYS B 309 12.06 -37.94 -41.14
N ASP B 310 12.10 -37.20 -42.25
CA ASP B 310 11.30 -37.48 -43.45
C ASP B 310 9.84 -37.01 -43.40
N ALA B 311 9.42 -36.47 -42.26
CA ALA B 311 8.06 -35.94 -42.13
C ALA B 311 8.05 -34.52 -42.69
N ASN B 312 6.98 -34.18 -43.41
CA ASN B 312 6.85 -32.85 -43.99
C ASN B 312 6.58 -31.81 -42.89
N ALA B 313 7.59 -30.97 -42.64
CA ALA B 313 7.53 -29.93 -41.60
C ALA B 313 6.53 -28.80 -41.85
N SER B 314 6.26 -28.50 -43.12
CA SER B 314 5.32 -27.45 -43.49
C SER B 314 3.88 -27.86 -43.18
N VAL B 315 3.60 -29.16 -43.32
CA VAL B 315 2.28 -29.72 -43.04
C VAL B 315 2.01 -29.63 -41.54
N ILE B 316 3.02 -29.98 -40.74
CA ILE B 316 2.93 -29.93 -39.29
C ILE B 316 2.70 -28.48 -38.82
N LEU B 317 3.40 -27.54 -39.44
CA LEU B 317 3.25 -26.12 -39.14
C LEU B 317 1.81 -25.69 -39.40
N ASN B 318 1.33 -25.95 -40.61
CA ASN B 318 -0.06 -25.64 -40.98
C ASN B 318 -1.06 -26.16 -39.97
N ASN B 319 -0.90 -27.43 -39.59
CA ASN B 319 -1.79 -28.05 -38.59
C ASN B 319 -1.70 -27.33 -37.25
N LEU B 320 -0.47 -27.02 -36.83
CA LEU B 320 -0.25 -26.28 -35.58
C LEU B 320 -1.00 -24.96 -35.56
N TYR B 321 -1.04 -24.25 -36.69
CA TYR B 321 -1.76 -22.98 -36.77
C TYR B 321 -3.24 -23.18 -36.51
N LYS B 322 -3.83 -24.18 -37.16
CA LYS B 322 -5.26 -24.50 -37.03
C LYS B 322 -5.62 -25.05 -35.68
N GLN B 323 -4.72 -25.86 -35.11
CA GLN B 323 -5.00 -26.58 -33.86
C GLN B 323 -4.50 -25.93 -32.57
N THR B 324 -3.62 -24.93 -32.66
CA THR B 324 -3.09 -24.28 -31.46
C THR B 324 -3.13 -22.75 -31.58
N PRO B 325 -2.91 -22.03 -30.47
CA PRO B 325 -2.91 -20.55 -30.54
C PRO B 325 -1.70 -19.96 -31.29
N LEU B 326 -0.98 -20.79 -32.05
CA LEU B 326 0.17 -20.34 -32.85
C LEU B 326 -0.37 -19.39 -33.93
N GLN B 327 -1.67 -19.52 -34.20
CA GLN B 327 -2.43 -18.62 -35.06
C GLN B 327 -3.75 -18.36 -34.33
N THR B 328 -3.89 -17.14 -33.81
CA THR B 328 -5.08 -16.70 -33.07
C THR B 328 -5.67 -15.48 -33.76
N SER B 329 -6.99 -15.32 -33.68
CA SER B 329 -7.62 -14.15 -34.28
C SER B 329 -7.89 -13.04 -33.26
N PHE B 330 -7.75 -11.80 -33.71
CA PHE B 330 -8.04 -10.64 -32.90
C PHE B 330 -9.40 -10.13 -33.36
N GLY B 331 -10.40 -10.22 -32.50
CA GLY B 331 -11.75 -9.77 -32.83
C GLY B 331 -11.89 -8.30 -32.51
N VAL B 332 -11.71 -7.47 -33.53
CA VAL B 332 -11.80 -6.02 -33.39
C VAL B 332 -13.26 -5.60 -33.12
N ASN B 333 -13.42 -4.84 -32.04
CA ASN B 333 -14.70 -4.31 -31.59
C ASN B 333 -14.34 -2.97 -30.96
N MET B 334 -14.36 -1.91 -31.78
CA MET B 334 -13.91 -0.60 -31.32
C MET B 334 -14.96 0.29 -30.63
N ILE B 335 -15.18 0.01 -29.35
CA ILE B 335 -16.09 0.77 -28.57
C ILE B 335 -15.26 1.66 -27.63
N ALA B 336 -15.61 2.94 -27.64
CA ALA B 336 -14.92 3.93 -26.81
C ALA B 336 -15.88 5.03 -26.41
N LEU B 337 -15.55 5.74 -25.34
CA LEU B 337 -16.38 6.84 -24.84
C LEU B 337 -16.25 8.11 -25.69
N VAL B 338 -17.36 8.52 -26.28
N VAL B 338 -17.40 8.52 -26.37
CA VAL B 338 -17.43 9.76 -27.06
CA VAL B 338 -17.46 9.76 -27.15
C VAL B 338 -18.43 10.61 -26.30
C VAL B 338 -18.46 10.61 -26.40
N ASN B 339 -18.00 11.75 -25.76
N ASN B 339 -17.92 11.68 -25.83
CA ASN B 339 -18.84 12.56 -24.84
CA ASN B 339 -18.71 12.63 -25.07
C ASN B 339 -19.48 11.73 -23.74
C ASN B 339 -19.46 11.91 -23.96
N GLY B 340 -18.68 10.88 -23.10
N GLY B 340 -18.74 11.03 -23.25
CA GLY B 340 -19.20 10.13 -21.99
CA GLY B 340 -19.31 10.33 -22.10
C GLY B 340 -20.30 9.15 -22.31
C GLY B 340 -20.19 9.11 -22.31
N ARG B 341 -20.31 8.66 -23.54
CA ARG B 341 -21.20 7.61 -23.90
C ARG B 341 -20.46 6.54 -24.66
N PRO B 342 -20.88 5.29 -24.45
CA PRO B 342 -20.17 4.30 -25.26
C PRO B 342 -20.61 4.34 -26.71
N LYS B 343 -19.66 4.27 -27.63
CA LYS B 343 -20.03 4.33 -29.04
C LYS B 343 -19.09 3.51 -29.92
N LEU B 344 -19.69 2.73 -30.83
CA LEU B 344 -18.93 1.95 -31.79
C LEU B 344 -18.46 2.90 -32.88
N ILE B 345 -17.15 2.99 -33.06
CA ILE B 345 -16.56 3.90 -34.04
C ILE B 345 -15.59 3.22 -35.02
N ASN B 346 -15.48 3.81 -36.21
CA ASN B 346 -14.57 3.31 -37.23
C ASN B 346 -13.22 4.05 -37.12
N LEU B 347 -12.30 3.79 -38.05
CA LEU B 347 -10.98 4.40 -38.01
C LEU B 347 -11.01 5.92 -38.16
N LYS B 348 -11.86 6.41 -39.06
CA LYS B 348 -11.94 7.84 -39.30
C LYS B 348 -12.55 8.58 -38.10
N GLU B 349 -13.72 8.08 -37.68
CA GLU B 349 -14.38 8.71 -36.54
C GLU B 349 -13.44 8.80 -35.34
N ALA B 350 -12.55 7.79 -35.09
CA ALA B 350 -11.57 7.80 -34.01
C ALA B 350 -10.56 8.92 -34.22
N LEU B 351 -10.01 9.00 -35.42
CA LEU B 351 -9.04 10.06 -35.76
C LEU B 351 -9.66 11.46 -35.69
N VAL B 352 -10.95 11.58 -36.06
CA VAL B 352 -11.67 12.86 -36.04
C VAL B 352 -11.79 13.42 -34.62
N HIS B 353 -12.35 12.62 -33.72
CA HIS B 353 -12.49 13.01 -32.33
C HIS B 353 -11.14 13.32 -31.67
N TYR B 354 -10.09 12.62 -32.09
CA TYR B 354 -8.78 12.87 -31.52
C TYR B 354 -8.23 14.21 -32.02
N LEU B 355 -8.39 14.47 -33.31
CA LEU B 355 -7.94 15.73 -33.90
C LEU B 355 -8.66 16.94 -33.30
N GLU B 356 -9.94 16.77 -32.99
CA GLU B 356 -10.74 17.83 -32.40
C GLU B 356 -10.30 18.10 -30.97
N HIS B 357 -9.81 17.04 -30.31
CA HIS B 357 -9.28 17.16 -28.96
C HIS B 357 -7.97 17.94 -29.00
N GLN B 358 -7.17 17.69 -30.04
CA GLN B 358 -5.89 18.39 -30.22
C GLN B 358 -6.07 19.87 -30.58
N LYS B 359 -7.10 20.17 -31.37
CA LYS B 359 -7.41 21.53 -31.75
C LYS B 359 -7.85 22.34 -30.53
N THR B 360 -8.62 21.69 -29.66
CA THR B 360 -9.12 22.29 -28.42
C THR B 360 -8.00 22.53 -27.39
N VAL B 361 -7.14 21.52 -27.20
CA VAL B 361 -6.02 21.61 -26.26
C VAL B 361 -5.08 22.76 -26.60
N VAL B 362 -4.59 22.78 -27.84
CA VAL B 362 -3.67 23.82 -28.32
C VAL B 362 -4.29 25.23 -28.27
N ARG B 363 -5.60 25.32 -28.53
CA ARG B 363 -6.30 26.61 -28.46
C ARG B 363 -6.38 27.09 -27.01
N ARG B 364 -6.82 26.21 -26.12
CA ARG B 364 -6.95 26.54 -24.70
C ARG B 364 -5.58 26.88 -24.11
N ARG B 365 -4.52 26.31 -24.68
CA ARG B 365 -3.16 26.58 -24.25
C ARG B 365 -2.76 28.01 -24.62
N THR B 366 -3.05 28.40 -25.87
CA THR B 366 -2.72 29.73 -26.37
C THR B 366 -3.51 30.80 -25.60
N GLN B 367 -4.77 30.51 -25.29
CA GLN B 367 -5.61 31.43 -24.53
C GLN B 367 -5.07 31.62 -23.11
N TYR B 368 -4.59 30.54 -22.51
CA TYR B 368 -4.02 30.57 -21.16
C TYR B 368 -2.75 31.43 -21.12
N ASN B 369 -1.83 31.18 -22.05
CA ASN B 369 -0.59 31.94 -22.16
C ASN B 369 -0.86 33.41 -22.42
N LEU B 370 -1.96 33.71 -23.11
CA LEU B 370 -2.32 35.09 -23.39
C LEU B 370 -2.77 35.82 -22.12
N ARG B 371 -3.59 35.17 -21.30
CA ARG B 371 -4.05 35.75 -20.02
C ARG B 371 -2.86 35.98 -19.11
N LYS B 372 -2.05 34.92 -18.95
CA LYS B 372 -0.84 34.92 -18.13
C LYS B 372 0.13 36.05 -18.52
N ALA B 373 0.27 36.28 -19.83
CA ALA B 373 1.15 37.33 -20.35
C ALA B 373 0.62 38.72 -20.08
N LYS B 374 -0.68 38.93 -20.30
CA LYS B 374 -1.31 40.22 -20.05
C LYS B 374 -1.23 40.59 -18.58
N ASP B 375 -1.41 39.59 -17.72
CA ASP B 375 -1.28 39.77 -16.27
C ASP B 375 0.15 40.19 -15.95
N ARG B 376 1.12 39.56 -16.60
CA ARG B 376 2.52 39.86 -16.37
C ARG B 376 2.90 41.27 -16.86
N ALA B 377 2.37 41.68 -18.00
CA ALA B 377 2.64 43.00 -18.55
C ALA B 377 2.05 44.08 -17.64
N HIS B 378 0.89 43.78 -17.08
CA HIS B 378 0.22 44.67 -16.15
C HIS B 378 1.06 44.90 -14.88
N ILE B 379 1.62 43.83 -14.34
CA ILE B 379 2.48 43.93 -13.15
C ILE B 379 3.73 44.74 -13.46
N LEU B 380 4.36 44.45 -14.60
CA LEU B 380 5.57 45.16 -15.01
C LEU B 380 5.38 46.66 -15.17
N GLU B 381 4.18 47.07 -15.54
CA GLU B 381 3.84 48.49 -15.67
C GLU B 381 3.84 49.16 -14.29
N GLY B 382 3.37 48.41 -13.28
CA GLY B 382 3.34 48.88 -11.90
C GLY B 382 4.74 48.92 -11.29
N LEU B 383 5.62 48.04 -11.74
CA LEU B 383 7.00 48.01 -11.24
C LEU B 383 7.86 49.12 -11.87
N ARG B 384 7.55 49.47 -13.11
CA ARG B 384 8.25 50.54 -13.84
C ARG B 384 8.00 51.88 -13.15
N ILE B 385 6.73 52.12 -12.79
CA ILE B 385 6.33 53.33 -12.11
C ILE B 385 7.00 53.39 -10.73
N ALA B 386 7.02 52.25 -10.03
CA ALA B 386 7.65 52.16 -8.72
C ALA B 386 9.14 52.49 -8.74
N LEU B 387 9.90 51.88 -9.65
CA LEU B 387 11.33 52.13 -9.74
C LEU B 387 11.69 53.53 -10.25
N ASP B 388 10.87 54.09 -11.13
CA ASP B 388 11.12 55.43 -11.65
C ASP B 388 10.92 56.51 -10.59
N HIS B 389 10.02 56.23 -9.63
CA HIS B 389 9.71 57.14 -8.55
C HIS B 389 9.87 56.41 -7.23
N ILE B 390 10.97 55.67 -7.10
CA ILE B 390 11.23 54.88 -5.90
C ILE B 390 11.24 55.65 -4.56
N ASP B 391 11.82 56.83 -4.53
CA ASP B 391 11.89 57.61 -3.32
C ASP B 391 10.52 57.99 -2.83
N GLU B 392 9.65 58.35 -3.76
CA GLU B 392 8.29 58.70 -3.44
C GLU B 392 7.53 57.49 -2.90
N ILE B 393 7.76 56.35 -3.52
CA ILE B 393 7.12 55.11 -3.12
C ILE B 393 7.53 54.70 -1.71
N ILE B 394 8.80 54.79 -1.41
CA ILE B 394 9.32 54.45 -0.11
C ILE B 394 8.80 55.33 1.02
N SER B 395 8.69 56.62 0.81
CA SER B 395 8.19 57.50 1.85
C SER B 395 6.72 57.24 2.11
N THR B 396 5.99 56.92 1.05
CA THR B 396 4.59 56.60 1.13
C THR B 396 4.33 55.35 1.98
N ILE B 397 5.23 54.38 1.91
CA ILE B 397 5.09 53.16 2.69
C ILE B 397 5.43 53.41 4.16
N ARG B 398 6.55 54.09 4.40
CA ARG B 398 7.02 54.41 5.76
C ARG B 398 6.01 55.20 6.58
N GLU B 399 5.37 56.18 5.96
CA GLU B 399 4.37 57.03 6.62
C GLU B 399 3.06 56.29 6.89
N SER B 400 2.92 55.10 6.32
CA SER B 400 1.72 54.29 6.51
C SER B 400 1.97 53.32 7.66
N ASP B 401 0.98 53.22 8.54
CA ASP B 401 1.08 52.33 9.70
C ASP B 401 0.74 50.88 9.36
N THR B 402 -0.32 50.66 8.57
CA THR B 402 -0.72 49.31 8.17
C THR B 402 -0.50 49.06 6.67
N ASP B 403 -0.70 47.81 6.25
CA ASP B 403 -0.56 47.40 4.87
C ASP B 403 -1.70 47.93 4.03
N LYS B 404 -2.91 47.93 4.62
CA LYS B 404 -4.09 48.41 3.93
C LYS B 404 -3.92 49.87 3.55
N VAL B 405 -3.40 50.66 4.48
CA VAL B 405 -3.19 52.07 4.24
C VAL B 405 -2.17 52.30 3.14
N ALA B 406 -1.10 51.51 3.13
CA ALA B 406 -0.06 51.63 2.13
C ALA B 406 -0.61 51.34 0.74
N MET B 407 -1.44 50.31 0.64
CA MET B 407 -2.03 49.92 -0.63
C MET B 407 -2.90 51.02 -1.21
N GLU B 408 -3.72 51.61 -0.35
CA GLU B 408 -4.63 52.68 -0.75
C GLU B 408 -3.89 53.93 -1.20
N SER B 409 -2.82 54.27 -0.49
CA SER B 409 -2.02 55.43 -0.85
C SER B 409 -1.35 55.25 -2.20
N LEU B 410 -0.82 54.05 -2.41
CA LEU B 410 -0.14 53.72 -3.66
C LEU B 410 -1.06 53.75 -4.85
N GLN B 411 -2.27 53.25 -4.68
CA GLN B 411 -3.27 53.21 -5.74
C GLN B 411 -3.73 54.58 -6.24
N GLN B 412 -3.96 55.51 -5.32
CA GLN B 412 -4.43 56.83 -5.72
C GLN B 412 -3.34 57.82 -6.13
N ARG B 413 -2.22 57.80 -5.42
CA ARG B 413 -1.11 58.70 -5.70
C ARG B 413 -0.39 58.36 -7.00
N PHE B 414 -0.20 57.08 -7.26
CA PHE B 414 0.52 56.62 -8.44
C PHE B 414 -0.30 56.00 -9.57
N LYS B 415 -1.63 56.06 -9.48
CA LYS B 415 -2.51 55.52 -10.51
C LYS B 415 -2.29 54.02 -10.74
N LEU B 416 -2.37 53.25 -9.66
CA LEU B 416 -2.11 51.81 -9.70
C LEU B 416 -3.30 50.94 -9.32
N SER B 417 -3.33 49.73 -9.86
CA SER B 417 -4.38 48.77 -9.54
C SER B 417 -4.02 48.09 -8.21
N GLU B 418 -4.96 47.30 -7.70
CA GLU B 418 -4.77 46.59 -6.45
C GLU B 418 -3.61 45.57 -6.57
N LYS B 419 -3.53 44.90 -7.70
CA LYS B 419 -2.47 43.91 -7.95
C LYS B 419 -1.09 44.55 -8.09
N GLN B 420 -1.04 45.67 -8.81
CA GLN B 420 0.20 46.43 -9.00
C GLN B 420 0.78 46.91 -7.67
N ALA B 421 -0.09 47.43 -6.79
CA ALA B 421 0.33 47.92 -5.49
C ALA B 421 0.88 46.78 -4.62
N GLN B 422 0.19 45.64 -4.64
CA GLN B 422 0.59 44.45 -3.87
C GLN B 422 1.97 43.92 -4.29
N ALA B 423 2.23 43.86 -5.58
CA ALA B 423 3.50 43.38 -6.13
C ALA B 423 4.67 44.28 -5.75
N ILE B 424 4.38 45.57 -5.56
CA ILE B 424 5.37 46.55 -5.15
C ILE B 424 5.69 46.33 -3.67
N LEU B 425 4.67 46.01 -2.88
CA LEU B 425 4.90 45.75 -1.47
C LEU B 425 5.66 44.43 -1.27
N ASP B 426 5.39 43.44 -2.12
CA ASP B 426 6.07 42.14 -2.04
C ASP B 426 7.50 42.18 -2.58
N MET B 427 7.86 43.28 -3.23
CA MET B 427 9.17 43.48 -3.85
C MET B 427 10.31 43.60 -2.82
N ARG B 428 11.36 42.80 -3.01
CA ARG B 428 12.51 42.80 -2.10
C ARG B 428 13.44 43.96 -2.41
N LEU B 429 14.26 44.35 -1.42
CA LEU B 429 15.20 45.47 -1.59
C LEU B 429 16.28 45.23 -2.65
N ARG B 430 16.63 43.98 -2.89
CA ARG B 430 17.65 43.67 -3.89
C ARG B 430 17.16 43.95 -5.31
N ARG B 431 15.86 44.15 -5.46
CA ARG B 431 15.25 44.46 -6.74
C ARG B 431 15.48 45.94 -7.12
N LEU B 432 16.12 46.69 -6.22
CA LEU B 432 16.39 48.11 -6.45
C LEU B 432 17.78 48.38 -7.02
N THR B 433 18.51 47.32 -7.33
CA THR B 433 19.85 47.43 -7.91
C THR B 433 19.85 48.15 -9.24
N GLY B 434 21.02 48.68 -9.61
CA GLY B 434 21.21 49.51 -10.81
C GLY B 434 20.83 48.98 -12.18
N LEU B 435 20.79 47.66 -12.35
CA LEU B 435 20.47 47.06 -13.65
C LEU B 435 19.06 46.47 -13.78
N GLU B 436 18.29 46.48 -12.69
CA GLU B 436 16.93 45.95 -12.68
C GLU B 436 15.95 46.72 -13.55
N ARG B 437 16.07 48.04 -13.56
CA ARG B 437 15.19 48.92 -14.34
C ARG B 437 15.26 48.61 -15.85
N ASP B 438 16.45 48.25 -16.32
CA ASP B 438 16.64 47.90 -17.73
C ASP B 438 16.21 46.46 -17.98
N LYS B 439 16.43 45.60 -16.99
CA LYS B 439 16.04 44.19 -17.07
C LYS B 439 14.51 44.04 -17.19
N ILE B 440 13.78 44.91 -16.49
CA ILE B 440 12.32 44.93 -16.54
C ILE B 440 11.81 45.45 -17.88
N GLU B 441 12.45 46.51 -18.37
CA GLU B 441 12.09 47.12 -19.66
C GLU B 441 12.21 46.11 -20.80
N ALA B 442 13.27 45.31 -20.76
CA ALA B 442 13.52 44.26 -21.75
C ALA B 442 12.41 43.20 -21.73
N GLU B 443 12.08 42.71 -20.55
CA GLU B 443 11.03 41.71 -20.40
C GLU B 443 9.66 42.23 -20.85
N TYR B 444 9.36 43.47 -20.50
CA TYR B 444 8.08 44.06 -20.88
C TYR B 444 7.93 44.16 -22.41
N ASN B 445 9.00 44.58 -23.08
CA ASN B 445 9.01 44.70 -24.53
C ASN B 445 8.85 43.35 -25.20
N GLU B 446 9.52 42.35 -24.64
CA GLU B 446 9.47 41.00 -25.16
C GLU B 446 8.04 40.49 -25.04
N LEU B 447 7.42 40.81 -23.92
CA LEU B 447 6.05 40.40 -23.65
C LEU B 447 5.04 40.99 -24.62
N LEU B 448 5.22 42.25 -24.96
CA LEU B 448 4.31 42.91 -25.88
C LEU B 448 4.37 42.21 -27.22
N ASN B 449 5.58 41.86 -27.63
CA ASN B 449 5.79 41.14 -28.87
C ASN B 449 5.17 39.75 -28.81
N TYR B 450 5.33 39.11 -27.65
CA TYR B 450 4.80 37.78 -27.37
C TYR B 450 3.27 37.77 -27.35
N ILE B 451 2.68 38.81 -26.78
CA ILE B 451 1.23 38.91 -26.70
C ILE B 451 0.67 38.97 -28.12
N SER B 452 1.37 39.71 -28.96
CA SER B 452 0.98 39.87 -30.36
C SER B 452 1.02 38.55 -31.11
N GLU B 453 2.03 37.75 -30.83
CA GLU B 453 2.19 36.46 -31.48
C GLU B 453 1.05 35.51 -31.14
N LEU B 454 0.56 35.61 -29.91
CA LEU B 454 -0.51 34.75 -29.43
C LEU B 454 -1.88 35.16 -29.99
N GLU B 455 -2.10 36.46 -30.10
CA GLU B 455 -3.35 36.99 -30.66
C GLU B 455 -3.46 36.65 -32.15
N THR B 456 -2.32 36.67 -32.84
CA THR B 456 -2.22 36.32 -34.26
C THR B 456 -2.77 34.90 -34.53
N ILE B 457 -2.35 33.95 -33.69
CA ILE B 457 -2.77 32.55 -33.79
C ILE B 457 -4.27 32.35 -33.54
N LEU B 458 -4.81 33.00 -32.51
CA LEU B 458 -6.22 32.88 -32.16
C LEU B 458 -7.18 33.59 -33.12
N ALA B 459 -6.64 34.47 -33.95
CA ALA B 459 -7.46 35.23 -34.91
C ALA B 459 -7.55 34.50 -36.25
N ASP B 460 -6.73 33.46 -36.45
CA ASP B 460 -6.71 32.71 -37.69
C ASP B 460 -6.68 31.19 -37.45
N GLU B 461 -7.78 30.54 -37.79
CA GLU B 461 -7.95 29.08 -37.61
C GLU B 461 -6.91 28.21 -38.33
N GLU B 462 -6.36 28.71 -39.43
CA GLU B 462 -5.36 27.95 -40.20
C GLU B 462 -3.97 27.93 -39.54
N VAL B 463 -3.62 29.01 -38.84
CA VAL B 463 -2.33 29.10 -38.14
C VAL B 463 -2.36 28.21 -36.91
N LEU B 464 -3.54 28.07 -36.31
CA LEU B 464 -3.74 27.20 -35.14
C LEU B 464 -3.65 25.72 -35.52
N LEU B 465 -4.33 25.35 -36.61
CA LEU B 465 -4.32 23.97 -37.10
C LEU B 465 -2.92 23.56 -37.53
N GLN B 466 -2.23 24.45 -38.23
CA GLN B 466 -0.86 24.21 -38.69
C GLN B 466 0.06 23.99 -37.49
N LEU B 467 -0.20 24.71 -36.39
CA LEU B 467 0.58 24.59 -35.17
C LEU B 467 0.42 23.19 -34.56
N VAL B 468 -0.79 22.64 -34.65
CA VAL B 468 -1.05 21.29 -34.17
C VAL B 468 -0.25 20.31 -35.02
N ARG B 469 -0.24 20.55 -36.34
CA ARG B 469 0.50 19.71 -37.29
C ARG B 469 1.99 19.64 -36.95
N ASP B 470 2.60 20.80 -36.72
CA ASP B 470 4.03 20.89 -36.37
C ASP B 470 4.35 20.12 -35.09
N GLU B 471 3.50 20.30 -34.08
CA GLU B 471 3.71 19.62 -32.81
C GLU B 471 3.46 18.12 -32.94
N LEU B 472 2.54 17.72 -33.82
CA LEU B 472 2.32 16.30 -34.09
C LEU B 472 3.52 15.72 -34.83
N THR B 473 3.98 16.44 -35.85
CA THR B 473 5.12 16.04 -36.66
C THR B 473 6.36 15.90 -35.77
N GLU B 474 6.47 16.77 -34.78
CA GLU B 474 7.60 16.79 -33.85
C GLU B 474 7.59 15.51 -32.98
N ILE B 475 6.40 15.09 -32.55
CA ILE B 475 6.24 13.85 -31.78
C ILE B 475 6.66 12.68 -32.66
N ARG B 476 6.10 12.65 -33.87
CA ARG B 476 6.38 11.63 -34.87
C ARG B 476 7.88 11.40 -35.05
N ASP B 477 8.63 12.45 -35.39
CA ASP B 477 10.09 12.36 -35.61
C ASP B 477 10.88 11.89 -34.39
N ARG B 478 10.44 12.30 -33.21
CA ARG B 478 11.13 11.95 -31.98
C ARG B 478 10.75 10.58 -31.39
N PHE B 479 9.50 10.15 -31.56
CA PHE B 479 9.03 8.88 -31.00
C PHE B 479 8.62 7.82 -32.01
N GLY B 480 8.45 8.23 -33.27
CA GLY B 480 8.06 7.30 -34.33
C GLY B 480 9.10 6.22 -34.57
N ASP B 481 8.65 4.99 -34.77
CA ASP B 481 9.54 3.86 -35.01
C ASP B 481 9.08 2.99 -36.18
N ASP B 482 9.86 1.97 -36.49
CA ASP B 482 9.55 1.02 -37.54
C ASP B 482 8.37 0.10 -37.21
N ARG B 483 7.69 -0.32 -38.26
CA ARG B 483 6.60 -1.29 -38.14
C ARG B 483 7.17 -2.64 -37.64
N ARG B 484 6.48 -3.26 -36.69
CA ARG B 484 6.90 -4.53 -36.13
C ARG B 484 6.15 -5.72 -36.72
N THR B 485 4.84 -5.60 -36.84
CA THR B 485 4.03 -6.69 -37.40
C THR B 485 3.98 -6.63 -38.92
N GLU B 486 4.32 -7.74 -39.57
CA GLU B 486 4.30 -7.80 -41.04
C GLU B 486 2.93 -8.25 -41.56
N ILE B 487 2.38 -7.49 -42.49
CA ILE B 487 1.08 -7.79 -43.10
C ILE B 487 1.26 -8.50 -44.44
N GLN B 488 1.04 -9.80 -44.45
CA GLN B 488 1.17 -10.60 -45.66
C GLN B 488 -0.19 -10.81 -46.34
N LEU B 489 -0.17 -10.81 -47.66
CA LEU B 489 -1.38 -11.01 -48.43
C LEU B 489 -1.28 -12.31 -49.20
N GLY B 490 -2.28 -13.19 -49.08
CA GLY B 490 -3.45 -12.96 -48.23
C GLY B 490 -3.99 -14.24 -47.68
N LYS C 9 5.45 -26.75 -9.21
CA LYS C 9 6.20 -25.58 -8.69
C LYS C 9 7.61 -25.46 -9.27
N LEU C 10 8.21 -26.60 -9.60
CA LEU C 10 9.57 -26.64 -10.16
C LEU C 10 9.57 -26.25 -11.65
N ALA C 11 10.33 -25.22 -11.99
CA ALA C 11 10.50 -24.79 -13.38
C ALA C 11 11.82 -25.36 -13.87
N ASP C 12 11.74 -26.58 -14.41
CA ASP C 12 12.91 -27.35 -14.82
C ASP C 12 13.61 -26.83 -16.08
N CYS C 13 14.80 -27.36 -16.33
CA CYS C 13 15.62 -26.99 -17.49
C CYS C 13 15.51 -28.01 -18.63
N SER C 14 16.10 -27.67 -19.79
CA SER C 14 16.05 -28.51 -20.99
C SER C 14 16.88 -29.79 -20.89
N SER C 15 18.18 -29.62 -20.68
CA SER C 15 19.11 -30.74 -20.62
C SER C 15 18.78 -31.73 -19.49
N LYS C 16 19.08 -33.01 -19.74
CA LYS C 16 18.84 -34.05 -18.74
C LYS C 16 20.14 -34.72 -18.29
N SER C 17 21.25 -34.03 -18.54
CA SER C 17 22.57 -34.49 -18.11
C SER C 17 22.92 -33.71 -16.84
N PRO C 18 22.86 -34.39 -15.67
CA PRO C 18 23.10 -33.79 -14.36
C PRO C 18 24.47 -33.16 -14.17
N GLU C 19 25.46 -33.62 -14.91
CA GLU C 19 26.84 -33.12 -14.84
C GLU C 19 26.96 -31.62 -15.18
N GLU C 20 26.07 -31.14 -16.05
CA GLU C 20 26.08 -29.74 -16.47
C GLU C 20 24.88 -28.93 -15.94
N CYS C 21 23.91 -29.61 -15.35
CA CYS C 21 22.71 -28.96 -14.82
C CYS C 21 22.85 -28.41 -13.40
N GLU C 22 22.06 -27.40 -13.09
CA GLU C 22 22.04 -26.75 -11.78
C GLU C 22 20.64 -26.26 -11.39
N ILE C 23 20.36 -26.27 -10.08
CA ILE C 23 19.05 -25.85 -9.57
C ILE C 23 19.13 -24.76 -8.49
N PHE C 24 18.57 -23.59 -8.80
CA PHE C 24 18.58 -22.45 -7.90
C PHE C 24 17.36 -22.43 -6.99
N LEU C 25 17.63 -22.31 -5.70
CA LEU C 25 16.57 -22.26 -4.70
C LEU C 25 16.36 -20.81 -4.26
N VAL C 26 15.17 -20.29 -4.52
CA VAL C 26 14.83 -18.91 -4.17
C VAL C 26 13.72 -18.87 -3.13
N GLU C 27 13.52 -17.69 -2.54
CA GLU C 27 12.50 -17.50 -1.49
C GLU C 27 11.04 -17.60 -1.94
N GLY C 28 10.73 -17.16 -3.16
CA GLY C 28 9.36 -17.19 -3.66
C GLY C 28 9.19 -16.75 -5.10
N ASP C 29 7.95 -16.48 -5.51
CA ASP C 29 7.64 -16.05 -6.87
C ASP C 29 8.09 -14.61 -7.20
N SER C 30 8.15 -13.73 -6.19
CA SER C 30 8.64 -12.36 -6.41
C SER C 30 10.10 -12.42 -6.85
N ALA C 31 10.86 -13.31 -6.21
CA ALA C 31 12.25 -13.53 -6.55
C ALA C 31 12.36 -14.46 -7.76
N GLY C 32 11.47 -15.45 -7.82
CA GLY C 32 11.47 -16.43 -8.91
C GLY C 32 11.32 -15.85 -10.29
N GLY C 33 10.53 -14.77 -10.41
CA GLY C 33 10.30 -14.10 -11.69
C GLY C 33 11.58 -13.54 -12.30
N SER C 34 12.32 -12.76 -11.51
CA SER C 34 13.58 -12.20 -11.99
C SER C 34 14.57 -13.31 -12.31
N THR C 35 14.45 -14.41 -11.59
CA THR C 35 15.32 -15.58 -11.74
C THR C 35 15.04 -16.33 -13.04
N LYS C 36 13.76 -16.59 -13.31
CA LYS C 36 13.34 -17.31 -14.52
C LYS C 36 13.63 -16.53 -15.81
N SER C 37 13.47 -15.21 -15.76
CA SER C 37 13.73 -14.35 -16.90
C SER C 37 15.22 -14.17 -17.18
N GLY C 38 16.02 -14.23 -16.17
CA GLY C 38 17.40 -14.10 -16.31
C GLY C 38 18.26 -15.30 -16.47
N ARG C 39 17.77 -16.51 -16.37
CA ARG C 39 18.56 -17.68 -16.45
C ARG C 39 18.83 -18.20 -17.81
N ASP C 40 19.44 -19.33 -17.85
CA ASP C 40 19.62 -20.11 -19.02
C ASP C 40 18.74 -21.31 -18.78
N SER C 41 17.58 -21.40 -19.38
CA SER C 41 16.69 -22.55 -19.19
C SER C 41 17.22 -23.86 -19.76
N ARG C 42 18.39 -23.83 -20.38
CA ARG C 42 18.95 -25.05 -20.91
C ARG C 42 19.59 -25.87 -19.80
N THR C 43 20.29 -25.19 -18.91
CA THR C 43 21.00 -25.86 -17.81
C THR C 43 20.62 -25.38 -16.39
N GLN C 44 19.81 -24.32 -16.30
CA GLN C 44 19.46 -23.77 -14.99
C GLN C 44 18.00 -23.94 -14.57
N ALA C 45 17.81 -24.81 -13.59
CA ALA C 45 16.50 -25.11 -13.02
C ALA C 45 16.24 -24.16 -11.85
N ILE C 46 14.95 -23.90 -11.59
CA ILE C 46 14.56 -22.99 -10.52
C ILE C 46 13.40 -23.55 -9.72
N LEU C 47 13.56 -23.56 -8.40
CA LEU C 47 12.51 -24.01 -7.49
C LEU C 47 12.23 -22.95 -6.45
N PRO C 48 11.17 -22.14 -6.67
CA PRO C 48 10.79 -21.17 -5.66
C PRO C 48 10.03 -21.82 -4.50
N LEU C 49 10.40 -21.44 -3.28
CA LEU C 49 9.78 -21.96 -2.07
C LEU C 49 8.77 -20.95 -1.56
N ARG C 50 8.46 -20.99 -0.26
CA ARG C 50 7.50 -20.05 0.34
C ARG C 50 8.03 -19.49 1.67
N GLY C 51 9.19 -18.83 1.61
CA GLY C 51 9.82 -18.21 2.78
C GLY C 51 10.52 -19.16 3.73
N LYS C 52 10.46 -18.83 5.03
CA LYS C 52 11.09 -19.63 6.08
C LYS C 52 10.62 -21.08 5.95
N ILE C 53 11.58 -22.01 5.89
CA ILE C 53 11.23 -23.44 5.78
C ILE C 53 11.25 -24.08 7.15
N LEU C 54 10.66 -25.26 7.24
CA LEU C 54 10.62 -26.03 8.47
C LEU C 54 12.03 -26.31 9.01
N ASN C 55 12.21 -26.09 10.31
CA ASN C 55 13.49 -26.40 10.97
C ASN C 55 13.53 -27.87 11.36
N VAL C 56 14.30 -28.66 10.62
CA VAL C 56 14.38 -30.12 10.83
C VAL C 56 15.05 -30.58 12.15
N GLU C 57 15.81 -29.69 12.78
CA GLU C 57 16.49 -29.99 14.04
C GLU C 57 15.51 -29.96 15.23
N LYS C 58 14.37 -29.28 15.06
CA LYS C 58 13.35 -29.15 16.11
C LYS C 58 12.06 -29.94 15.82
N ALA C 59 11.78 -30.19 14.54
CA ALA C 59 10.56 -30.90 14.13
C ALA C 59 10.71 -32.43 14.11
N ARG C 60 9.58 -33.11 14.29
CA ARG C 60 9.52 -34.58 14.32
C ARG C 60 9.59 -35.20 12.93
N LEU C 61 10.16 -36.41 12.86
CA LEU C 61 10.36 -37.16 11.61
C LEU C 61 9.15 -37.18 10.66
N ASP C 62 7.97 -37.47 11.18
N ASP C 62 8.00 -37.44 11.24
CA ASP C 62 6.74 -37.55 10.37
CA ASP C 62 6.74 -37.53 10.52
C ASP C 62 6.27 -36.19 9.82
C ASP C 62 6.34 -36.22 9.86
N ARG C 63 6.51 -35.13 10.58
CA ARG C 63 6.12 -33.77 10.21
C ARG C 63 6.95 -33.27 9.02
N ILE C 64 8.24 -33.64 9.02
CA ILE C 64 9.19 -33.27 7.98
C ILE C 64 8.83 -33.87 6.62
N LEU C 65 8.48 -35.17 6.61
CA LEU C 65 8.13 -35.90 5.40
C LEU C 65 6.78 -35.49 4.82
N ASN C 66 5.98 -34.81 5.64
CA ASN C 66 4.65 -34.35 5.24
C ASN C 66 4.69 -32.89 4.74
N ASN C 67 5.78 -32.19 5.08
CA ASN C 67 5.97 -30.80 4.68
C ASN C 67 6.11 -30.62 3.17
N ASN C 68 5.21 -29.81 2.61
CA ASN C 68 5.10 -29.56 1.18
C ASN C 68 6.40 -29.09 0.48
N GLU C 69 7.14 -28.18 1.09
CA GLU C 69 8.39 -27.67 0.50
C GLU C 69 9.52 -28.67 0.58
N ILE C 70 9.54 -29.45 1.65
CA ILE C 70 10.53 -30.51 1.87
C ILE C 70 10.40 -31.57 0.78
N ARG C 71 9.16 -31.97 0.49
CA ARG C 71 8.91 -32.97 -0.54
C ARG C 71 9.33 -32.49 -1.93
N GLN C 72 9.06 -31.22 -2.23
CA GLN C 72 9.42 -30.63 -3.53
C GLN C 72 10.92 -30.66 -3.79
N MET C 73 11.71 -30.41 -2.75
CA MET C 73 13.17 -30.44 -2.87
C MET C 73 13.70 -31.86 -3.10
N ILE C 74 13.15 -32.83 -2.36
CA ILE C 74 13.55 -34.24 -2.50
C ILE C 74 13.17 -34.74 -3.89
N THR C 75 11.95 -34.41 -4.33
CA THR C 75 11.46 -34.79 -5.65
C THR C 75 12.33 -34.12 -6.72
N ALA C 76 12.76 -32.89 -6.45
CA ALA C 76 13.61 -32.14 -7.38
C ALA C 76 15.00 -32.78 -7.52
N PHE C 77 15.61 -33.12 -6.39
CA PHE C 77 16.95 -33.72 -6.40
C PHE C 77 16.93 -35.19 -6.84
N GLY C 78 15.84 -35.89 -6.54
CA GLY C 78 15.64 -37.29 -6.91
C GLY C 78 16.62 -38.30 -6.34
N THR C 79 17.10 -38.04 -5.12
CA THR C 79 18.07 -38.93 -4.46
C THR C 79 17.51 -39.69 -3.26
N GLY C 80 16.38 -39.24 -2.73
CA GLY C 80 15.83 -39.85 -1.52
C GLY C 80 16.59 -39.31 -0.32
N ILE C 81 16.17 -39.71 0.88
CA ILE C 81 16.81 -39.20 2.10
C ILE C 81 17.22 -40.27 3.12
N GLY C 82 18.26 -39.95 3.88
CA GLY C 82 18.77 -40.84 4.93
C GLY C 82 19.44 -42.08 4.38
N GLY C 83 18.86 -43.23 4.72
CA GLY C 83 19.37 -44.54 4.29
C GLY C 83 19.12 -44.89 2.84
N ASP C 84 18.07 -44.30 2.27
CA ASP C 84 17.70 -44.55 0.86
C ASP C 84 18.37 -43.57 -0.12
N PHE C 85 19.34 -42.82 0.37
CA PHE C 85 20.07 -41.84 -0.43
C PHE C 85 20.97 -42.51 -1.47
N ASP C 86 20.95 -42.00 -2.69
CA ASP C 86 21.76 -42.52 -3.79
C ASP C 86 22.26 -41.34 -4.63
N LEU C 87 23.57 -41.10 -4.59
CA LEU C 87 24.17 -39.97 -5.31
C LEU C 87 24.14 -40.11 -6.83
N ALA C 88 24.18 -41.34 -7.32
CA ALA C 88 24.15 -41.61 -8.75
C ALA C 88 22.83 -41.21 -9.40
N LYS C 89 21.81 -41.00 -8.58
CA LYS C 89 20.47 -40.60 -9.05
C LYS C 89 20.22 -39.08 -8.95
N ALA C 90 21.27 -38.35 -8.57
CA ALA C 90 21.20 -36.89 -8.44
C ALA C 90 20.91 -36.24 -9.78
N ARG C 91 19.87 -35.41 -9.79
CA ARG C 91 19.39 -34.71 -10.97
C ARG C 91 20.25 -33.48 -11.33
N TYR C 92 20.95 -32.91 -10.35
CA TYR C 92 21.77 -31.71 -10.55
C TYR C 92 23.10 -31.81 -9.79
N HIS C 93 24.20 -31.55 -10.48
CA HIS C 93 25.52 -31.54 -9.83
C HIS C 93 25.80 -30.23 -9.11
N LYS C 94 24.84 -29.30 -9.17
CA LYS C 94 24.93 -28.03 -8.46
C LYS C 94 23.58 -27.57 -7.90
N ILE C 95 23.45 -27.68 -6.57
CA ILE C 95 22.26 -27.21 -5.84
C ILE C 95 22.68 -25.86 -5.29
N VAL C 96 22.10 -24.80 -5.83
CA VAL C 96 22.49 -23.45 -5.43
C VAL C 96 21.46 -22.76 -4.53
N ILE C 97 21.90 -22.38 -3.34
CA ILE C 97 21.04 -21.66 -2.41
C ILE C 97 21.20 -20.18 -2.74
N MET C 98 20.10 -19.55 -3.13
CA MET C 98 20.11 -18.14 -3.51
C MET C 98 18.95 -17.43 -2.82
N THR C 99 19.07 -17.25 -1.52
CA THR C 99 18.06 -16.53 -0.74
C THR C 99 18.26 -15.03 -0.95
N ASP C 100 17.36 -14.21 -0.41
CA ASP C 100 17.49 -12.76 -0.53
C ASP C 100 18.70 -12.28 0.27
N ALA C 101 19.24 -11.13 -0.11
CA ALA C 101 20.44 -10.57 0.55
C ALA C 101 20.11 -9.77 1.82
N ASP C 102 19.32 -10.35 2.71
CA ASP C 102 19.00 -9.72 3.99
C ASP C 102 19.11 -10.71 5.15
N VAL C 103 18.91 -10.22 6.38
CA VAL C 103 19.04 -11.06 7.57
C VAL C 103 18.10 -12.28 7.55
N ASP C 104 16.88 -12.07 7.06
CA ASP C 104 15.90 -13.14 6.94
C ASP C 104 16.28 -14.15 5.84
N GLY C 105 17.08 -13.69 4.86
CA GLY C 105 17.58 -14.54 3.79
C GLY C 105 18.72 -15.40 4.33
N ALA C 106 19.57 -14.79 5.15
CA ALA C 106 20.68 -15.51 5.77
C ALA C 106 20.13 -16.62 6.69
N HIS C 107 19.03 -16.31 7.38
CA HIS C 107 18.37 -17.27 8.26
C HIS C 107 17.79 -18.46 7.49
N ILE C 108 17.17 -18.18 6.34
CA ILE C 108 16.60 -19.24 5.48
C ILE C 108 17.72 -20.16 4.94
N ARG C 109 18.89 -19.58 4.69
CA ARG C 109 20.02 -20.35 4.21
C ARG C 109 20.41 -21.38 5.27
N THR C 110 20.52 -20.92 6.52
CA THR C 110 20.88 -21.80 7.63
C THR C 110 19.84 -22.91 7.79
N LEU C 111 18.57 -22.57 7.54
CA LEU C 111 17.48 -23.55 7.62
C LEU C 111 17.62 -24.64 6.56
N LEU C 112 18.00 -24.22 5.35
CA LEU C 112 18.19 -25.14 4.23
C LEU C 112 19.44 -25.98 4.43
N LEU C 113 20.51 -25.34 4.90
CA LEU C 113 21.77 -26.02 5.20
C LEU C 113 21.53 -27.09 6.26
N THR C 114 20.75 -26.74 7.27
CA THR C 114 20.37 -27.67 8.33
C THR C 114 19.66 -28.88 7.73
N PHE C 115 18.75 -28.62 6.79
CA PHE C 115 18.04 -29.68 6.09
C PHE C 115 18.95 -30.57 5.25
N PHE C 116 19.87 -29.97 4.50
CA PHE C 116 20.79 -30.74 3.64
C PHE C 116 21.77 -31.61 4.44
N TYR C 117 22.15 -31.15 5.63
CA TYR C 117 23.12 -31.86 6.46
C TYR C 117 22.55 -33.06 7.22
N ARG C 118 21.26 -32.99 7.56
CA ARG C 118 20.62 -34.05 8.36
C ARG C 118 19.97 -35.15 7.54
N PHE C 119 19.65 -34.86 6.28
CA PHE C 119 18.97 -35.83 5.43
C PHE C 119 19.65 -36.13 4.10
N MET C 120 20.54 -35.25 3.66
CA MET C 120 21.25 -35.40 2.40
C MET C 120 22.73 -35.04 2.57
N ARG C 121 23.28 -35.43 3.72
CA ARG C 121 24.67 -35.16 4.08
C ARG C 121 25.70 -35.45 2.96
N PRO C 122 25.58 -36.62 2.28
CA PRO C 122 26.51 -36.96 1.20
C PRO C 122 26.51 -35.99 0.01
N LEU C 123 25.45 -35.17 -0.08
CA LEU C 123 25.31 -34.20 -1.15
C LEU C 123 26.25 -33.03 -0.89
N ILE C 124 26.53 -32.77 0.39
CA ILE C 124 27.44 -31.72 0.80
C ILE C 124 28.90 -32.23 0.70
N GLU C 125 29.08 -33.52 0.99
CA GLU C 125 30.41 -34.16 0.95
C GLU C 125 30.93 -34.29 -0.49
N ALA C 126 30.01 -34.42 -1.44
CA ALA C 126 30.36 -34.55 -2.86
C ALA C 126 30.59 -33.20 -3.57
N GLY C 127 30.40 -32.11 -2.83
CA GLY C 127 30.58 -30.75 -3.36
C GLY C 127 29.45 -30.26 -4.25
N TYR C 128 28.27 -30.85 -4.10
CA TYR C 128 27.09 -30.49 -4.89
C TYR C 128 26.35 -29.22 -4.41
N VAL C 129 26.53 -28.84 -3.15
CA VAL C 129 25.84 -27.68 -2.57
C VAL C 129 26.64 -26.38 -2.70
N TYR C 130 25.97 -25.34 -3.21
CA TYR C 130 26.58 -24.03 -3.42
C TYR C 130 25.76 -22.88 -2.84
N ILE C 131 26.44 -21.78 -2.55
CA ILE C 131 25.82 -20.57 -2.02
C ILE C 131 26.03 -19.44 -3.01
N ALA C 132 24.93 -18.91 -3.53
CA ALA C 132 24.99 -17.80 -4.47
C ALA C 132 25.30 -16.51 -3.73
N GLN C 133 25.74 -15.50 -4.47
CA GLN C 133 26.08 -14.21 -3.86
C GLN C 133 25.46 -13.00 -4.57
N PRO C 134 24.17 -12.75 -4.33
CA PRO C 134 23.51 -11.59 -4.92
C PRO C 134 23.99 -10.29 -4.27
N PRO C 135 23.97 -9.17 -4.99
CA PRO C 135 24.43 -7.87 -4.48
C PRO C 135 23.60 -7.33 -3.29
N THR C 136 24.28 -6.68 -2.35
CA THR C 136 23.64 -6.08 -1.19
C THR C 136 22.93 -4.78 -1.63
N GLY C 137 22.01 -4.29 -0.80
CA GLY C 137 21.26 -3.08 -1.14
C GLY C 137 19.96 -3.38 -1.86
N TYR C 138 19.57 -4.65 -1.86
CA TYR C 138 18.33 -5.13 -2.45
C TYR C 138 17.56 -5.90 -1.41
N LYS C 139 16.30 -5.52 -1.20
CA LYS C 139 15.43 -6.18 -0.23
C LYS C 139 15.10 -7.61 -0.67
N GLY C 140 15.14 -7.84 -1.98
CA GLY C 140 14.87 -9.14 -2.57
C GLY C 140 15.31 -9.19 -4.02
N LEU C 141 15.31 -10.40 -4.59
CA LEU C 141 15.72 -10.58 -5.98
C LEU C 141 14.67 -10.04 -6.95
N GLY C 142 13.43 -9.94 -6.49
CA GLY C 142 12.34 -9.39 -7.29
C GLY C 142 12.48 -7.88 -7.49
N GLU C 143 13.39 -7.28 -6.73
CA GLU C 143 13.70 -5.85 -6.82
C GLU C 143 14.75 -5.59 -7.91
N MET C 144 15.40 -6.64 -8.38
CA MET C 144 16.43 -6.55 -9.41
C MET C 144 15.89 -6.85 -10.80
N ASN C 145 16.50 -6.21 -11.81
CA ASN C 145 16.15 -6.51 -13.20
C ASN C 145 16.81 -7.82 -13.59
N ALA C 146 16.09 -8.61 -14.39
CA ALA C 146 16.56 -9.92 -14.85
C ALA C 146 18.05 -9.94 -15.25
N ASP C 147 18.46 -8.97 -16.06
CA ASP C 147 19.84 -8.89 -16.56
C ASP C 147 20.88 -8.70 -15.46
N GLN C 148 20.63 -7.77 -14.54
CA GLN C 148 21.59 -7.49 -13.46
C GLN C 148 21.72 -8.66 -12.47
N LEU C 149 20.70 -9.51 -12.40
CA LEU C 149 20.73 -10.71 -11.55
C LEU C 149 21.55 -11.79 -12.23
N TRP C 150 21.46 -11.89 -13.53
CA TRP C 150 22.22 -12.84 -14.32
C TRP C 150 23.69 -12.53 -14.38
N GLU C 151 24.02 -11.33 -14.76
CA GLU C 151 25.43 -10.94 -14.84
C GLU C 151 26.18 -11.03 -13.52
N THR C 152 25.55 -10.58 -12.44
CA THR C 152 26.20 -10.57 -11.13
C THR C 152 26.14 -11.87 -10.34
N THR C 153 25.06 -12.64 -10.49
CA THR C 153 24.86 -13.80 -9.63
C THR C 153 24.75 -15.17 -10.31
N MET C 154 24.19 -15.22 -11.52
CA MET C 154 23.93 -16.51 -12.18
C MET C 154 24.81 -16.87 -13.38
N ASN C 155 25.42 -15.87 -14.01
CA ASN C 155 26.25 -16.11 -15.21
C ASN C 155 27.55 -16.87 -14.90
N PRO C 156 27.65 -18.15 -15.45
CA PRO C 156 28.89 -18.85 -15.09
C PRO C 156 30.18 -18.06 -15.31
N GLU C 157 30.20 -17.19 -16.31
N GLU C 157 30.20 -17.18 -16.29
CA GLU C 157 31.36 -16.36 -16.59
CA GLU C 157 31.36 -16.37 -16.57
C GLU C 157 31.80 -15.41 -15.49
C GLU C 157 31.79 -15.42 -15.49
N HIS C 158 30.84 -14.72 -14.86
CA HIS C 158 31.15 -13.72 -13.83
C HIS C 158 30.68 -13.93 -12.41
N ARG C 159 30.00 -15.04 -12.13
CA ARG C 159 29.51 -15.27 -10.77
C ARG C 159 30.54 -15.87 -9.82
N ALA C 160 30.42 -15.54 -8.54
CA ALA C 160 31.29 -16.10 -7.52
C ALA C 160 30.50 -17.03 -6.59
N LEU C 161 30.32 -18.27 -7.03
CA LEU C 161 29.63 -19.26 -6.21
C LEU C 161 30.54 -19.80 -5.12
N LEU C 162 29.99 -19.96 -3.93
CA LEU C 162 30.74 -20.49 -2.80
C LEU C 162 30.35 -21.93 -2.61
N GLN C 163 31.34 -22.82 -2.71
CA GLN C 163 31.10 -24.24 -2.55
C GLN C 163 31.11 -24.61 -1.06
N VAL C 164 30.06 -25.30 -0.62
CA VAL C 164 29.98 -25.68 0.77
C VAL C 164 30.85 -26.90 1.00
N LYS C 165 31.78 -26.78 1.94
CA LYS C 165 32.69 -27.87 2.25
C LYS C 165 32.59 -28.28 3.71
N LEU C 166 32.58 -29.59 3.93
CA LEU C 166 32.52 -30.12 5.28
C LEU C 166 33.91 -30.55 5.73
N GLU C 167 34.43 -29.89 6.75
CA GLU C 167 35.76 -30.18 7.31
C GLU C 167 35.74 -31.20 8.45
N ASP C 168 35.23 -30.79 9.61
CA ASP C 168 35.16 -31.67 10.78
C ASP C 168 33.71 -32.08 11.03
N ALA C 169 33.47 -33.39 10.98
CA ALA C 169 32.12 -33.95 11.19
C ALA C 169 31.65 -33.86 12.65
N ILE C 170 32.59 -33.76 13.58
CA ILE C 170 32.28 -33.66 15.00
C ILE C 170 31.88 -32.23 15.34
N GLU C 171 32.69 -31.27 14.88
CA GLU C 171 32.44 -29.87 15.10
C GLU C 171 31.14 -29.42 14.41
N ALA C 172 30.83 -30.02 13.26
CA ALA C 172 29.63 -29.71 12.50
C ALA C 172 28.36 -30.19 13.21
N ASP C 173 28.41 -31.39 13.78
CA ASP C 173 27.29 -31.95 14.54
C ASP C 173 26.95 -31.08 15.75
N GLN C 174 27.99 -30.56 16.39
CA GLN C 174 27.88 -29.69 17.57
C GLN C 174 27.39 -28.29 17.20
N THR C 175 27.69 -27.84 15.99
CA THR C 175 27.27 -26.51 15.52
C THR C 175 25.77 -26.47 15.21
N PHE C 176 25.30 -27.43 14.41
CA PHE C 176 23.88 -27.52 14.05
C PHE C 176 22.99 -27.74 15.27
N GLU C 177 23.47 -28.53 16.23
CA GLU C 177 22.73 -28.81 17.46
C GLU C 177 22.64 -27.55 18.32
N MET C 178 23.73 -26.79 18.37
CA MET C 178 23.82 -25.57 19.16
C MET C 178 22.94 -24.43 18.61
N LEU C 179 23.05 -24.18 17.31
CA LEU C 179 22.32 -23.07 16.67
C LEU C 179 20.85 -23.36 16.35
N MET C 180 20.55 -24.57 15.91
CA MET C 180 19.19 -24.92 15.48
C MET C 180 18.44 -25.86 16.43
N GLY C 181 19.13 -26.35 17.45
CA GLY C 181 18.53 -27.29 18.41
C GLY C 181 17.53 -26.70 19.37
N ASP C 182 16.82 -27.57 20.08
CA ASP C 182 15.78 -27.18 21.03
C ASP C 182 16.26 -26.56 22.34
N VAL C 183 17.57 -26.54 22.60
CA VAL C 183 18.11 -25.96 23.83
C VAL C 183 18.47 -24.48 23.64
N VAL C 184 17.67 -23.60 24.27
CA VAL C 184 17.84 -22.14 24.17
C VAL C 184 19.15 -21.62 24.75
N GLU C 185 19.44 -22.00 26.00
CA GLU C 185 20.62 -21.52 26.72
C GLU C 185 21.96 -21.61 25.96
N ASN C 186 22.20 -22.72 25.28
CA ASN C 186 23.43 -22.91 24.49
C ASN C 186 23.55 -21.89 23.38
N ARG C 187 22.40 -21.58 22.79
CA ARG C 187 22.29 -20.62 21.72
C ARG C 187 22.44 -19.18 22.26
N ARG C 188 21.94 -18.93 23.48
CA ARG C 188 22.09 -17.62 24.12
C ARG C 188 23.55 -17.34 24.45
N GLN C 189 24.23 -18.36 24.98
CA GLN C 189 25.64 -18.28 25.33
C GLN C 189 26.51 -17.99 24.09
N PHE C 190 26.23 -18.68 22.99
CA PHE C 190 26.95 -18.46 21.74
C PHE C 190 26.86 -17.00 21.31
N ILE C 191 25.66 -16.41 21.45
CA ILE C 191 25.43 -15.01 21.10
C ILE C 191 26.24 -14.07 22.01
N GLU C 192 26.21 -14.32 23.32
CA GLU C 192 26.93 -13.51 24.29
C GLU C 192 28.45 -13.49 24.02
N ASP C 193 29.00 -14.65 23.70
CA ASP C 193 30.43 -14.79 23.45
C ASP C 193 30.90 -14.21 22.11
N ASN C 194 30.02 -14.24 21.11
CA ASN C 194 30.36 -13.78 19.76
C ASN C 194 29.75 -12.45 19.30
N ALA C 195 28.87 -11.87 20.12
CA ALA C 195 28.22 -10.60 19.77
C ALA C 195 29.18 -9.41 19.72
N VAL C 196 29.05 -8.61 18.67
CA VAL C 196 29.84 -7.39 18.48
C VAL C 196 28.86 -6.31 18.04
N TYR C 197 28.80 -5.22 18.80
CA TYR C 197 27.84 -4.15 18.55
C TYR C 197 28.45 -2.91 17.88
N ASN D 9 36.08 -18.62 -2.91
CA ASN D 9 35.32 -19.53 -3.75
C ASN D 9 34.91 -20.82 -3.05
N GLU D 10 35.37 -20.97 -1.82
CA GLU D 10 35.08 -22.16 -1.07
C GLU D 10 34.58 -21.68 0.28
N ARG D 11 33.56 -22.34 0.82
CA ARG D 11 33.02 -21.91 2.09
C ARG D 11 32.80 -23.06 3.05
N ASN D 12 33.41 -22.98 4.22
CA ASN D 12 33.25 -24.00 5.25
C ASN D 12 31.86 -23.94 5.88
N ILE D 13 31.17 -25.08 5.90
CA ILE D 13 29.80 -25.18 6.42
C ILE D 13 29.62 -24.73 7.88
N THR D 14 30.63 -25.00 8.73
CA THR D 14 30.58 -24.63 10.14
C THR D 14 30.68 -23.11 10.31
N SER D 15 31.54 -22.49 9.50
CA SER D 15 31.72 -21.04 9.53
C SER D 15 30.49 -20.32 8.97
N GLU D 16 29.93 -20.85 7.89
CA GLU D 16 28.76 -20.28 7.26
C GLU D 16 27.58 -20.25 8.22
N MET D 17 27.38 -21.37 8.93
CA MET D 17 26.31 -21.48 9.92
C MET D 17 26.46 -20.48 11.05
N ARG D 18 27.68 -20.36 11.59
CA ARG D 18 27.96 -19.45 12.70
C ARG D 18 27.84 -17.98 12.33
N GLU D 19 28.26 -17.62 11.11
CA GLU D 19 28.21 -16.23 10.66
C GLU D 19 26.81 -15.78 10.26
N SER D 20 26.13 -16.58 9.44
CA SER D 20 24.78 -16.26 9.00
C SER D 20 23.76 -16.25 10.15
N PHE D 21 23.81 -17.26 11.01
CA PHE D 21 22.87 -17.33 12.15
C PHE D 21 23.13 -16.20 13.15
N LEU D 22 24.39 -15.85 13.37
CA LEU D 22 24.74 -14.75 14.27
C LEU D 22 24.21 -13.46 13.66
N ASP D 23 24.40 -13.29 12.35
CA ASP D 23 23.93 -12.12 11.62
C ASP D 23 22.42 -11.94 11.86
N TYR D 24 21.68 -13.04 11.73
CA TYR D 24 20.24 -13.01 11.96
C TYR D 24 19.88 -12.82 13.45
N ALA D 25 20.54 -13.56 14.33
CA ALA D 25 20.28 -13.47 15.77
C ALA D 25 20.42 -12.04 16.28
N MET D 26 21.54 -11.41 15.92
CA MET D 26 21.86 -10.05 16.35
C MET D 26 20.84 -9.04 15.84
N SER D 27 20.44 -9.19 14.58
CA SER D 27 19.51 -8.27 13.96
C SER D 27 18.12 -8.26 14.60
N VAL D 28 17.66 -9.43 15.01
CA VAL D 28 16.38 -9.55 15.64
C VAL D 28 16.39 -9.01 17.07
N ILE D 29 17.54 -9.12 17.72
CA ILE D 29 17.78 -8.68 19.09
C ILE D 29 17.87 -7.17 19.17
N VAL D 30 18.66 -6.57 18.31
CA VAL D 30 18.87 -5.13 18.34
C VAL D 30 18.00 -4.30 17.40
N ALA D 31 17.36 -4.92 16.43
CA ALA D 31 16.54 -4.18 15.50
C ALA D 31 15.19 -4.80 15.14
N ARG D 32 14.55 -5.47 16.08
CA ARG D 32 13.26 -6.09 15.77
C ARG D 32 12.33 -6.48 16.92
N ALA D 33 12.72 -7.41 17.76
CA ALA D 33 11.87 -7.88 18.83
C ALA D 33 12.02 -7.24 20.22
N LEU D 34 13.16 -6.60 20.45
CA LEU D 34 13.40 -5.97 21.74
C LEU D 34 13.27 -4.44 21.71
N PRO D 35 12.61 -3.86 22.75
CA PRO D 35 12.40 -2.42 22.83
C PRO D 35 13.57 -1.68 23.49
N ASP D 36 13.72 -0.42 23.15
CA ASP D 36 14.77 0.38 23.74
C ASP D 36 14.29 0.80 25.13
N VAL D 37 15.19 0.83 26.10
CA VAL D 37 14.83 1.22 27.47
C VAL D 37 14.39 2.70 27.58
N ARG D 38 14.82 3.52 26.62
CA ARG D 38 14.54 4.97 26.65
C ARG D 38 13.14 5.39 26.15
N ASP D 39 12.70 4.84 25.03
CA ASP D 39 11.39 5.16 24.51
C ASP D 39 10.42 3.99 24.55
N GLY D 40 10.92 2.84 24.96
CA GLY D 40 10.15 1.60 25.07
C GLY D 40 9.60 1.10 23.76
N LEU D 41 10.25 1.47 22.66
CA LEU D 41 9.81 1.09 21.34
C LEU D 41 10.70 0.11 20.58
N LYS D 42 10.07 -0.54 19.62
CA LYS D 42 10.75 -1.44 18.72
C LYS D 42 10.97 -0.63 17.45
N PRO D 43 11.86 -1.13 16.52
CA PRO D 43 12.02 -0.30 15.32
C PRO D 43 10.77 0.00 14.50
N VAL D 44 9.89 -0.98 14.34
CA VAL D 44 8.66 -0.80 13.56
C VAL D 44 7.71 0.21 14.20
N HIS D 45 7.57 0.16 15.51
CA HIS D 45 6.70 1.09 16.21
C HIS D 45 7.19 2.54 16.12
N ARG D 46 8.50 2.72 16.24
CA ARG D 46 9.15 4.02 16.17
C ARG D 46 9.09 4.63 14.78
N ARG D 47 9.14 3.77 13.78
CA ARG D 47 9.09 4.18 12.37
C ARG D 47 7.67 4.59 11.98
N ILE D 48 6.68 3.92 12.55
CA ILE D 48 5.28 4.26 12.32
C ILE D 48 4.93 5.61 12.91
N LEU D 49 5.39 5.85 14.13
CA LEU D 49 5.12 7.11 14.82
C LEU D 49 5.81 8.30 14.18
N TYR D 50 7.02 8.07 13.72
CA TYR D 50 7.80 9.08 13.08
C TYR D 50 7.18 9.43 11.74
N GLY D 51 6.65 8.43 11.06
CA GLY D 51 5.99 8.64 9.80
C GLY D 51 4.80 9.54 9.96
N LEU D 52 4.02 9.35 11.01
CA LEU D 52 2.86 10.17 11.32
C LEU D 52 3.28 11.59 11.68
N ASN D 53 4.42 11.72 12.33
CA ASN D 53 4.98 13.02 12.69
C ASN D 53 5.48 13.86 11.51
N GLU D 54 6.16 13.21 10.58
CA GLU D 54 6.73 13.90 9.41
C GLU D 54 5.68 14.29 8.39
N GLN D 55 4.58 13.55 8.39
CA GLN D 55 3.47 13.79 7.48
C GLN D 55 2.43 14.68 8.11
N GLY D 56 2.74 15.14 9.32
CA GLY D 56 1.90 16.01 10.09
C GLY D 56 0.54 15.50 10.46
N MET D 57 0.44 14.20 10.69
CA MET D 57 -0.82 13.59 11.03
C MET D 57 -1.07 13.68 12.52
N THR D 58 -1.28 14.90 12.95
CA THR D 58 -1.53 15.22 14.34
C THR D 58 -2.98 15.07 14.76
N PRO D 59 -3.22 14.94 16.12
CA PRO D 59 -4.65 14.79 16.46
C PRO D 59 -5.61 15.93 16.12
N ASP D 60 -5.12 17.14 15.87
CA ASP D 60 -5.94 18.28 15.45
C ASP D 60 -6.35 18.19 13.98
N LYS D 61 -5.53 17.48 13.18
CA LYS D 61 -5.83 17.28 11.76
C LYS D 61 -6.79 16.10 11.59
N SER D 62 -7.32 15.95 10.39
CA SER D 62 -8.25 14.87 10.10
C SER D 62 -7.52 13.53 9.88
N TYR D 63 -8.29 12.44 9.94
CA TYR D 63 -7.76 11.10 9.75
C TYR D 63 -7.19 10.88 8.34
N LYS D 64 -5.97 10.34 8.29
CA LYS D 64 -5.28 10.03 7.06
C LYS D 64 -5.41 8.56 6.73
N LYS D 65 -5.22 8.22 5.47
CA LYS D 65 -5.36 6.83 5.02
C LYS D 65 -4.24 5.89 5.47
N SER D 66 -4.63 4.76 6.05
CA SER D 66 -3.69 3.75 6.52
C SER D 66 -2.76 3.29 5.41
N ALA D 67 -3.31 3.18 4.21
CA ALA D 67 -2.56 2.77 3.03
C ALA D 67 -1.37 3.69 2.75
N ARG D 68 -1.60 5.00 2.82
CA ARG D 68 -0.54 6.00 2.60
C ARG D 68 0.48 5.93 3.73
N ILE D 69 0.01 5.82 4.96
CA ILE D 69 0.87 5.71 6.12
C ILE D 69 1.80 4.53 5.98
N VAL D 70 1.22 3.35 5.84
CA VAL D 70 1.99 2.12 5.67
C VAL D 70 2.92 2.19 4.45
N GLY D 71 2.42 2.72 3.36
CA GLY D 71 3.20 2.87 2.17
C GLY D 71 4.42 3.76 2.29
N ASP D 72 4.31 4.82 3.07
CA ASP D 72 5.38 5.74 3.30
C ASP D 72 6.39 5.18 4.25
N VAL D 73 5.94 4.62 5.37
CA VAL D 73 6.82 3.99 6.34
C VAL D 73 7.67 2.88 5.71
N MET D 74 7.03 2.00 4.94
CA MET D 74 7.69 0.89 4.30
C MET D 74 8.81 1.35 3.37
N GLY D 75 8.51 2.33 2.52
CA GLY D 75 9.47 2.84 1.55
C GLY D 75 10.59 3.67 2.14
N LYS D 76 10.27 4.52 3.06
CA LYS D 76 11.24 5.38 3.66
C LYS D 76 12.08 4.80 4.81
N TYR D 77 11.46 4.07 5.72
CA TYR D 77 12.17 3.54 6.88
C TYR D 77 12.14 2.04 7.15
N HIS D 78 11.00 1.41 6.92
CA HIS D 78 10.82 -0.03 7.18
C HIS D 78 10.85 -0.94 5.94
N PRO D 79 12.10 -1.52 5.72
CA PRO D 79 12.23 -2.37 4.53
C PRO D 79 11.69 -3.77 4.75
N HIS D 80 10.43 -3.88 5.14
CA HIS D 80 9.83 -5.18 5.42
C HIS D 80 8.38 -5.26 4.93
N GLY D 81 7.74 -6.38 5.19
CA GLY D 81 6.35 -6.63 4.77
C GLY D 81 5.36 -5.61 5.27
N ASP D 82 4.45 -5.22 4.40
CA ASP D 82 3.41 -4.25 4.72
C ASP D 82 2.41 -4.75 5.75
N SER D 83 2.19 -6.06 5.80
CA SER D 83 1.25 -6.65 6.75
C SER D 83 1.76 -6.54 8.19
N SER D 84 3.07 -6.60 8.37
CA SER D 84 3.70 -6.46 9.68
C SER D 84 3.57 -5.03 10.20
N ILE D 85 3.79 -4.08 9.30
CA ILE D 85 3.70 -2.64 9.62
C ILE D 85 2.28 -2.29 10.01
N TYR D 86 1.33 -2.66 9.15
CA TYR D 86 -0.08 -2.36 9.39
C TYR D 86 -0.58 -3.00 10.69
N GLU D 87 -0.21 -4.24 10.94
CA GLU D 87 -0.66 -4.94 12.16
C GLU D 87 -0.10 -4.34 13.45
N ALA D 88 1.13 -3.82 13.37
CA ALA D 88 1.76 -3.14 14.50
C ALA D 88 1.05 -1.81 14.78
N MET D 89 0.70 -1.08 13.72
CA MET D 89 -0.03 0.18 13.86
C MET D 89 -1.41 -0.05 14.47
N VAL D 90 -2.09 -1.11 14.02
CA VAL D 90 -3.42 -1.46 14.52
C VAL D 90 -3.38 -1.76 16.02
N ARG D 91 -2.40 -2.55 16.43
CA ARG D 91 -2.25 -2.91 17.84
C ARG D 91 -2.13 -1.66 18.73
N MET D 92 -1.41 -0.64 18.23
CA MET D 92 -1.22 0.62 18.95
C MET D 92 -2.50 1.44 19.13
N ALA D 93 -3.54 1.10 18.36
CA ALA D 93 -4.84 1.80 18.40
C ALA D 93 -5.88 1.09 19.27
N GLN D 94 -5.57 -0.14 19.70
CA GLN D 94 -6.49 -0.96 20.47
C GLN D 94 -6.43 -0.66 21.98
N ASP D 95 -7.55 -0.22 22.54
CA ASP D 95 -7.60 0.14 23.97
C ASP D 95 -7.55 -1.05 24.91
N PHE D 96 -7.55 -2.27 24.34
CA PHE D 96 -7.43 -3.50 25.12
C PHE D 96 -6.00 -4.07 25.08
N SER D 97 -5.16 -3.53 24.19
CA SER D 97 -3.75 -3.97 24.05
C SER D 97 -2.79 -2.93 24.59
N TYR D 98 -3.14 -1.67 24.40
CA TYR D 98 -2.32 -0.55 24.86
C TYR D 98 -2.98 0.23 26.00
N ARG D 99 -2.32 0.24 27.16
CA ARG D 99 -2.76 0.95 28.35
C ARG D 99 -2.99 2.43 28.02
N TYR D 100 -2.13 2.96 27.16
CA TYR D 100 -2.23 4.33 26.68
C TYR D 100 -2.08 4.29 25.17
N PRO D 101 -3.24 4.05 24.46
CA PRO D 101 -3.08 3.97 22.99
C PRO D 101 -2.22 5.04 22.33
N LEU D 102 -1.48 4.64 21.30
CA LEU D 102 -0.60 5.55 20.59
C LEU D 102 -1.14 5.94 19.21
N VAL D 103 -2.09 5.16 18.72
CA VAL D 103 -2.71 5.41 17.43
C VAL D 103 -4.22 5.59 17.61
N ASP D 104 -4.74 6.68 17.04
CA ASP D 104 -6.16 6.99 17.04
C ASP D 104 -6.67 6.53 15.69
N GLY D 105 -7.43 5.43 15.69
CA GLY D 105 -7.93 4.87 14.44
C GLY D 105 -9.40 5.03 14.14
N GLN D 106 -9.73 5.14 12.86
CA GLN D 106 -11.11 5.23 12.41
C GLN D 106 -11.41 4.02 11.53
N GLY D 107 -12.48 3.33 11.90
CA GLY D 107 -12.91 2.12 11.18
C GLY D 107 -12.74 0.87 12.01
N ASN D 108 -12.77 -0.28 11.35
CA ASN D 108 -12.58 -1.56 12.01
C ASN D 108 -11.11 -1.79 12.38
N PHE D 109 -10.82 -1.79 13.68
CA PHE D 109 -9.46 -2.01 14.21
C PHE D 109 -9.25 -3.27 15.07
N GLY D 110 -10.14 -4.26 14.90
CA GLY D 110 -10.03 -5.52 15.63
C GLY D 110 -10.79 -5.57 16.94
N SER D 111 -10.90 -6.77 17.51
CA SER D 111 -11.61 -6.97 18.78
C SER D 111 -10.86 -7.87 19.77
N MET D 112 -11.42 -8.00 20.97
CA MET D 112 -10.86 -8.84 22.04
C MET D 112 -11.03 -10.32 21.69
N ASP D 113 -11.89 -10.60 20.70
CA ASP D 113 -12.16 -11.96 20.23
C ASP D 113 -11.16 -12.46 19.19
N GLY D 114 -10.12 -11.67 18.93
CA GLY D 114 -9.08 -12.06 17.97
C GLY D 114 -9.35 -11.68 16.53
N ASP D 115 -10.51 -11.09 16.27
CA ASP D 115 -10.86 -10.62 14.93
C ASP D 115 -9.82 -9.61 14.50
N GLY D 116 -9.33 -9.74 13.27
CA GLY D 116 -8.32 -8.82 12.77
C GLY D 116 -8.97 -7.51 12.35
N ALA D 117 -8.15 -6.55 11.97
CA ALA D 117 -8.63 -5.25 11.52
C ALA D 117 -9.01 -5.36 10.05
N ALA D 118 -9.82 -4.42 9.60
CA ALA D 118 -10.24 -4.34 8.22
C ALA D 118 -9.02 -4.07 7.36
N ALA D 119 -9.10 -4.44 6.07
CA ALA D 119 -8.00 -4.20 5.12
C ALA D 119 -7.59 -2.74 5.19
N MET D 120 -6.29 -2.48 5.07
CA MET D 120 -5.76 -1.11 5.18
C MET D 120 -6.35 -0.02 4.29
N ARG D 121 -6.96 -0.39 3.16
CA ARG D 121 -7.55 0.61 2.28
C ARG D 121 -8.77 1.28 2.91
N PHE D 122 -9.46 0.53 3.78
CA PHE D 122 -10.65 1.04 4.43
C PHE D 122 -10.42 1.88 5.70
N THR D 123 -9.38 1.56 6.45
CA THR D 123 -9.12 2.25 7.71
C THR D 123 -8.31 3.54 7.59
N GLU D 124 -8.48 4.39 8.59
CA GLU D 124 -7.78 5.68 8.68
C GLU D 124 -7.20 5.86 10.08
N ALA D 125 -6.16 6.67 10.20
CA ALA D 125 -5.47 6.86 11.48
C ALA D 125 -4.71 8.19 11.62
N ARG D 126 -4.36 8.46 12.86
CA ARG D 126 -3.63 9.63 13.29
C ARG D 126 -3.05 9.40 14.68
N MET D 127 -2.31 10.35 15.18
CA MET D 127 -1.73 10.22 16.50
C MET D 127 -2.79 10.47 17.56
N THR D 128 -2.55 9.94 18.74
CA THR D 128 -3.43 10.25 19.87
C THR D 128 -2.78 11.49 20.47
N LYS D 129 -3.44 12.11 21.44
CA LYS D 129 -2.86 13.29 22.05
C LYS D 129 -1.59 12.95 22.84
N ILE D 130 -1.54 11.76 23.43
CA ILE D 130 -0.35 11.35 24.18
C ILE D 130 0.88 11.10 23.31
N THR D 131 0.70 10.59 22.12
CA THR D 131 1.82 10.33 21.19
C THR D 131 2.61 11.61 20.89
N LEU D 132 1.96 12.75 21.00
CA LEU D 132 2.60 14.03 20.81
C LEU D 132 3.70 14.23 21.85
N GLU D 133 3.54 13.60 23.01
CA GLU D 133 4.51 13.69 24.09
C GLU D 133 5.74 12.83 23.81
N LEU D 134 5.57 11.81 23.00
CA LEU D 134 6.69 10.95 22.60
C LEU D 134 7.51 11.68 21.55
N LEU D 135 6.85 12.50 20.75
CA LEU D 135 7.51 13.20 19.66
C LEU D 135 7.88 14.65 19.95
N ARG D 136 7.54 15.15 21.11
CA ARG D 136 7.80 16.53 21.48
C ARG D 136 9.25 16.99 21.38
N ASP D 137 9.47 17.94 20.48
CA ASP D 137 10.79 18.52 20.30
C ASP D 137 11.82 17.56 19.66
N ILE D 138 11.34 16.67 18.79
CA ILE D 138 12.22 15.73 18.10
C ILE D 138 13.01 16.45 17.01
N ASN D 139 12.54 17.63 16.61
CA ASN D 139 13.20 18.44 15.61
C ASN D 139 14.01 19.59 16.21
N LYS D 140 14.25 19.51 17.52
CA LYS D 140 15.04 20.50 18.22
C LYS D 140 16.37 19.90 18.72
N ASP D 141 16.95 19.03 17.89
CA ASP D 141 18.22 18.36 18.15
C ASP D 141 18.33 17.70 19.55
N THR D 142 17.23 17.10 20.00
CA THR D 142 17.20 16.41 21.30
C THR D 142 17.72 14.98 21.20
N ILE D 143 17.47 14.33 20.06
CA ILE D 143 17.87 12.95 19.84
C ILE D 143 18.70 12.82 18.58
N ASP D 144 19.50 11.77 18.48
CA ASP D 144 20.36 11.54 17.32
C ASP D 144 19.65 10.85 16.14
N PHE D 145 19.75 11.46 14.97
CA PHE D 145 19.21 10.91 13.75
C PHE D 145 20.24 10.03 13.06
N ILE D 146 19.77 9.05 12.30
CA ILE D 146 20.67 8.15 11.59
C ILE D 146 20.20 7.90 10.17
N ASP D 147 21.07 7.36 9.36
CA ASP D 147 20.74 7.02 7.98
C ASP D 147 19.73 5.88 7.96
N ASN D 148 18.82 5.90 6.99
CA ASN D 148 17.85 4.82 6.87
C ASN D 148 18.55 3.62 6.23
N TYR D 149 17.79 2.57 5.94
CA TYR D 149 18.34 1.35 5.34
C TYR D 149 19.06 1.54 3.98
N ASP D 150 18.78 2.64 3.26
CA ASP D 150 19.38 2.81 1.93
C ASP D 150 20.17 4.09 1.65
N GLY D 151 20.36 4.92 2.68
CA GLY D 151 21.11 6.17 2.55
C GLY D 151 20.33 7.32 1.91
N ASN D 152 19.03 7.13 1.71
CA ASN D 152 18.18 8.16 1.08
C ASN D 152 17.30 8.95 2.04
N GLU D 153 17.19 8.49 3.28
CA GLU D 153 16.37 9.15 4.29
C GLU D 153 17.08 9.24 5.64
N ARG D 154 16.45 9.90 6.59
CA ARG D 154 17.00 10.02 7.92
C ARG D 154 15.94 9.62 8.92
N GLU D 155 16.32 8.83 9.90
CA GLU D 155 15.37 8.39 10.91
C GLU D 155 15.86 8.54 12.33
N PRO D 156 14.87 8.77 13.28
CA PRO D 156 15.37 8.86 14.67
C PRO D 156 15.83 7.53 15.23
N SER D 157 16.85 7.59 16.07
CA SER D 157 17.41 6.40 16.70
C SER D 157 16.59 6.05 17.91
N VAL D 158 16.01 7.07 18.51
CA VAL D 158 15.16 6.94 19.68
C VAL D 158 14.24 8.16 19.76
N LEU D 159 13.17 8.06 20.51
CA LEU D 159 12.25 9.18 20.66
C LEU D 159 12.40 10.01 21.94
N PRO D 160 12.09 11.37 21.82
CA PRO D 160 12.17 12.16 23.05
C PRO D 160 11.48 11.48 24.24
N ALA D 161 10.32 10.86 24.00
CA ALA D 161 9.54 10.14 25.01
C ALA D 161 9.43 10.91 26.33
N ARG D 162 8.52 11.88 26.39
CA ARG D 162 8.37 12.71 27.58
C ARG D 162 7.52 12.10 28.69
N PHE D 163 7.26 10.80 28.57
CA PHE D 163 6.61 10.01 29.61
C PHE D 163 7.26 8.61 29.56
N PRO D 164 7.36 7.92 30.72
CA PRO D 164 8.01 6.59 30.73
C PRO D 164 7.22 5.52 29.98
N ASN D 165 7.33 5.52 28.64
CA ASN D 165 6.56 4.61 27.79
C ASN D 165 6.86 3.11 27.96
N LEU D 166 8.12 2.74 28.14
CA LEU D 166 8.46 1.33 28.31
C LEU D 166 7.61 0.65 29.38
N LEU D 167 7.55 1.24 30.57
CA LEU D 167 6.77 0.67 31.68
C LEU D 167 5.27 0.95 31.59
N ALA D 168 4.88 2.05 30.97
CA ALA D 168 3.48 2.43 30.85
C ALA D 168 2.66 1.52 29.94
N ASN D 169 3.24 1.19 28.78
CA ASN D 169 2.57 0.34 27.82
C ASN D 169 3.10 -1.09 27.77
N GLY D 170 4.25 -1.31 28.39
CA GLY D 170 4.89 -2.63 28.41
C GLY D 170 5.28 -3.10 27.03
N ALA D 171 5.73 -4.34 26.94
CA ALA D 171 6.12 -4.93 25.65
C ALA D 171 6.32 -6.44 25.67
N SER D 172 6.07 -7.05 24.52
CA SER D 172 6.21 -8.48 24.33
C SER D 172 7.05 -8.75 23.09
N GLY D 173 8.08 -9.58 23.20
CA GLY D 173 8.92 -9.88 22.08
C GLY D 173 9.67 -11.16 22.10
N ILE D 174 9.58 -11.91 21.01
CA ILE D 174 10.26 -13.18 20.89
C ILE D 174 11.39 -12.93 19.93
N ALA D 175 12.60 -13.20 20.38
CA ALA D 175 13.79 -13.03 19.56
C ALA D 175 14.52 -14.34 19.39
N VAL D 176 15.83 -14.30 19.39
CA VAL D 176 16.64 -15.49 19.29
C VAL D 176 17.47 -15.53 20.55
N GLY D 177 17.35 -16.63 21.27
CA GLY D 177 18.09 -16.88 22.48
C GLY D 177 17.58 -16.14 23.67
N MET D 178 16.54 -15.35 23.48
CA MET D 178 15.92 -14.58 24.54
C MET D 178 14.58 -14.04 24.07
N ALA D 179 13.77 -13.64 25.03
CA ALA D 179 12.48 -13.08 24.78
C ALA D 179 12.25 -11.99 25.82
N THR D 180 11.19 -11.23 25.64
CA THR D 180 10.84 -10.16 26.59
C THR D 180 9.35 -10.12 26.91
N ASN D 181 9.04 -9.77 28.16
CA ASN D 181 7.67 -9.68 28.63
C ASN D 181 7.54 -8.66 29.77
N ILE D 182 7.28 -7.41 29.41
CA ILE D 182 7.14 -6.32 30.39
C ILE D 182 5.69 -5.89 30.45
N PRO D 183 5.11 -5.82 31.67
CA PRO D 183 3.69 -5.46 31.77
C PRO D 183 3.47 -3.94 31.79
N PRO D 184 2.27 -3.48 31.36
CA PRO D 184 1.96 -2.05 31.39
C PRO D 184 1.74 -1.53 32.82
N HIS D 185 1.80 -0.23 33.00
CA HIS D 185 1.63 0.35 34.33
C HIS D 185 0.78 1.61 34.32
N ASN D 186 0.37 2.03 35.50
CA ASN D 186 -0.40 3.25 35.65
C ASN D 186 0.53 4.44 35.51
N LEU D 187 0.18 5.38 34.64
CA LEU D 187 1.02 6.55 34.35
C LEU D 187 1.24 7.47 35.56
N THR D 188 0.21 7.64 36.38
CA THR D 188 0.29 8.49 37.56
C THR D 188 1.33 7.95 38.53
N GLU D 189 1.31 6.64 38.73
CA GLU D 189 2.24 5.93 39.62
C GLU D 189 3.69 6.00 39.11
N LEU D 190 3.86 5.79 37.80
CA LEU D 190 5.20 5.82 37.19
C LEU D 190 5.89 7.16 37.34
N ILE D 191 5.17 8.22 36.96
CA ILE D 191 5.71 9.58 37.05
C ILE D 191 6.04 9.94 38.51
N ASN D 192 5.15 9.57 39.45
CA ASN D 192 5.41 9.79 40.87
C ASN D 192 6.69 9.08 41.30
N GLY D 193 6.84 7.84 40.81
CA GLY D 193 8.01 7.03 41.08
C GLY D 193 9.26 7.72 40.56
N VAL D 194 9.16 8.27 39.35
CA VAL D 194 10.26 8.98 38.71
C VAL D 194 10.62 10.24 39.53
N LEU D 195 9.60 10.92 40.06
CA LEU D 195 9.83 12.13 40.86
C LEU D 195 10.60 11.84 42.14
N SER D 196 10.30 10.71 42.77
CA SER D 196 11.01 10.26 43.97
C SER D 196 12.48 9.95 43.66
N LEU D 197 12.71 9.22 42.58
CA LEU D 197 14.07 8.86 42.13
C LEU D 197 14.96 10.09 41.91
N SER D 198 14.38 11.14 41.32
CA SER D 198 15.10 12.38 41.01
C SER D 198 15.50 13.15 42.26
N LYS D 199 14.80 12.88 43.37
CA LYS D 199 15.09 13.51 44.65
C LYS D 199 15.95 12.64 45.55
N ASN D 200 16.12 11.38 45.12
CA ASN D 200 16.88 10.32 45.80
C ASN D 200 17.46 9.23 44.88
N PRO D 201 18.78 9.47 44.50
CA PRO D 201 19.41 8.48 43.62
C PRO D 201 19.56 7.12 44.29
N ASP D 202 19.60 7.10 45.61
CA ASP D 202 19.76 5.87 46.34
C ASP D 202 18.45 5.26 46.86
N ILE D 203 17.33 5.58 46.22
CA ILE D 203 16.05 5.04 46.64
C ILE D 203 15.98 3.53 46.39
N SER D 204 15.30 2.81 47.25
CA SER D 204 15.20 1.36 47.11
C SER D 204 13.98 0.91 46.30
N ILE D 205 13.96 -0.37 45.94
CA ILE D 205 12.83 -0.93 45.21
C ILE D 205 11.58 -0.80 46.11
N ALA D 206 11.72 -1.22 47.36
CA ALA D 206 10.64 -1.14 48.35
C ALA D 206 10.03 0.25 48.42
N GLU D 207 10.88 1.27 48.40
CA GLU D 207 10.40 2.63 48.47
C GLU D 207 9.74 3.06 47.17
N LEU D 208 10.32 2.68 46.04
CA LEU D 208 9.73 2.99 44.74
C LEU D 208 8.34 2.35 44.62
N MET D 209 8.19 1.19 45.26
CA MET D 209 6.91 0.46 45.26
C MET D 209 5.80 1.12 46.11
N GLU D 210 6.14 2.21 46.80
CA GLU D 210 5.15 2.99 47.55
C GLU D 210 4.36 3.84 46.53
N ASP D 211 5.04 4.21 45.46
CA ASP D 211 4.45 4.94 44.33
C ASP D 211 3.86 3.99 43.29
N ILE D 212 4.67 3.04 42.83
CA ILE D 212 4.29 2.03 41.82
C ILE D 212 3.88 0.76 42.54
N GLU D 213 2.57 0.53 42.65
CA GLU D 213 2.04 -0.60 43.40
C GLU D 213 2.14 -1.95 42.65
N GLY D 214 2.19 -1.87 41.32
CA GLY D 214 2.28 -3.05 40.48
C GLY D 214 1.74 -2.74 39.11
N PRO D 215 1.70 -3.75 38.22
CA PRO D 215 1.18 -3.58 36.86
C PRO D 215 -0.25 -3.06 36.83
N ASP D 216 -0.61 -2.37 35.75
CA ASP D 216 -1.96 -1.88 35.54
C ASP D 216 -2.32 -2.19 34.09
N PHE D 217 -3.16 -3.20 33.91
CA PHE D 217 -3.55 -3.65 32.56
C PHE D 217 -4.74 -2.87 32.01
N PRO D 218 -4.75 -2.62 30.69
CA PRO D 218 -5.87 -1.92 30.02
C PRO D 218 -7.19 -2.66 30.25
N THR D 219 -7.11 -3.97 30.38
CA THR D 219 -8.28 -4.82 30.59
C THR D 219 -8.68 -5.00 32.07
N ALA D 220 -8.14 -4.14 32.95
CA ALA D 220 -8.43 -4.15 34.40
C ALA D 220 -8.17 -5.51 35.09
N GLY D 221 -9.19 -6.07 35.74
CA GLY D 221 -9.04 -7.35 36.41
C GLY D 221 -8.38 -7.29 37.78
N LEU D 222 -7.95 -8.45 38.26
CA LEU D 222 -7.33 -8.57 39.58
C LEU D 222 -5.97 -9.24 39.54
N ILE D 223 -5.14 -8.86 40.51
CA ILE D 223 -3.85 -9.49 40.72
C ILE D 223 -3.86 -10.06 42.13
N LEU D 224 -3.37 -11.29 42.28
CA LEU D 224 -3.33 -11.96 43.58
C LEU D 224 -1.97 -11.85 44.26
N GLY D 225 -1.92 -11.16 45.39
CA GLY D 225 -0.70 -11.03 46.19
C GLY D 225 0.35 -10.05 45.64
N LYS D 226 1.28 -9.70 46.52
CA LYS D 226 2.38 -8.78 46.20
C LYS D 226 3.74 -9.46 46.07
N SER D 227 3.81 -10.77 46.22
CA SER D 227 5.08 -11.48 46.10
C SER D 227 5.66 -11.57 44.70
N GLY D 228 4.77 -11.80 43.74
CA GLY D 228 5.13 -11.91 42.33
C GLY D 228 5.58 -10.63 41.73
N ILE D 229 4.96 -9.53 42.14
CA ILE D 229 5.29 -8.19 41.72
C ILE D 229 6.64 -7.75 42.29
N ARG D 230 6.84 -8.06 43.55
CA ARG D 230 8.06 -7.75 44.27
C ARG D 230 9.27 -8.48 43.70
N ARG D 231 9.07 -9.74 43.35
CA ARG D 231 10.09 -10.56 42.76
C ARG D 231 10.47 -10.00 41.39
N ALA D 232 9.47 -9.62 40.61
CA ALA D 232 9.68 -9.05 39.30
C ALA D 232 10.40 -7.69 39.32
N TYR D 233 10.01 -6.83 40.27
CA TYR D 233 10.61 -5.53 40.44
C TYR D 233 12.05 -5.56 40.93
N GLU D 234 12.33 -6.52 41.79
CA GLU D 234 13.64 -6.77 42.30
C GLU D 234 14.63 -7.41 41.37
N THR D 235 14.17 -8.40 40.60
CA THR D 235 15.05 -9.15 39.75
C THR D 235 14.88 -9.00 38.23
N GLY D 236 13.69 -8.62 37.79
CA GLY D 236 13.36 -8.55 36.40
C GLY D 236 12.57 -9.77 35.95
N ARG D 237 12.43 -10.74 36.84
CA ARG D 237 11.70 -11.96 36.58
C ARG D 237 10.77 -12.31 37.75
N GLY D 238 9.59 -12.81 37.42
CA GLY D 238 8.59 -13.17 38.40
C GLY D 238 7.27 -13.56 37.78
N SER D 239 6.50 -14.37 38.50
CA SER D 239 5.18 -14.81 38.06
C SER D 239 4.10 -14.01 38.78
N ILE D 240 3.22 -13.38 37.99
CA ILE D 240 2.12 -12.58 38.53
C ILE D 240 0.79 -13.24 38.14
N GLN D 241 0.01 -13.64 39.12
CA GLN D 241 -1.26 -14.32 38.85
C GLN D 241 -2.40 -13.32 38.60
N MET D 242 -2.94 -13.34 37.39
CA MET D 242 -4.05 -12.48 37.00
C MET D 242 -5.35 -13.24 37.18
N ARG D 243 -6.44 -12.52 37.40
CA ARG D 243 -7.73 -13.15 37.60
C ARG D 243 -8.80 -12.24 37.05
N SER D 244 -9.86 -12.85 36.53
CA SER D 244 -10.99 -12.13 35.97
C SER D 244 -11.82 -11.49 37.07
N ARG D 245 -12.56 -10.45 36.74
CA ARG D 245 -13.47 -9.88 37.73
C ARG D 245 -14.77 -10.64 37.57
N ALA D 246 -15.09 -11.43 38.60
CA ALA D 246 -16.29 -12.27 38.58
C ALA D 246 -17.13 -12.16 39.85
N VAL D 247 -18.44 -12.13 39.67
CA VAL D 247 -19.36 -12.08 40.80
C VAL D 247 -20.42 -13.17 40.60
N ILE D 248 -21.02 -13.60 41.71
CA ILE D 248 -22.11 -14.57 41.72
C ILE D 248 -23.37 -13.83 42.10
N GLU D 249 -24.43 -14.01 41.32
CA GLU D 249 -25.70 -13.33 41.58
C GLU D 249 -26.90 -14.25 41.33
N GLU D 250 -28.02 -13.89 41.94
CA GLU D 250 -29.26 -14.64 41.75
C GLU D 250 -29.87 -14.29 40.38
N ARG D 251 -30.68 -15.20 39.85
CA ARG D 251 -31.37 -14.96 38.59
C ARG D 251 -32.79 -15.49 38.66
N GLY D 252 -33.19 -15.93 39.86
CA GLY D 252 -34.53 -16.46 40.11
C GLY D 252 -34.82 -17.80 39.45
N GLY D 253 -35.51 -18.69 40.15
CA GLY D 253 -35.94 -18.52 41.53
C GLY D 253 -35.21 -19.62 42.27
N GLY D 254 -34.15 -19.24 42.98
CA GLY D 254 -33.31 -20.19 43.68
C GLY D 254 -32.07 -20.51 42.88
N ARG D 255 -32.06 -20.12 41.60
CA ARG D 255 -30.91 -20.34 40.71
C ARG D 255 -29.94 -19.16 40.71
N GLN D 256 -28.68 -19.46 40.42
CA GLN D 256 -27.64 -18.43 40.39
C GLN D 256 -26.84 -18.43 39.09
N ARG D 257 -26.04 -17.38 38.90
CA ARG D 257 -25.16 -17.29 37.73
C ARG D 257 -23.86 -16.56 38.08
N ILE D 258 -22.82 -16.85 37.30
CA ILE D 258 -21.53 -16.20 37.46
C ILE D 258 -21.41 -15.16 36.35
N VAL D 259 -21.13 -13.91 36.74
CA VAL D 259 -21.00 -12.84 35.76
C VAL D 259 -19.57 -12.30 35.71
N VAL D 260 -18.97 -12.34 34.52
CA VAL D 260 -17.61 -11.85 34.32
C VAL D 260 -17.64 -10.54 33.53
N THR D 261 -17.02 -9.50 34.09
CA THR D 261 -16.99 -8.18 33.46
C THR D 261 -15.60 -7.70 33.06
N GLU D 262 -14.58 -8.43 33.48
CA GLU D 262 -13.19 -8.10 33.15
C GLU D 262 -12.44 -9.40 33.02
N ILE D 263 -11.61 -9.51 31.98
CA ILE D 263 -10.82 -10.73 31.75
C ILE D 263 -9.31 -10.43 31.86
N PRO D 264 -8.47 -11.48 32.01
CA PRO D 264 -7.02 -11.27 32.12
C PRO D 264 -6.40 -10.68 30.85
N PHE D 265 -5.31 -9.93 31.03
CA PHE D 265 -4.59 -9.27 29.94
C PHE D 265 -4.08 -10.25 28.89
N GLN D 266 -4.29 -9.89 27.62
CA GLN D 266 -3.88 -10.69 26.47
C GLN D 266 -4.67 -11.97 26.21
N VAL D 267 -5.72 -12.21 26.99
CA VAL D 267 -6.58 -13.39 26.84
C VAL D 267 -7.68 -13.13 25.81
N ASN D 268 -7.85 -14.05 24.88
CA ASN D 268 -8.87 -13.94 23.88
C ASN D 268 -10.22 -14.36 24.49
N LYS D 269 -11.18 -13.46 24.53
CA LYS D 269 -12.48 -13.71 25.15
C LYS D 269 -13.29 -14.86 24.52
N ALA D 270 -13.35 -14.88 23.21
CA ALA D 270 -14.01 -15.90 22.46
C ALA D 270 -13.33 -17.25 22.68
N ARG D 271 -12.02 -17.24 22.71
CA ARG D 271 -11.26 -18.45 22.97
C ARG D 271 -11.48 -18.98 24.37
N MET D 272 -11.58 -18.08 25.33
CA MET D 272 -11.79 -18.44 26.72
C MET D 272 -13.15 -19.12 26.89
N ILE D 273 -14.15 -18.60 26.21
CA ILE D 273 -15.50 -19.11 26.26
C ILE D 273 -15.64 -20.50 25.67
N GLU D 274 -14.98 -20.74 24.55
CA GLU D 274 -15.02 -22.04 23.90
C GLU D 274 -14.36 -23.07 24.81
N LYS D 275 -13.28 -22.70 25.47
CA LYS D 275 -12.58 -23.55 26.39
C LYS D 275 -13.48 -24.02 27.54
N ILE D 276 -14.37 -23.15 27.96
CA ILE D 276 -15.35 -23.45 29.01
C ILE D 276 -16.40 -24.42 28.45
N ALA D 277 -16.84 -24.18 27.23
CA ALA D 277 -17.82 -25.02 26.58
C ALA D 277 -17.28 -26.41 26.33
N GLU D 278 -16.02 -26.48 25.95
CA GLU D 278 -15.34 -27.75 25.69
C GLU D 278 -15.37 -28.62 26.95
N LEU D 279 -15.06 -28.02 28.09
CA LEU D 279 -15.06 -28.70 29.38
C LEU D 279 -16.43 -29.15 29.84
N VAL D 280 -17.46 -28.41 29.46
CA VAL D 280 -18.82 -28.74 29.82
C VAL D 280 -19.30 -29.97 29.05
N ARG D 281 -19.00 -29.98 27.75
CA ARG D 281 -19.33 -31.06 26.84
C ARG D 281 -18.58 -32.35 27.19
N ASP D 282 -17.29 -32.21 27.50
CA ASP D 282 -16.45 -33.32 27.87
C ASP D 282 -16.72 -33.78 29.28
N LYS D 283 -17.67 -33.10 29.93
CA LYS D 283 -18.07 -33.43 31.28
C LYS D 283 -16.93 -33.38 32.26
N LYS D 284 -15.98 -32.48 32.00
CA LYS D 284 -14.83 -32.31 32.86
C LYS D 284 -15.14 -31.33 33.97
N ILE D 285 -16.28 -30.67 33.86
CA ILE D 285 -16.71 -29.73 34.87
C ILE D 285 -18.20 -29.87 35.04
N ASP D 286 -18.64 -29.87 36.29
N ASP D 286 -18.66 -29.71 36.27
CA ASP D 286 -20.05 -30.05 36.64
CA ASP D 286 -20.04 -29.98 36.62
C ASP D 286 -20.74 -28.74 37.06
C ASP D 286 -20.78 -28.77 37.20
N GLY D 287 -22.05 -28.70 36.85
CA GLY D 287 -22.89 -27.59 37.28
C GLY D 287 -23.27 -26.48 36.33
N ILE D 288 -22.71 -26.46 35.12
CA ILE D 288 -23.02 -25.39 34.17
C ILE D 288 -24.13 -25.78 33.19
N THR D 289 -25.24 -25.03 33.24
CA THR D 289 -26.39 -25.28 32.38
C THR D 289 -26.47 -24.40 31.14
N ASP D 290 -25.75 -23.28 31.14
CA ASP D 290 -25.73 -22.36 30.00
C ASP D 290 -24.53 -21.40 30.02
N LEU D 291 -24.07 -21.03 28.83
CA LEU D 291 -22.92 -20.16 28.65
C LEU D 291 -23.22 -19.16 27.54
N ARG D 292 -23.26 -17.88 27.88
CA ARG D 292 -23.60 -16.82 26.92
C ARG D 292 -22.67 -15.62 26.99
N ASP D 293 -22.23 -15.14 25.82
CA ASP D 293 -21.44 -13.92 25.75
C ASP D 293 -22.44 -12.79 25.52
N GLU D 294 -22.77 -12.04 26.57
CA GLU D 294 -23.70 -10.91 26.45
C GLU D 294 -22.99 -9.58 26.18
N THR D 295 -21.68 -9.64 25.96
CA THR D 295 -20.87 -8.44 25.69
C THR D 295 -21.53 -7.53 24.65
N SER D 296 -21.55 -6.25 24.97
CA SER D 296 -22.13 -5.25 24.11
C SER D 296 -21.27 -4.01 24.11
N LEU D 297 -21.28 -3.28 23.01
CA LEU D 297 -20.50 -2.06 22.92
C LEU D 297 -21.06 -1.12 23.96
N ARG D 298 -22.38 -1.07 24.02
CA ARG D 298 -23.10 -0.25 24.97
C ARG D 298 -23.04 -0.68 26.44
N THR D 299 -23.09 -1.97 26.69
CA THR D 299 -23.05 -2.49 28.05
C THR D 299 -21.71 -3.00 28.58
N GLY D 300 -20.69 -3.04 27.74
CA GLY D 300 -19.38 -3.52 28.16
C GLY D 300 -19.21 -5.03 28.15
N VAL D 301 -18.07 -5.50 28.61
CA VAL D 301 -17.81 -6.94 28.68
C VAL D 301 -18.71 -7.60 29.72
N ARG D 302 -19.44 -8.62 29.30
CA ARG D 302 -20.34 -9.36 30.17
C ARG D 302 -20.44 -10.80 29.71
N VAL D 303 -19.82 -11.72 30.45
CA VAL D 303 -19.86 -13.15 30.13
C VAL D 303 -20.68 -13.82 31.22
N VAL D 304 -21.77 -14.47 30.81
CA VAL D 304 -22.70 -15.09 31.77
C VAL D 304 -22.57 -16.62 31.77
N ILE D 305 -22.46 -17.17 32.98
CA ILE D 305 -22.30 -18.60 33.18
C ILE D 305 -23.39 -19.11 34.14
N ASP D 306 -24.48 -19.64 33.58
CA ASP D 306 -25.59 -20.16 34.38
C ASP D 306 -25.23 -21.41 35.19
N VAL D 307 -25.64 -21.44 36.45
CA VAL D 307 -25.36 -22.56 37.35
C VAL D 307 -26.63 -23.39 37.60
N ARG D 308 -26.46 -24.69 37.70
CA ARG D 308 -27.58 -25.62 37.98
C ARG D 308 -28.14 -25.35 39.37
N LYS D 309 -29.47 -25.46 39.50
CA LYS D 309 -30.15 -25.20 40.76
C LYS D 309 -29.56 -26.04 41.91
N ASP D 310 -29.27 -25.35 43.03
CA ASP D 310 -28.73 -25.96 44.26
C ASP D 310 -27.22 -26.30 44.26
N ALA D 311 -26.57 -26.19 43.10
CA ALA D 311 -25.13 -26.41 43.00
C ALA D 311 -24.39 -25.18 43.52
N ASN D 312 -23.23 -25.41 44.14
CA ASN D 312 -22.45 -24.31 44.71
C ASN D 312 -21.63 -23.57 43.64
N ALA D 313 -22.09 -22.37 43.31
CA ALA D 313 -21.49 -21.51 42.29
C ALA D 313 -20.07 -21.04 42.63
N SER D 314 -19.75 -20.97 43.93
CA SER D 314 -18.41 -20.59 44.38
C SER D 314 -17.41 -21.69 44.08
N VAL D 315 -17.86 -22.94 44.15
CA VAL D 315 -17.01 -24.10 43.87
C VAL D 315 -16.76 -24.18 42.36
N ILE D 316 -17.80 -23.88 41.58
CA ILE D 316 -17.72 -23.90 40.12
C ILE D 316 -16.73 -22.85 39.62
N LEU D 317 -16.78 -21.66 40.22
CA LEU D 317 -15.89 -20.55 39.89
C LEU D 317 -14.43 -20.92 40.14
N ASN D 318 -14.14 -21.40 41.34
CA ASN D 318 -12.79 -21.84 41.72
C ASN D 318 -12.24 -22.88 40.75
N ASN D 319 -13.11 -23.78 40.30
CA ASN D 319 -12.75 -24.78 39.31
C ASN D 319 -12.41 -24.14 37.95
N LEU D 320 -13.18 -23.12 37.57
CA LEU D 320 -12.93 -22.40 36.31
C LEU D 320 -11.58 -21.69 36.31
N TYR D 321 -11.16 -21.22 37.50
CA TYR D 321 -9.87 -20.56 37.65
C TYR D 321 -8.72 -21.53 37.41
N LYS D 322 -8.91 -22.76 37.89
CA LYS D 322 -7.92 -23.82 37.75
C LYS D 322 -7.81 -24.40 36.34
N GLN D 323 -8.95 -24.53 35.65
CA GLN D 323 -8.99 -25.15 34.33
C GLN D 323 -9.15 -24.30 33.09
N THR D 324 -9.48 -23.03 33.24
CA THR D 324 -9.66 -22.14 32.10
C THR D 324 -8.80 -20.89 32.24
N PRO D 325 -8.53 -20.18 31.12
CA PRO D 325 -7.77 -18.92 31.19
C PRO D 325 -8.43 -17.81 32.04
N LEU D 326 -9.51 -18.14 32.75
CA LEU D 326 -10.21 -17.20 33.64
C LEU D 326 -9.22 -16.68 34.68
N GLN D 327 -8.20 -17.47 34.91
CA GLN D 327 -7.06 -17.11 35.73
C GLN D 327 -5.88 -17.45 34.84
N THR D 328 -5.04 -16.46 34.57
CA THR D 328 -3.86 -16.69 33.73
C THR D 328 -2.70 -15.97 34.41
N SER D 329 -1.51 -16.54 34.33
CA SER D 329 -0.35 -15.89 34.91
C SER D 329 0.44 -15.10 33.88
N PHE D 330 0.98 -13.97 34.31
CA PHE D 330 1.81 -13.12 33.46
C PHE D 330 3.25 -13.30 33.94
N GLY D 331 4.08 -13.97 33.13
CA GLY D 331 5.47 -14.21 33.47
C GLY D 331 6.38 -13.08 33.06
N VAL D 332 6.70 -12.20 34.01
CA VAL D 332 7.57 -11.06 33.77
C VAL D 332 9.00 -11.46 33.45
N ASN D 333 9.55 -10.83 32.41
CA ASN D 333 10.91 -11.06 31.94
C ASN D 333 11.33 -9.74 31.29
N MET D 334 11.82 -8.82 32.13
CA MET D 334 12.17 -7.47 31.69
C MET D 334 13.52 -7.31 31.01
N ILE D 335 13.53 -7.64 29.72
CA ILE D 335 14.71 -7.46 28.87
C ILE D 335 14.47 -6.32 27.90
N ALA D 336 15.39 -5.35 27.90
CA ALA D 336 15.31 -4.19 27.02
C ALA D 336 16.70 -3.85 26.50
N LEU D 337 16.77 -2.99 25.50
CA LEU D 337 18.03 -2.61 24.96
C LEU D 337 18.57 -1.46 25.76
N VAL D 338 19.70 -1.66 26.41
CA VAL D 338 20.32 -0.62 27.18
C VAL D 338 21.64 -0.34 26.53
N ASN D 339 21.86 0.87 26.08
N ASN D 339 21.96 0.87 26.07
CA ASN D 339 23.08 1.19 25.39
CA ASN D 339 23.19 1.12 25.34
C ASN D 339 23.27 0.18 24.25
C ASN D 339 23.30 0.13 24.19
N GLY D 340 22.19 -0.12 23.59
CA GLY D 340 22.18 -0.99 22.49
C GLY D 340 22.23 -2.46 22.87
N ARG D 341 22.44 -2.93 23.87
N ARG D 341 22.41 -2.93 23.88
CA ARG D 341 22.56 -4.30 24.14
CA ARG D 341 22.55 -4.29 24.14
C ARG D 341 21.40 -4.82 24.99
C ARG D 341 21.40 -4.83 25.00
N PRO D 342 21.00 -6.13 24.78
CA PRO D 342 19.92 -6.74 25.56
C PRO D 342 20.36 -6.92 27.01
N LYS D 343 19.47 -6.58 27.95
CA LYS D 343 19.82 -6.66 29.35
C LYS D 343 18.59 -6.88 30.22
N LEU D 344 18.76 -7.71 31.25
CA LEU D 344 17.69 -7.97 32.22
C LEU D 344 17.77 -6.85 33.26
N ILE D 345 16.72 -6.03 33.29
CA ILE D 345 16.68 -4.89 34.19
C ILE D 345 15.57 -4.99 35.25
N ASN D 346 15.80 -4.37 36.41
CA ASN D 346 14.81 -4.33 37.47
C ASN D 346 14.09 -2.99 37.41
N LEU D 347 13.01 -2.86 38.17
CA LEU D 347 12.23 -1.62 38.17
C LEU D 347 13.10 -0.36 38.27
N LYS D 348 14.04 -0.33 39.21
CA LYS D 348 14.92 0.83 39.40
C LYS D 348 15.81 1.13 38.18
N GLU D 349 16.50 0.11 37.66
CA GLU D 349 17.33 0.29 36.47
C GLU D 349 16.54 0.94 35.34
N ALA D 350 15.35 0.41 35.08
CA ALA D 350 14.46 0.95 34.03
C ALA D 350 14.12 2.41 34.26
N LEU D 351 13.82 2.74 35.51
CA LEU D 351 13.50 4.13 35.89
C LEU D 351 14.74 5.02 35.79
N VAL D 352 15.91 4.48 36.13
CA VAL D 352 17.16 5.25 36.07
C VAL D 352 17.49 5.63 34.63
N HIS D 353 17.53 4.64 33.74
CA HIS D 353 17.82 4.90 32.33
C HIS D 353 16.83 5.89 31.71
N TYR D 354 15.54 5.77 32.06
CA TYR D 354 14.56 6.73 31.55
C TYR D 354 14.81 8.15 32.07
N LEU D 355 15.11 8.27 33.37
CA LEU D 355 15.37 9.60 33.95
C LEU D 355 16.58 10.25 33.30
N GLU D 356 17.66 9.49 33.16
CA GLU D 356 18.88 10.00 32.54
C GLU D 356 18.63 10.43 31.07
N HIS D 357 17.74 9.72 30.38
CA HIS D 357 17.39 10.06 29.00
C HIS D 357 16.59 11.38 28.97
N GLN D 358 15.78 11.61 30.00
CA GLN D 358 15.01 12.85 30.08
C GLN D 358 15.87 14.08 30.35
N LYS D 359 16.97 13.89 31.08
CA LYS D 359 17.90 14.99 31.38
C LYS D 359 18.63 15.45 30.11
N THR D 360 19.14 14.48 29.35
CA THR D 360 19.85 14.77 28.10
C THR D 360 18.94 15.47 27.09
N VAL D 361 17.71 15.00 26.97
CA VAL D 361 16.71 15.56 26.03
C VAL D 361 16.40 17.03 26.33
N VAL D 362 16.19 17.35 27.61
CA VAL D 362 15.87 18.72 28.01
C VAL D 362 17.10 19.65 27.87
N ARG D 363 18.28 19.14 28.17
CA ARG D 363 19.50 19.93 28.04
C ARG D 363 19.81 20.24 26.58
N ARG D 364 19.65 19.23 25.73
CA ARG D 364 19.88 19.37 24.29
C ARG D 364 18.87 20.33 23.65
N ARG D 365 17.64 20.33 24.15
CA ARG D 365 16.60 21.21 23.64
C ARG D 365 16.94 22.66 23.99
N THR D 366 17.36 22.88 25.23
CA THR D 366 17.74 24.19 25.72
C THR D 366 18.92 24.75 24.90
N GLN D 367 19.92 23.91 24.68
CA GLN D 367 21.09 24.30 23.88
C GLN D 367 20.70 24.64 22.44
N TYR D 368 19.68 23.95 21.91
CA TYR D 368 19.22 24.21 20.55
C TYR D 368 18.44 25.53 20.48
N ASN D 369 17.53 25.74 21.42
CA ASN D 369 16.74 26.95 21.46
C ASN D 369 17.63 28.18 21.60
N LEU D 370 18.72 28.01 22.32
CA LEU D 370 19.71 29.07 22.54
C LEU D 370 20.38 29.47 21.23
N ARG D 371 20.96 28.49 20.54
CA ARG D 371 21.63 28.73 19.26
C ARG D 371 20.72 29.44 18.26
N LYS D 372 19.49 28.96 18.13
CA LYS D 372 18.53 29.54 17.20
C LYS D 372 18.10 30.94 17.60
N ALA D 373 18.01 31.18 18.90
CA ALA D 373 17.63 32.46 19.42
C ALA D 373 18.72 33.47 19.10
N LYS D 374 19.96 33.06 19.32
CA LYS D 374 21.13 33.90 19.04
C LYS D 374 21.24 34.24 17.55
N ASP D 375 21.01 33.24 16.70
CA ASP D 375 21.05 33.45 15.26
C ASP D 375 19.97 34.43 14.82
N ARG D 376 18.79 34.33 15.41
CA ARG D 376 17.69 35.22 15.05
C ARG D 376 17.97 36.63 15.55
N ALA D 377 18.47 36.73 16.78
CA ALA D 377 18.85 38.01 17.37
C ALA D 377 19.85 38.75 16.47
N HIS D 378 20.85 38.02 16.00
CA HIS D 378 21.86 38.56 15.11
C HIS D 378 21.24 39.11 13.83
N ILE D 379 20.26 38.39 13.28
CA ILE D 379 19.56 38.80 12.08
C ILE D 379 18.70 40.03 12.37
N LEU D 380 18.07 40.05 13.55
CA LEU D 380 17.23 41.19 13.96
C LEU D 380 18.05 42.47 14.18
N GLU D 381 19.26 42.31 14.72
CA GLU D 381 20.19 43.43 14.90
C GLU D 381 20.57 44.04 13.56
N GLY D 382 20.56 43.23 12.50
CA GLY D 382 20.87 43.69 11.14
C GLY D 382 19.75 44.54 10.58
N LEU D 383 18.52 44.07 10.74
CA LEU D 383 17.34 44.76 10.28
C LEU D 383 17.11 46.06 11.07
N ARG D 384 17.39 46.01 12.37
CA ARG D 384 17.28 47.20 13.24
C ARG D 384 18.23 48.31 12.78
N ILE D 385 19.47 47.95 12.42
CA ILE D 385 20.44 48.90 11.87
C ILE D 385 19.88 49.47 10.56
N ALA D 386 19.34 48.59 9.73
CA ALA D 386 18.77 48.98 8.46
C ALA D 386 17.64 50.00 8.62
N LEU D 387 16.72 49.75 9.56
CA LEU D 387 15.61 50.68 9.81
C LEU D 387 16.08 52.05 10.31
N ASP D 388 17.14 52.06 11.12
CA ASP D 388 17.74 53.29 11.66
C ASP D 388 18.38 54.18 10.58
N HIS D 389 18.87 53.56 9.51
CA HIS D 389 19.56 54.28 8.45
C HIS D 389 19.01 53.89 7.08
N ILE D 390 17.71 53.65 7.03
CA ILE D 390 17.01 53.22 5.83
C ILE D 390 17.36 54.03 4.57
N ASP D 391 17.47 55.35 4.72
CA ASP D 391 17.84 56.22 3.60
C ASP D 391 19.20 55.84 3.02
N GLU D 392 20.17 55.70 3.91
CA GLU D 392 21.52 55.31 3.58
C GLU D 392 21.51 53.91 2.98
N ILE D 393 20.66 53.05 3.51
CA ILE D 393 20.51 51.67 3.06
C ILE D 393 20.06 51.64 1.59
N ILE D 394 19.10 52.49 1.25
CA ILE D 394 18.58 52.53 -0.13
C ILE D 394 19.67 53.00 -1.10
N SER D 395 20.35 54.09 -0.76
CA SER D 395 21.40 54.68 -1.59
C SER D 395 22.52 53.69 -1.92
N THR D 396 22.88 52.87 -0.92
CA THR D 396 23.92 51.87 -1.10
C THR D 396 23.47 50.82 -2.13
N ILE D 397 22.22 50.38 -2.02
CA ILE D 397 21.66 49.37 -2.93
C ILE D 397 21.42 49.94 -4.34
N ARG D 398 20.89 51.16 -4.41
CA ARG D 398 20.59 51.83 -5.66
C ARG D 398 21.78 52.05 -6.58
N GLU D 399 22.93 52.40 -6.00
CA GLU D 399 24.16 52.66 -6.73
C GLU D 399 24.91 51.38 -7.12
N SER D 400 24.38 50.22 -6.71
CA SER D 400 25.03 48.93 -6.99
C SER D 400 24.38 48.22 -8.19
N ASP D 401 25.23 47.84 -9.15
CA ASP D 401 24.77 47.15 -10.38
C ASP D 401 24.31 45.72 -10.13
N THR D 402 24.99 45.02 -9.24
CA THR D 402 24.69 43.62 -8.93
C THR D 402 24.39 43.43 -7.44
N ASP D 403 23.86 42.27 -7.09
CA ASP D 403 23.58 41.92 -5.70
C ASP D 403 24.88 41.72 -4.93
N LYS D 404 25.85 41.07 -5.57
CA LYS D 404 27.17 40.83 -4.97
C LYS D 404 27.84 42.12 -4.52
N VAL D 405 27.78 43.15 -5.35
CA VAL D 405 28.37 44.46 -5.04
C VAL D 405 27.56 45.14 -3.93
N ALA D 406 26.24 44.99 -3.97
CA ALA D 406 25.36 45.54 -2.95
C ALA D 406 25.71 44.95 -1.58
N MET D 407 25.87 43.64 -1.54
CA MET D 407 26.23 42.92 -0.34
C MET D 407 27.49 43.49 0.27
N GLU D 408 28.57 43.44 -0.49
CA GLU D 408 29.88 43.92 -0.07
C GLU D 408 29.87 45.36 0.43
N SER D 409 29.08 46.22 -0.20
CA SER D 409 28.96 47.63 0.21
C SER D 409 28.20 47.74 1.53
N LEU D 410 27.13 46.96 1.69
CA LEU D 410 26.35 46.93 2.93
C LEU D 410 27.18 46.47 4.13
N GLN D 411 28.01 45.46 3.92
CA GLN D 411 28.90 44.93 4.96
C GLN D 411 29.96 45.96 5.30
N GLN D 412 30.52 46.59 4.25
CA GLN D 412 31.56 47.59 4.42
C GLN D 412 31.08 48.84 5.14
N ARG D 413 30.01 49.44 4.61
CA ARG D 413 29.47 50.67 5.15
C ARG D 413 28.80 50.55 6.52
N PHE D 414 28.03 49.49 6.73
CA PHE D 414 27.29 49.35 7.98
C PHE D 414 27.85 48.28 8.95
N LYS D 415 29.09 47.85 8.66
CA LYS D 415 29.79 46.83 9.46
C LYS D 415 28.90 45.61 9.76
N LEU D 416 28.32 45.08 8.70
CA LEU D 416 27.43 43.94 8.78
C LEU D 416 28.12 42.64 8.39
N SER D 417 27.58 41.53 8.85
CA SER D 417 28.08 40.21 8.50
C SER D 417 27.49 39.85 7.14
N GLU D 418 27.83 38.68 6.62
CA GLU D 418 27.29 38.29 5.33
C GLU D 418 25.82 37.97 5.49
N LYS D 419 25.49 37.31 6.59
CA LYS D 419 24.11 36.94 6.89
C LYS D 419 23.20 38.13 7.09
N GLN D 420 23.69 39.14 7.80
CA GLN D 420 22.90 40.34 8.05
C GLN D 420 22.61 41.09 6.75
N ALA D 421 23.61 41.20 5.89
CA ALA D 421 23.44 41.88 4.62
C ALA D 421 22.43 41.19 3.71
N GLN D 422 22.45 39.86 3.71
CA GLN D 422 21.51 39.09 2.91
C GLN D 422 20.08 39.30 3.37
N ALA D 423 19.89 39.34 4.69
CA ALA D 423 18.58 39.52 5.29
C ALA D 423 17.95 40.86 4.92
N ILE D 424 18.77 41.91 4.90
CA ILE D 424 18.29 43.24 4.54
C ILE D 424 17.83 43.28 3.09
N LEU D 425 18.61 42.64 2.22
CA LEU D 425 18.30 42.54 0.79
C LEU D 425 17.04 41.72 0.54
N ASP D 426 16.83 40.68 1.33
CA ASP D 426 15.66 39.81 1.19
C ASP D 426 14.41 40.47 1.73
N MET D 427 14.60 41.46 2.57
CA MET D 427 13.52 42.23 3.17
C MET D 427 12.59 42.86 2.12
N ARG D 428 11.30 42.64 2.26
CA ARG D 428 10.31 43.21 1.34
C ARG D 428 9.98 44.63 1.73
N LEU D 429 9.40 45.38 0.80
CA LEU D 429 9.02 46.77 1.03
C LEU D 429 7.98 46.96 2.12
N ARG D 430 7.07 45.98 2.24
CA ARG D 430 5.99 46.01 3.21
C ARG D 430 6.50 46.01 4.66
N ARG D 431 7.73 45.55 4.86
CA ARG D 431 8.34 45.52 6.17
C ARG D 431 8.52 46.94 6.71
N LEU D 432 8.53 47.92 5.82
CA LEU D 432 8.69 49.33 6.18
C LEU D 432 7.49 50.06 6.82
N THR D 433 6.30 49.47 6.81
CA THR D 433 5.12 50.09 7.42
C THR D 433 5.22 50.21 8.95
N GLY D 434 4.43 51.12 9.53
CA GLY D 434 4.43 51.34 10.97
C GLY D 434 4.41 50.07 11.81
N LEU D 435 3.39 49.25 11.62
CA LEU D 435 3.25 48.01 12.38
C LEU D 435 4.38 47.00 12.18
N GLU D 436 4.91 46.91 10.98
CA GLU D 436 6.00 45.98 10.64
C GLU D 436 7.32 46.35 11.28
N ARG D 437 7.60 47.64 11.32
CA ARG D 437 8.81 48.16 11.95
C ARG D 437 8.78 47.91 13.45
N ASP D 438 7.58 47.94 14.02
CA ASP D 438 7.37 47.73 15.45
C ASP D 438 7.46 46.25 15.82
N LYS D 439 7.22 45.38 14.83
CA LYS D 439 7.31 43.93 15.03
C LYS D 439 8.76 43.47 15.15
N ILE D 440 9.63 44.04 14.33
CA ILE D 440 11.05 43.72 14.36
C ILE D 440 11.67 44.06 15.70
N GLU D 441 11.27 45.20 16.26
CA GLU D 441 11.73 45.66 17.56
C GLU D 441 11.13 44.82 18.69
N ALA D 442 9.81 44.60 18.64
CA ALA D 442 9.10 43.80 19.64
C ALA D 442 9.68 42.39 19.76
N GLU D 443 9.95 41.75 18.62
CA GLU D 443 10.49 40.40 18.60
C GLU D 443 11.89 40.36 19.23
N TYR D 444 12.73 41.34 18.92
CA TYR D 444 14.09 41.42 19.45
C TYR D 444 14.16 41.51 20.99
N ASN D 445 13.33 42.36 21.58
CA ASN D 445 13.28 42.51 23.04
C ASN D 445 12.80 41.24 23.73
N GLU D 446 11.77 40.61 23.16
CA GLU D 446 11.24 39.35 23.69
C GLU D 446 12.31 38.29 23.63
N LEU D 447 13.06 38.29 22.53
CA LEU D 447 14.11 37.33 22.28
C LEU D 447 15.29 37.49 23.25
N LEU D 448 15.59 38.72 23.67
CA LEU D 448 16.67 38.96 24.64
C LEU D 448 16.32 38.38 26.00
N ASN D 449 15.07 38.51 26.42
N ASN D 449 15.06 38.52 26.41
CA ASN D 449 14.61 37.95 27.69
CA ASN D 449 14.58 37.98 27.68
C ASN D 449 14.68 36.44 27.64
C ASN D 449 14.63 36.46 27.65
N TYR D 450 14.26 35.90 26.60
CA TYR D 450 14.25 34.48 26.29
C TYR D 450 15.64 33.92 26.32
N ILE D 451 16.57 34.61 25.67
CA ILE D 451 17.98 34.19 25.68
C ILE D 451 18.49 34.10 27.11
N SER D 452 18.14 35.11 27.91
CA SER D 452 18.55 35.18 29.32
C SER D 452 17.93 34.04 30.13
N GLU D 453 16.65 33.76 29.89
CA GLU D 453 15.93 32.67 30.56
C GLU D 453 16.58 31.32 30.32
N LEU D 454 17.03 31.10 29.08
CA LEU D 454 17.69 29.85 28.67
C LEU D 454 19.08 29.67 29.25
N GLU D 455 19.80 30.79 29.42
CA GLU D 455 21.15 30.77 30.00
C GLU D 455 21.11 30.44 31.50
N THR D 456 20.06 30.88 32.17
CA THR D 456 19.87 30.61 33.60
C THR D 456 19.69 29.10 33.83
N ILE D 457 19.06 28.44 32.86
CA ILE D 457 18.81 26.99 32.93
C ILE D 457 20.07 26.16 32.74
N LEU D 458 20.94 26.58 31.82
CA LEU D 458 22.18 25.86 31.55
C LEU D 458 23.26 26.08 32.60
N ALA D 459 23.19 27.21 33.29
CA ALA D 459 24.18 27.56 34.32
C ALA D 459 23.98 26.83 35.66
N ASP D 460 22.87 26.10 35.80
CA ASP D 460 22.57 25.38 37.04
C ASP D 460 21.89 24.03 36.80
N GLU D 461 22.60 22.95 37.14
CA GLU D 461 22.10 21.58 36.99
C GLU D 461 20.78 21.32 37.74
N GLU D 462 20.63 21.93 38.91
CA GLU D 462 19.44 21.77 39.75
C GLU D 462 18.20 22.40 39.10
N VAL D 463 18.39 23.53 38.43
CA VAL D 463 17.31 24.23 37.76
C VAL D 463 16.80 23.39 36.58
N LEU D 464 17.75 22.77 35.88
CA LEU D 464 17.46 21.88 34.76
C LEU D 464 16.64 20.69 35.22
N LEU D 465 17.09 20.05 36.32
CA LEU D 465 16.41 18.89 36.88
C LEU D 465 15.00 19.25 37.34
N GLN D 466 14.86 20.45 37.90
CA GLN D 466 13.56 20.92 38.36
C GLN D 466 12.60 21.12 37.18
N LEU D 467 13.15 21.56 36.05
CA LEU D 467 12.35 21.75 34.83
C LEU D 467 11.88 20.39 34.30
N VAL D 468 12.75 19.39 34.37
CA VAL D 468 12.40 18.03 33.99
C VAL D 468 11.22 17.56 34.88
N ARG D 469 11.31 17.84 36.18
CA ARG D 469 10.27 17.50 37.14
C ARG D 469 8.95 18.21 36.81
N ASP D 470 9.03 19.53 36.60
CA ASP D 470 7.85 20.34 36.28
C ASP D 470 7.15 19.91 34.99
N GLU D 471 7.93 19.52 33.98
CA GLU D 471 7.38 19.08 32.70
C GLU D 471 6.77 17.68 32.80
N LEU D 472 7.39 16.79 33.58
CA LEU D 472 6.84 15.46 33.84
C LEU D 472 5.54 15.56 34.66
N THR D 473 5.55 16.48 35.63
CA THR D 473 4.41 16.75 36.49
C THR D 473 3.21 17.27 35.70
N GLU D 474 3.50 18.06 34.66
CA GLU D 474 2.46 18.63 33.80
C GLU D 474 1.74 17.52 33.01
N ILE D 475 2.52 16.58 32.49
CA ILE D 475 2.00 15.44 31.74
C ILE D 475 1.20 14.50 32.66
N ARG D 476 1.68 14.32 33.88
CA ARG D 476 0.99 13.47 34.86
C ARG D 476 -0.42 13.97 35.11
N ASP D 477 -0.56 15.28 35.26
CA ASP D 477 -1.87 15.89 35.52
C ASP D 477 -2.84 15.80 34.34
N ARG D 478 -2.32 15.96 33.14
CA ARG D 478 -3.11 15.90 31.91
C ARG D 478 -3.41 14.49 31.40
N PHE D 479 -2.43 13.60 31.42
CA PHE D 479 -2.64 12.24 30.93
C PHE D 479 -2.76 11.18 32.01
N GLY D 480 -2.50 11.55 33.26
CA GLY D 480 -2.60 10.61 34.36
C GLY D 480 -4.04 10.20 34.60
N ASP D 481 -4.23 8.93 34.93
CA ASP D 481 -5.57 8.43 35.19
C ASP D 481 -5.60 7.48 36.37
N ASP D 482 -6.77 6.91 36.64
CA ASP D 482 -6.94 6.00 37.74
C ASP D 482 -6.44 4.60 37.43
N ARG D 483 -6.18 3.86 38.50
CA ARG D 483 -5.75 2.47 38.41
C ARG D 483 -6.95 1.62 37.97
N ARG D 484 -6.70 0.67 37.09
CA ARG D 484 -7.75 -0.21 36.58
C ARG D 484 -7.69 -1.60 37.20
N THR D 485 -6.49 -2.16 37.28
CA THR D 485 -6.27 -3.49 37.83
C THR D 485 -6.21 -3.46 39.37
N GLU D 486 -7.06 -4.27 40.00
CA GLU D 486 -7.10 -4.35 41.46
C GLU D 486 -6.08 -5.36 41.98
N ILE D 487 -5.26 -4.93 42.95
CA ILE D 487 -4.26 -5.79 43.58
C ILE D 487 -4.76 -6.24 44.95
N GLN D 488 -5.15 -7.50 45.05
CA GLN D 488 -5.69 -8.08 46.29
C GLN D 488 -4.70 -8.89 47.11
N LEU D 489 -4.87 -8.84 48.42
CA LEU D 489 -4.05 -9.59 49.35
C LEU D 489 -4.41 -11.07 49.37
#